data_4EJX
#
_entry.id   4EJX
#
_cell.length_a   106.249
_cell.length_b   106.249
_cell.length_c   834.619
_cell.angle_alpha   90.00
_cell.angle_beta   90.00
_cell.angle_gamma   120.00
#
_symmetry.space_group_name_H-M   'P 65 2 2'
#
loop_
_entity.id
_entity.type
_entity.pdbx_description
1 polymer Ceruloplasmin
2 polymer 'Myeloperoxidase light chain'
3 polymer 'Myeloperoxidase heavy chain'
4 branched beta-D-mannopyranose-(1-4)-2-acetamido-2-deoxy-beta-D-glucopyranose-(1-4)-2-acetamido-2-deoxy-beta-D-glucopyranose
5 non-polymer 'COPPER (II) ION'
6 non-polymer 2-acetamido-2-deoxy-beta-D-glucopyranose
7 non-polymer 'PROTOPORPHYRIN IX CONTAINING FE'
#
loop_
_entity_poly.entity_id
_entity_poly.type
_entity_poly.pdbx_seq_one_letter_code
_entity_poly.pdbx_strand_id
1 'polypeptide(L)'
;MKILILGIFLFLCSTPAWAKEKHYYIGIIETTWDYASDHGEKKLISVDTEHSNIYLQNGPDRIGRLYKKALYLQYTDETF
RTTIEKPVWLGFLGPIIKAETGDKVYVHLKNLASRPYTFHSHGITYYKEHEGAIYPDNTTDFQRADDKVYPGEQYTYMLL
ATEEQSPGEGDGNCVTRIYHSHIDAPKDIASGLIGPLIICKKDSLDKEKEKHIDREFVVMFSVVDENFSWYLEDNIKTYC
SEPEKVDKDNEDFQQSNRMYSVNGYTFGSLSGLSMCAEDRVKWYLFGMGNEVDVHAAFFHGQALTNKNYRIDTINLFPAT
LFDAYMVAQNPGEWMLSCQNLNHLKAGLQAFFQVQECNKSSSKDNIRGKHVRHYYIAAEEIIWNYAPSGIDIFTKENLTA
PGSDSAVFFEQGTTRIGGSYKKLVYREYTDASFTNRKERGPEEEHLGILGPVIWAEVGDTIRVTFHNKGAYPLSIEPIGV
RFNKNNEGTYYSPNYNPQSRSVPPSASHVAPTETFTYEWTVPKEVGPTNADPVCLAKMYYSAVDPTKDIFTGLIGPMKIC
KKGSLHANGRQKDVDKEFYLFPTVFDENESLLLEDNIRMFTTAPDQVDKEDEDFQESNKMHSMNGFMYGNQPGLTMCKGD
SVVWYLFSAGNEADVHGIYFSGNTYLWRGERRDTANLFPQTSLTLHMWPDTEGTFNVECLTTDHYTGGMKQKYTVNQCRR
QSEDSTFYLGERTYYIAAVEVEWDYSPQREWEKELHHLQEQNVSNAFLDKGEFYIGSKYKKVVYRQYTDSTFRVPVERKA
EEEHLGILGPQLHADVGDKVKIIFKNMATRPYSIHAHGVQTESSTVTPTLPGETLTYVWKIPERSGAGTEDSACIPWAYY
STVDQVKDLYSGLIGPLIVCRRPYLKVFNPRRKLEFALLFLVFDENESWYLDDNIKTYSDHPEKVNKDDEEFIESNKMHA
INGRMFGNLQGLTMHVGDEVNWYLMGMGNEIDLHTVHFHGHSFQYKHRGVYSSDVFDIFPGTYQTLEMFPRTPGIWLLHC
HVTDHIHAGMETTYTVLQNEDTKSG
;
A
2 'polypeptide(L)'
;VTCPEQDKYRTITGMCNNRRSPTLGASNRAFVRWLPAEYEDGFSLPYGWTPGVKRNGFPVALARAVSNEIVRFPTDQLTP
DQERSLMFMQWGQLLDHDLDFTPEPAARASFVTG
;
B
3 'polypeptide(L)'
;VNCETSCVQQPPCFPLKIPPNDPRIKNQADCIPFFRSCPACPGSNITIRNQINALTSFVDASMVYGSEEPLARNLRNMSN
QLGLLAVNQRFQDNGRALLPFDNLHDDPCLLTNRSARIPCFLAGDTRSSEMPELTSMHTLLLREHNRLATELKSLNPRWD
GERLYQEARKIVGAMVQIITYRDYLPLVLGPTAMRKYLPTYRSYNDSVDPRIANVFTNAFRYGHTLIQPFMFRLDNRYQP
MEPNPRVPLSRVFFASWRVVLEGGIDPILRGLMATPAKLNRQNQIAVDEIRERLFEQVMRIGLDLPALNMQRSRDHGLPG
YNAWRRFCGLPQPETVGQLGTVLRNLKLARKLMEQYGTPNNIDIWMGGVSEPLKRKGRVGPLLACIIGTQFRKLRDGDRF
WWENEGVFSMQQRQALAQISLPRIICDNTGITTVSKNNIFMSNSYPRDFVNCSTLPALNLASWREAS
;
D
#
loop_
_chem_comp.id
_chem_comp.type
_chem_comp.name
_chem_comp.formula
BMA D-saccharide, beta linking beta-D-mannopyranose 'C6 H12 O6'
CU non-polymer 'COPPER (II) ION' 'Cu 2'
HEM non-polymer 'PROTOPORPHYRIN IX CONTAINING FE' 'C34 H32 Fe N4 O4'
NAG D-saccharide, beta linking 2-acetamido-2-deoxy-beta-D-glucopyranose 'C8 H15 N O6'
#
# COMPACT_ATOMS: atom_id res chain seq x y z
N LYS A 20 29.13 8.65 20.10
CA LYS A 20 29.77 7.70 21.04
C LYS A 20 30.51 6.60 20.29
N GLU A 21 31.75 6.36 20.70
CA GLU A 21 32.47 5.16 20.28
C GLU A 21 32.18 4.10 21.34
N LYS A 22 31.42 3.09 20.95
CA LYS A 22 30.97 2.05 21.87
C LYS A 22 31.82 0.80 21.72
N HIS A 23 32.38 0.33 22.83
CA HIS A 23 33.25 -0.85 22.84
C HIS A 23 32.75 -1.90 23.85
N TYR A 24 31.98 -2.87 23.34
CA TYR A 24 31.56 -4.04 24.11
C TYR A 24 32.57 -5.15 23.82
N TYR A 25 32.70 -6.10 24.74
CA TYR A 25 33.69 -7.16 24.60
C TYR A 25 33.03 -8.54 24.62
N ILE A 26 32.56 -8.97 23.46
CA ILE A 26 31.77 -10.20 23.35
C ILE A 26 32.66 -11.44 23.46
N GLY A 27 32.13 -12.48 24.11
CA GLY A 27 32.86 -13.73 24.32
C GLY A 27 31.97 -14.96 24.22
N ILE A 28 32.37 -15.88 23.35
CA ILE A 28 31.63 -17.13 23.16
C ILE A 28 32.21 -18.24 24.05
N ILE A 29 31.39 -18.73 24.98
CA ILE A 29 31.78 -19.87 25.81
C ILE A 29 30.89 -21.08 25.51
N GLU A 30 31.14 -22.17 26.23
CA GLU A 30 30.34 -23.39 26.08
C GLU A 30 29.84 -23.89 27.44
N THR A 31 28.68 -23.38 27.86
CA THR A 31 28.13 -23.65 29.19
C THR A 31 26.87 -24.52 29.16
N THR A 32 26.58 -25.17 30.29
CA THR A 32 25.39 -26.00 30.43
C THR A 32 24.15 -25.14 30.69
N TRP A 33 23.19 -25.22 29.77
CA TRP A 33 21.98 -24.39 29.84
C TRP A 33 20.73 -25.18 30.21
N ASP A 34 19.95 -24.60 31.12
CA ASP A 34 18.70 -25.18 31.60
C ASP A 34 17.51 -24.56 30.85
N TYR A 35 16.80 -25.39 30.09
CA TYR A 35 15.67 -24.93 29.29
C TYR A 35 14.45 -24.53 30.12
N ALA A 36 14.12 -25.32 31.13
CA ALA A 36 13.07 -24.99 32.08
C ALA A 36 13.61 -25.06 33.50
N SER A 37 14.05 -23.90 34.01
CA SER A 37 14.76 -23.83 35.29
C SER A 37 13.83 -23.90 36.51
N ASP A 38 12.79 -24.72 36.39
CA ASP A 38 11.78 -24.93 37.45
C ASP A 38 11.21 -23.58 37.98
N HIS A 39 11.16 -23.32 39.29
CA HIS A 39 11.49 -24.24 40.38
C HIS A 39 10.25 -24.71 41.14
N GLY A 40 9.07 -24.32 40.65
CA GLY A 40 7.81 -24.80 41.18
C GLY A 40 6.77 -23.71 41.41
N GLU A 41 5.51 -23.98 41.08
CA GLU A 41 5.03 -25.21 40.41
C GLU A 41 3.85 -24.83 39.51
N LYS A 42 3.93 -25.18 38.23
CA LYS A 42 3.06 -24.56 37.22
C LYS A 42 1.97 -25.44 36.60
N LYS A 43 0.82 -24.81 36.35
CA LYS A 43 -0.24 -25.32 35.50
C LYS A 43 -0.40 -24.36 34.32
N LEU A 44 -0.31 -24.89 33.10
CA LEU A 44 -0.29 -24.06 31.90
C LEU A 44 -1.52 -24.28 31.03
N ILE A 45 -1.72 -23.39 30.05
CA ILE A 45 -2.87 -23.42 29.14
C ILE A 45 -2.82 -24.63 28.21
N SER A 46 -3.75 -25.57 28.41
CA SER A 46 -3.85 -26.83 27.67
C SER A 46 -2.76 -27.85 28.02
N VAL A 47 -1.77 -27.42 28.79
CA VAL A 47 -0.71 -28.30 29.25
C VAL A 47 -1.23 -29.19 30.36
N ASP A 48 -1.00 -30.48 30.25
CA ASP A 48 -1.53 -31.44 31.21
C ASP A 48 -0.49 -32.02 32.15
N THR A 49 0.29 -31.15 32.79
CA THR A 49 1.23 -31.64 33.79
C THR A 49 2.20 -32.69 33.26
N GLU A 50 1.72 -33.92 33.15
CA GLU A 50 2.57 -35.05 32.78
C GLU A 50 2.91 -35.00 31.27
N HIS A 51 3.37 -33.86 30.78
CA HIS A 51 3.60 -33.66 29.34
C HIS A 51 4.91 -32.91 29.10
N SER A 52 5.31 -32.12 29.98
CA SER A 52 6.63 -31.47 30.03
C SER A 52 7.75 -32.48 29.83
N ASN A 53 7.61 -33.64 30.47
CA ASN A 53 8.60 -34.73 30.38
C ASN A 53 8.83 -35.28 28.98
N ILE A 54 8.01 -34.85 28.02
CA ILE A 54 8.17 -35.18 26.60
C ILE A 54 9.46 -34.54 26.06
N TYR A 55 9.84 -33.41 26.64
CA TYR A 55 10.96 -32.61 26.14
C TYR A 55 12.05 -32.37 27.18
N LEU A 56 11.72 -32.55 28.45
CA LEU A 56 12.63 -32.18 29.54
C LEU A 56 13.15 -33.34 30.38
N GLN A 57 12.42 -34.44 30.39
CA GLN A 57 12.83 -35.61 31.18
C GLN A 57 14.05 -36.31 30.58
N ASN A 58 14.96 -36.70 31.46
CA ASN A 58 16.18 -37.40 31.08
C ASN A 58 16.09 -38.90 31.38
N GLY A 59 16.45 -39.70 30.39
CA GLY A 59 16.50 -41.14 30.54
C GLY A 59 17.67 -41.71 29.75
N PRO A 60 17.58 -43.00 29.37
CA PRO A 60 18.60 -43.63 28.54
C PRO A 60 18.30 -43.49 27.03
N ASP A 61 17.39 -42.59 26.70
CA ASP A 61 16.99 -42.36 25.31
C ASP A 61 16.76 -40.86 25.02
N ARG A 62 16.30 -40.12 26.03
CA ARG A 62 16.08 -38.68 25.92
C ARG A 62 17.25 -37.92 26.53
N ILE A 63 17.59 -36.79 25.93
CA ILE A 63 18.76 -36.02 26.36
C ILE A 63 18.46 -35.17 27.61
N GLY A 64 17.23 -34.69 27.74
CA GLY A 64 16.79 -34.00 28.95
C GLY A 64 16.51 -32.51 28.83
N ARG A 65 16.71 -31.79 29.94
CA ARG A 65 16.42 -30.37 30.01
C ARG A 65 17.68 -29.51 29.96
N LEU A 66 18.80 -30.07 30.41
CA LEU A 66 20.09 -29.41 30.35
C LEU A 66 20.76 -29.72 29.02
N TYR A 67 21.34 -28.69 28.39
CA TYR A 67 22.05 -28.86 27.12
C TYR A 67 23.29 -28.01 27.08
N LYS A 68 24.42 -28.64 26.75
CA LYS A 68 25.67 -27.91 26.56
C LYS A 68 25.58 -27.16 25.23
N LYS A 69 25.62 -25.82 25.33
CA LYS A 69 25.35 -24.95 24.19
C LYS A 69 26.35 -23.79 24.11
N ALA A 70 26.58 -23.31 22.89
CA ALA A 70 27.41 -22.12 22.68
C ALA A 70 26.60 -20.87 23.04
N LEU A 71 27.24 -19.93 23.73
CA LEU A 71 26.57 -18.72 24.22
C LEU A 71 27.41 -17.43 24.09
N TYR A 72 26.74 -16.34 23.74
CA TYR A 72 27.35 -15.00 23.72
C TYR A 72 27.30 -14.37 25.11
N LEU A 73 28.45 -13.90 25.58
CA LEU A 73 28.56 -13.20 26.87
C LEU A 73 29.31 -11.88 26.77
N GLN A 74 28.87 -10.90 27.56
CA GLN A 74 29.52 -9.59 27.63
C GLN A 74 30.61 -9.55 28.69
N TYR A 75 31.68 -8.83 28.39
CA TYR A 75 32.83 -8.68 29.30
C TYR A 75 33.22 -7.20 29.44
N THR A 76 33.85 -6.88 30.56
CA THR A 76 34.24 -5.52 30.87
C THR A 76 35.54 -5.09 30.17
N ASP A 77 36.46 -6.04 30.01
CA ASP A 77 37.83 -5.72 29.63
C ASP A 77 38.26 -6.41 28.33
N GLU A 78 39.27 -5.84 27.66
CA GLU A 78 39.94 -6.50 26.53
C GLU A 78 40.51 -7.82 27.03
N THR A 79 40.83 -7.87 28.31
CA THR A 79 41.22 -9.09 29.01
C THR A 79 39.96 -9.76 29.55
N PHE A 80 39.57 -10.87 28.94
CA PHE A 80 38.32 -11.56 29.26
C PHE A 80 38.45 -12.44 30.50
N ARG A 81 38.10 -11.87 31.65
CA ARG A 81 38.24 -12.54 32.95
C ARG A 81 37.00 -12.40 33.84
N THR A 82 36.28 -11.29 33.69
CA THR A 82 35.02 -11.08 34.43
C THR A 82 33.90 -10.71 33.48
N THR A 83 32.78 -11.41 33.61
CA THR A 83 31.63 -11.23 32.72
C THR A 83 30.67 -10.16 33.23
N ILE A 84 29.90 -9.59 32.31
CA ILE A 84 28.81 -8.67 32.66
C ILE A 84 27.53 -9.48 32.85
N GLU A 85 27.17 -9.22 34.05
CA GLU A 85 25.96 -10.03 34.14
C GLU A 85 24.88 -9.44 33.24
N LYS A 86 24.29 -10.78 32.66
CA LYS A 86 23.18 -10.66 31.72
C LYS A 86 21.83 -10.69 32.43
N PRO A 87 20.89 -9.81 32.01
CA PRO A 87 19.50 -9.88 32.47
C PRO A 87 18.95 -11.31 32.38
N VAL A 88 18.33 -11.77 33.46
CA VAL A 88 17.93 -13.17 33.56
C VAL A 88 16.73 -13.53 32.67
N TRP A 89 15.96 -12.53 32.25
CA TRP A 89 14.90 -12.73 31.26
C TRP A 89 15.46 -12.84 29.85
N LEU A 90 16.68 -12.34 29.65
CA LEU A 90 17.36 -12.44 28.36
C LEU A 90 17.70 -13.87 27.97
N GLY A 91 17.81 -14.74 28.97
CA GLY A 91 18.09 -16.15 28.73
C GLY A 91 19.47 -16.40 28.16
N PHE A 92 19.53 -17.25 27.13
CA PHE A 92 20.81 -17.66 26.52
C PHE A 92 21.29 -16.71 25.44
N LEU A 93 20.55 -15.63 25.22
CA LEU A 93 20.87 -14.66 24.17
C LEU A 93 22.13 -13.87 24.49
N GLY A 94 22.78 -13.37 23.44
CA GLY A 94 23.95 -12.52 23.60
C GLY A 94 23.59 -11.18 24.20
N PRO A 95 24.57 -10.51 24.83
CA PRO A 95 24.45 -9.21 25.50
C PRO A 95 23.73 -8.12 24.69
N ILE A 96 23.06 -7.22 25.40
CA ILE A 96 22.30 -6.14 24.77
C ILE A 96 23.22 -5.16 24.06
N ILE A 97 23.18 -5.18 22.72
CA ILE A 97 23.94 -4.23 21.91
C ILE A 97 23.01 -3.15 21.35
N LYS A 98 23.37 -1.90 21.62
CA LYS A 98 22.63 -0.74 21.10
C LYS A 98 23.57 0.17 20.31
N ALA A 99 23.04 0.78 19.25
CA ALA A 99 23.82 1.65 18.38
C ALA A 99 22.98 2.83 17.90
N GLU A 100 23.52 4.04 18.07
CA GLU A 100 22.83 5.26 17.61
C GLU A 100 23.36 5.77 16.26
N THR A 101 22.54 6.59 15.59
CA THR A 101 22.84 7.10 14.26
C THR A 101 24.17 7.86 14.22
N GLY A 102 25.20 7.20 13.69
CA GLY A 102 26.53 7.80 13.58
C GLY A 102 27.54 7.33 14.62
N ASP A 103 27.10 6.45 15.52
CA ASP A 103 27.98 5.85 16.53
C ASP A 103 28.85 4.76 15.91
N LYS A 104 30.15 4.86 16.14
CA LYS A 104 31.10 3.86 15.64
C LYS A 104 31.26 2.75 16.67
N VAL A 105 30.35 1.77 16.63
CA VAL A 105 30.32 0.69 17.62
C VAL A 105 31.30 -0.43 17.29
N TYR A 106 32.26 -0.65 18.17
CA TYR A 106 33.24 -1.72 18.03
C TYR A 106 32.77 -2.98 18.75
N VAL A 107 33.22 -4.12 18.25
CA VAL A 107 32.88 -5.42 18.85
C VAL A 107 34.12 -6.29 19.00
N HIS A 108 34.51 -6.55 20.25
CA HIS A 108 35.67 -7.37 20.57
C HIS A 108 35.22 -8.80 20.88
N LEU A 109 35.24 -9.65 19.86
CA LEU A 109 34.82 -11.03 20.02
C LEU A 109 35.98 -11.95 20.37
N LYS A 110 35.77 -12.80 21.36
CA LYS A 110 36.73 -13.81 21.74
C LYS A 110 36.05 -15.17 21.73
N ASN A 111 36.81 -16.21 21.39
CA ASN A 111 36.26 -17.55 21.24
C ASN A 111 36.98 -18.60 22.09
N LEU A 112 36.52 -18.74 23.34
CA LEU A 112 37.02 -19.81 24.22
C LEU A 112 36.43 -21.17 23.84
N ALA A 113 35.41 -21.15 22.98
CA ALA A 113 34.74 -22.35 22.49
C ALA A 113 35.66 -23.23 21.63
N SER A 114 35.28 -24.51 21.47
CA SER A 114 36.15 -25.51 20.81
C SER A 114 36.07 -25.51 19.28
N ARG A 115 35.27 -24.60 18.71
CA ARG A 115 35.09 -24.52 17.26
C ARG A 115 34.97 -23.07 16.75
N PRO A 116 35.34 -22.82 15.47
CA PRO A 116 35.29 -21.45 14.98
C PRO A 116 33.87 -20.95 14.85
N TYR A 117 33.63 -19.75 15.39
CA TYR A 117 32.35 -19.06 15.27
C TYR A 117 32.57 -17.68 14.66
N THR A 118 31.61 -16.77 14.86
CA THR A 118 31.69 -15.41 14.34
C THR A 118 30.73 -14.44 15.04
N PHE A 119 30.80 -13.18 14.61
CA PHE A 119 29.81 -12.15 14.93
C PHE A 119 29.31 -11.57 13.61
N HIS A 120 28.06 -11.86 13.27
CA HIS A 120 27.42 -11.25 12.11
C HIS A 120 26.18 -10.49 12.56
N SER A 121 26.12 -9.22 12.18
CA SER A 121 25.04 -8.35 12.66
C SER A 121 24.13 -7.85 11.54
N HIS A 122 22.86 -7.66 11.89
CA HIS A 122 21.83 -7.18 10.99
C HIS A 122 21.70 -5.68 11.09
N GLY A 123 21.37 -5.02 9.98
CA GLY A 123 20.98 -3.60 9.97
C GLY A 123 22.01 -2.59 10.48
N ILE A 124 23.29 -2.96 10.42
CA ILE A 124 24.39 -2.06 10.75
C ILE A 124 25.45 -2.18 9.66
N THR A 125 25.95 -1.04 9.20
CA THR A 125 26.93 -1.01 8.11
C THR A 125 28.25 -1.63 8.56
N TYR A 126 28.85 -2.41 7.67
CA TYR A 126 30.17 -2.97 7.88
C TYR A 126 30.93 -3.10 6.58
N TYR A 127 32.26 -3.06 6.68
CA TYR A 127 33.13 -3.45 5.58
C TYR A 127 33.23 -4.98 5.56
N LYS A 128 33.70 -5.53 4.45
CA LYS A 128 33.88 -6.98 4.32
C LYS A 128 34.87 -7.50 5.36
N GLU A 129 35.74 -6.61 5.83
CA GLU A 129 36.69 -6.91 6.89
C GLU A 129 36.00 -7.07 8.24
N HIS A 130 34.71 -6.75 8.30
CA HIS A 130 33.95 -6.78 9.55
C HIS A 130 32.49 -7.27 9.38
N GLU A 131 32.26 -8.12 8.39
CA GLU A 131 30.92 -8.68 8.18
C GLU A 131 30.64 -9.82 9.15
N GLY A 132 31.57 -10.77 9.22
CA GLY A 132 31.43 -11.93 10.10
C GLY A 132 30.48 -12.97 9.54
N ALA A 133 30.32 -12.99 8.23
CA ALA A 133 29.48 -13.98 7.55
C ALA A 133 30.27 -14.60 6.41
N ILE A 134 30.56 -15.89 6.53
CA ILE A 134 31.37 -16.57 5.52
C ILE A 134 30.53 -17.13 4.38
N TYR A 135 30.98 -16.84 3.16
CA TYR A 135 30.37 -17.30 1.91
C TYR A 135 31.24 -16.75 0.77
N PRO A 136 31.20 -17.42 -0.39
CA PRO A 136 31.99 -16.98 -1.54
C PRO A 136 31.81 -15.49 -1.80
N ASP A 137 32.92 -14.77 -1.94
CA ASP A 137 32.87 -13.33 -2.19
C ASP A 137 34.24 -12.81 -2.62
N ASN A 138 34.76 -13.34 -3.73
CA ASN A 138 36.06 -12.93 -4.24
C ASN A 138 36.72 -11.88 -3.36
N THR A 139 37.24 -12.31 -2.21
CA THR A 139 37.90 -11.41 -1.28
C THR A 139 39.21 -12.01 -0.76
N THR A 140 40.18 -11.14 -0.51
CA THR A 140 41.49 -11.59 -0.01
C THR A 140 41.37 -12.20 1.38
N ASP A 141 42.50 -12.41 2.03
CA ASP A 141 42.53 -12.99 3.37
C ASP A 141 42.13 -11.95 4.42
N PHE A 142 42.78 -10.79 4.38
CA PHE A 142 42.50 -9.73 5.33
C PHE A 142 40.99 -9.53 5.52
N GLN A 143 40.24 -9.76 4.44
CA GLN A 143 38.78 -9.61 4.49
C GLN A 143 38.08 -10.97 4.70
N ARG A 144 38.87 -11.95 5.14
CA ARG A 144 38.41 -13.32 5.46
C ARG A 144 38.81 -13.75 6.87
N ALA A 145 39.52 -12.85 7.56
CA ALA A 145 39.93 -13.04 8.94
C ALA A 145 38.75 -12.87 9.88
N ASP A 146 37.86 -11.93 9.55
CA ASP A 146 36.61 -11.73 10.28
C ASP A 146 35.66 -12.91 10.10
N ASP A 147 35.76 -13.56 8.94
CA ASP A 147 34.89 -14.66 8.57
C ASP A 147 35.26 -15.96 9.29
N LYS A 148 36.49 -16.03 9.78
CA LYS A 148 36.93 -17.21 10.51
C LYS A 148 37.63 -16.84 11.81
N VAL A 149 36.92 -17.00 12.92
CA VAL A 149 37.47 -16.79 14.26
C VAL A 149 37.50 -18.12 15.01
N TYR A 150 38.65 -18.80 14.95
CA TYR A 150 38.87 -20.08 15.60
C TYR A 150 38.86 -19.96 17.14
N PRO A 151 38.97 -21.11 17.85
CA PRO A 151 39.29 -21.09 19.29
C PRO A 151 40.57 -20.31 19.60
N GLY A 152 40.55 -19.53 20.68
CA GLY A 152 41.71 -18.78 21.13
C GLY A 152 42.10 -17.64 20.19
N GLU A 153 41.08 -16.95 19.68
CA GLU A 153 41.28 -15.83 18.77
C GLU A 153 40.45 -14.62 19.18
N GLN A 154 40.86 -13.46 18.69
CA GLN A 154 40.21 -12.20 19.03
C GLN A 154 40.11 -11.31 17.79
N TYR A 155 38.93 -10.73 17.59
CA TYR A 155 38.70 -9.86 16.44
C TYR A 155 37.91 -8.61 16.82
N THR A 156 38.26 -7.50 16.17
CA THR A 156 37.65 -6.21 16.43
C THR A 156 36.76 -5.78 15.26
N TYR A 157 35.45 -5.85 15.48
CA TYR A 157 34.46 -5.61 14.42
C TYR A 157 33.97 -4.16 14.39
N MET A 158 34.54 -3.39 13.48
CA MET A 158 34.23 -1.96 13.33
C MET A 158 32.89 -1.78 12.61
N LEU A 159 31.86 -1.42 13.37
CA LEU A 159 30.51 -1.21 12.81
C LEU A 159 30.15 0.27 12.79
N LEU A 160 29.11 0.62 12.02
CA LEU A 160 28.61 1.99 11.93
C LEU A 160 27.12 2.04 11.57
N ALA A 161 26.35 2.79 12.36
CA ALA A 161 24.91 2.97 12.11
C ALA A 161 24.66 4.20 11.26
N THR A 162 24.40 3.97 9.98
CA THR A 162 24.27 5.05 8.99
C THR A 162 22.85 5.59 8.86
N GLU A 163 22.67 6.54 7.95
CA GLU A 163 21.37 7.17 7.68
C GLU A 163 20.45 6.24 6.90
N GLU A 164 21.07 5.31 6.17
CA GLU A 164 20.36 4.26 5.47
C GLU A 164 19.86 3.18 6.45
N GLN A 165 20.66 2.93 7.50
CA GLN A 165 20.44 1.84 8.47
C GLN A 165 19.51 2.19 9.65
N SER A 166 19.57 3.44 10.11
CA SER A 166 18.77 3.92 11.24
C SER A 166 17.27 3.78 11.00
N PRO A 167 16.46 3.82 12.08
CA PRO A 167 15.00 3.71 11.98
C PRO A 167 14.41 4.66 10.95
N GLY A 168 13.35 4.23 10.26
CA GLY A 168 12.67 5.09 9.32
C GLY A 168 11.78 6.12 9.99
N GLU A 169 11.27 7.06 9.20
CA GLU A 169 10.37 8.12 9.68
C GLU A 169 9.18 7.57 10.48
N GLY A 170 8.50 6.58 9.91
CA GLY A 170 7.31 5.99 10.51
C GLY A 170 7.58 5.06 11.69
N ASP A 171 8.80 4.55 11.76
CA ASP A 171 9.25 3.78 12.91
C ASP A 171 9.28 4.68 14.14
N GLY A 172 9.64 4.10 15.28
CA GLY A 172 9.83 4.87 16.49
C GLY A 172 11.28 5.27 16.67
N ASN A 173 11.67 5.50 17.93
CA ASN A 173 13.02 5.86 18.27
C ASN A 173 13.97 4.67 18.13
N CYS A 174 13.52 3.51 18.61
CA CYS A 174 14.29 2.26 18.52
C CYS A 174 13.58 1.19 17.70
N VAL A 175 14.37 0.40 16.97
CA VAL A 175 13.87 -0.74 16.21
C VAL A 175 14.64 -2.02 16.52
N THR A 176 14.04 -3.17 16.20
CA THR A 176 14.59 -4.48 16.52
C THR A 176 15.59 -4.97 15.48
N ARG A 177 16.76 -5.42 15.96
CA ARG A 177 17.79 -6.05 15.12
C ARG A 177 18.43 -7.21 15.87
N ILE A 178 19.27 -7.97 15.18
CA ILE A 178 19.92 -9.16 15.76
C ILE A 178 21.39 -9.31 15.36
N TYR A 179 22.07 -10.27 15.99
CA TYR A 179 23.42 -10.68 15.62
C TYR A 179 23.67 -12.13 16.03
N HIS A 180 24.44 -12.85 15.22
CA HIS A 180 24.73 -14.27 15.46
C HIS A 180 25.94 -14.76 14.68
N SER A 181 26.43 -15.94 15.03
CA SER A 181 27.58 -16.54 14.34
C SER A 181 27.17 -17.08 12.96
N HIS A 182 28.05 -16.89 11.98
CA HIS A 182 27.70 -17.14 10.57
C HIS A 182 28.74 -17.94 9.77
N ILE A 183 28.95 -19.19 10.16
CA ILE A 183 29.64 -20.18 9.32
C ILE A 183 28.59 -21.01 8.56
N ASP A 184 27.75 -21.72 9.31
CA ASP A 184 26.53 -22.32 8.76
C ASP A 184 25.33 -21.76 9.53
N ALA A 185 24.87 -20.60 9.06
CA ALA A 185 23.81 -19.84 9.70
C ALA A 185 23.10 -20.55 10.83
N PRO A 186 22.14 -21.39 10.48
CA PRO A 186 21.23 -21.98 11.46
C PRO A 186 21.86 -22.90 12.51
N LYS A 187 22.89 -23.65 12.14
CA LYS A 187 23.51 -24.61 13.05
C LYS A 187 24.24 -23.98 14.25
N ASP A 188 24.68 -22.73 14.10
CA ASP A 188 25.25 -21.95 15.19
C ASP A 188 24.14 -21.36 16.07
N ILE A 189 23.07 -20.93 15.43
CA ILE A 189 21.90 -20.37 16.12
C ILE A 189 21.22 -21.43 16.98
N ALA A 190 21.07 -22.62 16.40
CA ALA A 190 20.53 -23.77 17.11
C ALA A 190 21.47 -24.24 18.23
N SER A 191 22.76 -23.94 18.08
CA SER A 191 23.73 -24.17 19.13
C SER A 191 23.68 -23.07 20.19
N GLY A 192 22.94 -22.01 19.88
CA GLY A 192 22.65 -20.96 20.87
C GLY A 192 23.15 -19.58 20.55
N LEU A 193 24.10 -19.47 19.62
CA LEU A 193 24.73 -18.18 19.30
C LEU A 193 23.81 -17.23 18.55
N ILE A 194 23.02 -16.48 19.31
CA ILE A 194 22.07 -15.51 18.79
C ILE A 194 21.87 -14.39 19.82
N GLY A 195 22.14 -13.15 19.41
CA GLY A 195 22.02 -11.99 20.28
C GLY A 195 21.36 -10.82 19.59
N PRO A 196 20.54 -10.03 20.32
CA PRO A 196 19.82 -8.92 19.73
C PRO A 196 20.62 -7.62 19.67
N LEU A 197 20.44 -6.86 18.60
CA LEU A 197 20.93 -5.49 18.53
C LEU A 197 19.74 -4.56 18.56
N ILE A 198 19.87 -3.43 19.23
CA ILE A 198 18.81 -2.42 19.23
C ILE A 198 19.27 -1.14 18.53
N ILE A 199 19.00 -1.07 17.23
CA ILE A 199 19.29 0.11 16.42
C ILE A 199 18.25 1.19 16.74
N CYS A 200 18.74 2.41 16.99
CA CYS A 200 17.90 3.54 17.39
C CYS A 200 18.37 4.85 16.76
N LYS A 201 17.57 5.91 16.88
CA LYS A 201 17.93 7.22 16.31
C LYS A 201 19.05 7.88 17.10
N LYS A 202 19.53 9.04 16.61
CA LYS A 202 20.75 9.67 17.14
C LYS A 202 20.69 10.10 18.62
N ASP A 203 19.55 10.62 19.07
CA ASP A 203 19.43 11.09 20.47
C ASP A 203 18.12 10.69 21.14
N SER A 204 17.85 9.38 21.13
CA SER A 204 16.66 8.81 21.73
C SER A 204 17.02 8.11 23.04
N LEU A 205 18.31 8.09 23.36
CA LEU A 205 18.81 7.33 24.51
C LEU A 205 19.53 8.20 25.53
N ASP A 206 19.35 7.86 26.80
CA ASP A 206 20.15 8.41 27.89
C ASP A 206 20.46 7.31 28.89
N LYS A 207 21.74 7.19 29.24
CA LYS A 207 22.25 6.11 30.10
C LYS A 207 21.93 4.73 29.49
N GLU A 208 22.13 4.63 28.17
CA GLU A 208 21.80 3.42 27.38
C GLU A 208 20.33 3.00 27.48
N LYS A 209 19.48 3.95 27.88
CA LYS A 209 18.06 3.71 28.08
C LYS A 209 17.24 4.71 27.26
N GLU A 210 16.34 4.20 26.44
CA GLU A 210 15.53 5.01 25.53
C GLU A 210 14.80 6.14 26.25
N LYS A 211 14.84 7.33 25.66
CA LYS A 211 14.19 8.51 26.23
C LYS A 211 12.68 8.32 26.27
N HIS A 212 12.13 8.55 27.46
CA HIS A 212 10.69 8.42 27.75
C HIS A 212 10.18 6.98 27.60
N ILE A 213 10.96 6.04 28.13
CA ILE A 213 10.61 4.63 28.20
C ILE A 213 10.95 4.09 29.59
N ASP A 214 9.96 3.50 30.26
CA ASP A 214 10.12 3.00 31.63
C ASP A 214 10.92 1.70 31.70
N ARG A 215 10.55 0.73 30.85
CA ARG A 215 11.23 -0.57 30.81
C ARG A 215 11.44 -1.08 29.40
N GLU A 216 12.53 -1.82 29.21
CA GLU A 216 12.88 -2.37 27.89
C GLU A 216 13.18 -3.87 28.00
N PHE A 217 12.34 -4.67 27.35
CA PHE A 217 12.49 -6.13 27.39
C PHE A 217 12.62 -6.73 26.01
N VAL A 218 13.59 -7.63 25.87
CA VAL A 218 13.83 -8.37 24.64
C VAL A 218 13.13 -9.73 24.73
N VAL A 219 12.42 -10.08 23.66
CA VAL A 219 11.65 -11.33 23.60
C VAL A 219 11.90 -12.07 22.28
N MET A 220 12.45 -13.28 22.40
CA MET A 220 12.75 -14.11 21.24
C MET A 220 12.03 -15.45 21.29
N PHE A 221 11.00 -15.58 20.44
CA PHE A 221 10.29 -16.85 20.29
C PHE A 221 11.04 -17.73 19.29
N SER A 222 11.50 -18.89 19.76
CA SER A 222 12.24 -19.82 18.90
C SER A 222 12.15 -21.26 19.39
N VAL A 223 11.60 -22.13 18.56
CA VAL A 223 11.59 -23.57 18.84
C VAL A 223 12.98 -24.10 18.52
N VAL A 224 13.94 -23.66 19.34
CA VAL A 224 15.35 -23.97 19.11
C VAL A 224 15.52 -25.48 18.99
N ASP A 225 15.93 -25.91 17.80
CA ASP A 225 16.05 -27.31 17.48
C ASP A 225 17.46 -27.78 17.80
N GLU A 226 17.59 -28.55 18.87
CA GLU A 226 18.90 -29.06 19.30
C GLU A 226 19.45 -30.17 18.40
N ASN A 227 18.59 -30.74 17.54
CA ASN A 227 19.01 -31.72 16.54
C ASN A 227 19.86 -31.07 15.43
N PHE A 228 19.77 -29.75 15.32
CA PHE A 228 20.54 -28.97 14.37
C PHE A 228 21.76 -28.29 15.02
N SER A 229 22.10 -28.71 16.25
CA SER A 229 23.23 -28.14 17.00
C SER A 229 24.47 -29.01 16.87
N TRP A 230 25.64 -28.36 16.76
CA TRP A 230 26.91 -29.05 16.62
C TRP A 230 27.16 -29.99 17.80
N TYR A 231 27.00 -29.44 19.00
CA TYR A 231 27.24 -30.15 20.26
C TYR A 231 26.25 -31.28 20.52
N LEU A 232 25.16 -31.33 19.74
CA LEU A 232 24.17 -32.39 19.88
C LEU A 232 24.86 -33.74 20.07
N GLU A 233 25.94 -33.95 19.31
CA GLU A 233 26.72 -35.17 19.37
C GLU A 233 27.37 -35.37 20.75
N ASP A 234 27.96 -34.31 21.28
CA ASP A 234 28.60 -34.35 22.60
C ASP A 234 27.60 -34.15 23.75
N ASN A 235 26.37 -33.76 23.40
CA ASN A 235 25.27 -33.68 24.34
C ASN A 235 24.74 -35.07 24.71
N ILE A 236 24.87 -36.01 23.77
CA ILE A 236 24.33 -37.37 23.97
C ILE A 236 25.26 -38.27 24.81
N LYS A 237 26.58 -38.11 24.68
CA LYS A 237 27.55 -38.93 25.41
C LYS A 237 27.42 -38.84 26.93
N THR A 238 26.92 -37.69 27.41
CA THR A 238 26.88 -37.38 28.84
C THR A 238 25.57 -37.78 29.52
N TYR A 239 24.46 -37.23 29.03
CA TYR A 239 23.17 -37.30 29.73
C TYR A 239 22.34 -38.56 29.44
N CYS A 240 22.47 -39.11 28.23
CA CYS A 240 21.77 -40.34 27.86
C CYS A 240 22.51 -41.56 28.42
N SER A 241 21.81 -42.38 29.21
CA SER A 241 22.41 -43.55 29.87
C SER A 241 22.86 -44.65 28.88
N GLU A 242 22.34 -44.61 27.66
CA GLU A 242 22.73 -45.55 26.62
C GLU A 242 22.93 -44.86 25.26
N PRO A 243 24.21 -44.54 24.92
CA PRO A 243 24.60 -43.90 23.65
C PRO A 243 24.80 -44.89 22.49
N GLU A 244 24.17 -46.06 22.58
CA GLU A 244 24.20 -47.06 21.51
C GLU A 244 22.79 -47.54 21.11
N LYS A 245 21.80 -47.10 21.88
CA LYS A 245 20.41 -47.50 21.70
C LYS A 245 19.59 -46.37 21.04
N VAL A 246 20.30 -45.36 20.55
CA VAL A 246 19.69 -44.13 20.04
C VAL A 246 19.98 -43.87 18.55
N ASP A 247 18.91 -43.73 17.77
CA ASP A 247 19.00 -43.29 16.39
C ASP A 247 18.66 -41.81 16.31
N LYS A 248 19.40 -41.08 15.47
CA LYS A 248 19.23 -39.63 15.36
C LYS A 248 18.20 -39.25 14.30
N ASP A 249 17.81 -40.24 13.49
CA ASP A 249 16.74 -40.09 12.50
C ASP A 249 15.39 -40.50 13.09
N ASN A 250 15.30 -40.46 14.43
CA ASN A 250 14.13 -40.89 15.18
C ASN A 250 13.21 -39.71 15.51
N GLU A 251 12.04 -39.68 14.88
CA GLU A 251 11.08 -38.56 15.00
C GLU A 251 10.71 -38.16 16.43
N ASP A 252 10.45 -39.16 17.28
CA ASP A 252 10.09 -38.91 18.67
C ASP A 252 11.29 -38.44 19.50
N PHE A 253 12.47 -38.89 19.10
CA PHE A 253 13.73 -38.37 19.65
C PHE A 253 13.99 -36.97 19.13
N GLN A 254 13.57 -36.71 17.89
CA GLN A 254 13.71 -35.39 17.25
C GLN A 254 12.69 -34.39 17.77
N GLN A 255 11.55 -34.89 18.22
CA GLN A 255 10.49 -34.05 18.76
C GLN A 255 10.85 -33.57 20.17
N SER A 256 11.44 -34.44 20.98
CA SER A 256 11.83 -34.13 22.36
C SER A 256 12.95 -33.08 22.46
N ASN A 257 13.63 -32.82 21.34
CA ASN A 257 14.76 -31.89 21.30
C ASN A 257 14.43 -30.51 20.69
N ARG A 258 13.35 -30.44 19.93
CA ARG A 258 12.81 -29.15 19.45
C ARG A 258 12.31 -28.39 20.66
N MET A 259 12.95 -27.27 20.97
CA MET A 259 12.62 -26.57 22.19
C MET A 259 11.77 -25.33 21.95
N TYR A 260 10.46 -25.51 22.12
CA TYR A 260 9.51 -24.41 22.05
C TYR A 260 9.83 -23.42 23.17
N SER A 261 10.67 -22.44 22.85
CA SER A 261 11.26 -21.58 23.86
C SER A 261 11.29 -20.10 23.48
N VAL A 262 10.83 -19.25 24.39
CA VAL A 262 10.99 -17.81 24.27
C VAL A 262 12.15 -17.34 25.17
N ASN A 263 13.31 -17.12 24.55
CA ASN A 263 14.55 -16.82 25.27
C ASN A 263 15.12 -18.06 25.99
N GLY A 264 14.79 -19.24 25.49
CA GLY A 264 15.28 -20.50 26.05
C GLY A 264 14.38 -21.14 27.10
N TYR A 265 13.86 -20.32 27.99
CA TYR A 265 13.01 -20.80 29.08
C TYR A 265 11.67 -21.32 28.59
N THR A 266 11.49 -22.63 28.62
CA THR A 266 10.29 -23.27 28.09
C THR A 266 9.26 -23.61 29.17
N PHE A 267 7.98 -23.66 28.76
CA PHE A 267 6.85 -23.97 29.63
C PHE A 267 6.56 -22.88 30.66
N GLY A 268 6.84 -21.64 30.31
CA GLY A 268 6.60 -20.50 31.21
C GLY A 268 7.62 -20.37 32.31
N SER A 269 8.78 -20.98 32.13
CA SER A 269 9.82 -20.99 33.16
C SER A 269 10.62 -19.70 33.14
N LEU A 270 10.14 -18.72 32.38
CA LEU A 270 10.90 -17.48 32.15
C LEU A 270 10.71 -16.51 33.31
N SER A 271 11.81 -15.95 33.79
CA SER A 271 11.83 -15.29 35.10
C SER A 271 12.22 -13.82 34.99
N GLY A 272 11.94 -13.05 36.03
CA GLY A 272 12.42 -11.67 36.12
C GLY A 272 11.54 -10.65 35.41
N LEU A 273 10.60 -11.14 34.61
CA LEU A 273 9.65 -10.30 33.90
C LEU A 273 8.79 -9.54 34.91
N SER A 274 9.33 -8.43 35.40
CA SER A 274 8.67 -7.63 36.42
C SER A 274 8.44 -6.22 35.88
N MET A 275 7.17 -5.84 35.75
CA MET A 275 6.79 -4.49 35.27
C MET A 275 5.72 -3.85 36.15
N CYS A 276 5.72 -2.52 36.19
CA CYS A 276 4.81 -1.78 37.06
C CYS A 276 3.56 -1.22 36.35
N ALA A 277 2.71 -0.57 37.12
CA ALA A 277 1.51 0.06 36.61
C ALA A 277 1.87 1.40 35.96
N GLU A 278 1.16 1.71 34.87
CA GLU A 278 1.44 2.86 34.00
C GLU A 278 2.86 2.86 33.45
N ASP A 279 3.52 1.69 33.51
CA ASP A 279 4.86 1.50 32.99
C ASP A 279 4.88 1.55 31.46
N ARG A 280 5.56 2.57 30.93
CA ARG A 280 5.78 2.71 29.50
C ARG A 280 6.82 1.67 29.07
N VAL A 281 6.34 0.48 28.66
CA VAL A 281 7.23 -0.65 28.38
C VAL A 281 7.36 -0.93 26.89
N LYS A 282 8.60 -1.03 26.43
CA LYS A 282 8.91 -1.36 25.04
C LYS A 282 9.25 -2.85 24.92
N TRP A 283 8.75 -3.49 23.86
CA TRP A 283 8.96 -4.91 23.62
C TRP A 283 9.58 -5.17 22.26
N TYR A 284 10.78 -5.73 22.26
CA TYR A 284 11.46 -6.09 21.02
C TYR A 284 11.41 -7.60 20.82
N LEU A 285 10.40 -8.06 20.09
CA LEU A 285 10.16 -9.48 19.90
C LEU A 285 10.59 -9.90 18.49
N PHE A 286 11.39 -10.96 18.42
CA PHE A 286 11.82 -11.50 17.13
C PHE A 286 11.82 -13.03 17.08
N GLY A 287 11.35 -13.58 15.96
CA GLY A 287 11.26 -15.02 15.76
C GLY A 287 12.48 -15.60 15.06
N MET A 288 12.76 -16.88 15.32
CA MET A 288 13.92 -17.57 14.75
C MET A 288 13.73 -19.09 14.73
N GLY A 289 14.26 -19.72 13.69
CA GLY A 289 14.26 -21.18 13.62
C GLY A 289 14.12 -21.72 12.20
N ASN A 290 12.92 -22.23 11.74
CA ASN A 290 12.69 -23.06 10.57
C ASN A 290 11.21 -23.00 10.14
N GLU A 291 10.95 -23.91 9.37
CA GLU A 291 9.63 -23.81 8.73
C GLU A 291 8.50 -23.88 9.75
N VAL A 292 8.67 -24.74 10.76
CA VAL A 292 7.67 -24.95 11.80
C VAL A 292 7.60 -23.82 12.83
N ASP A 293 8.61 -22.94 12.81
CA ASP A 293 8.65 -21.79 13.70
C ASP A 293 7.67 -20.70 13.24
N VAL A 294 6.40 -21.10 13.15
CA VAL A 294 5.30 -20.20 12.81
C VAL A 294 4.73 -19.68 14.14
N HIS A 295 5.10 -18.45 14.49
CA HIS A 295 4.77 -17.90 15.81
C HIS A 295 3.69 -16.83 15.78
N ALA A 296 2.89 -16.83 16.84
CA ALA A 296 1.87 -15.82 17.05
C ALA A 296 1.88 -15.42 18.51
N ALA A 297 2.62 -14.34 18.81
CA ALA A 297 2.74 -13.83 20.17
C ALA A 297 1.53 -12.97 20.55
N PHE A 298 1.09 -13.12 21.80
CA PHE A 298 -0.03 -12.35 22.34
C PHE A 298 0.13 -12.13 23.84
N PHE A 299 -0.13 -10.90 24.28
CA PHE A 299 -0.09 -10.56 25.70
C PHE A 299 -1.51 -10.60 26.24
N HIS A 300 -1.74 -11.49 27.20
CA HIS A 300 -3.08 -11.75 27.75
C HIS A 300 -3.65 -10.54 28.49
N GLY A 301 -4.74 -9.99 27.97
CA GLY A 301 -5.38 -8.83 28.57
C GLY A 301 -4.52 -7.59 28.52
N GLN A 302 -3.66 -7.51 27.51
CA GLN A 302 -2.77 -6.36 27.34
C GLN A 302 -2.96 -5.71 25.97
N ALA A 303 -2.83 -4.39 25.93
CA ALA A 303 -2.97 -3.65 24.68
C ALA A 303 -1.62 -3.12 24.18
N LEU A 304 -1.27 -3.49 22.97
CA LEU A 304 0.00 -3.06 22.37
C LEU A 304 -0.19 -2.27 21.08
N THR A 305 0.87 -1.61 20.63
CA THR A 305 0.84 -0.77 19.44
C THR A 305 2.09 -0.93 18.59
N ASN A 306 1.88 -1.24 17.31
CA ASN A 306 2.96 -1.30 16.33
C ASN A 306 2.79 -0.23 15.28
N LYS A 307 3.86 0.51 15.02
CA LYS A 307 3.86 1.59 14.03
C LYS A 307 2.67 2.51 14.26
N ASN A 308 2.27 2.61 15.53
CA ASN A 308 1.14 3.41 15.98
C ASN A 308 -0.20 2.86 15.45
N TYR A 309 -0.28 1.53 15.37
CA TYR A 309 -1.51 0.80 15.08
C TYR A 309 -1.83 -0.15 16.24
N ARG A 310 -3.12 -0.27 16.59
CA ARG A 310 -3.53 -1.11 17.72
C ARG A 310 -3.52 -2.60 17.37
N ILE A 311 -2.71 -3.36 18.12
CA ILE A 311 -2.60 -4.81 17.94
C ILE A 311 -2.68 -5.57 19.27
N ASP A 312 -2.79 -6.90 19.16
CA ASP A 312 -2.78 -7.80 20.29
C ASP A 312 -1.91 -9.00 20.00
N THR A 313 -2.08 -9.57 18.81
CA THR A 313 -1.31 -10.72 18.36
C THR A 313 -0.32 -10.31 17.26
N ILE A 314 0.96 -10.45 17.59
CA ILE A 314 2.04 -10.25 16.64
C ILE A 314 2.27 -11.59 15.93
N ASN A 315 2.90 -11.54 14.77
CA ASN A 315 3.31 -12.77 14.09
C ASN A 315 4.80 -12.83 13.86
N LEU A 316 5.44 -13.80 14.52
CA LEU A 316 6.89 -13.96 14.46
C LEU A 316 7.30 -15.17 13.65
N PHE A 317 8.33 -14.97 12.85
CA PHE A 317 8.82 -15.98 11.93
C PHE A 317 10.34 -15.82 11.89
N PRO A 318 11.05 -16.82 11.33
CA PRO A 318 12.52 -16.76 11.32
C PRO A 318 13.08 -15.38 10.95
N ALA A 319 13.99 -14.86 11.77
CA ALA A 319 14.68 -13.60 11.49
C ALA A 319 13.78 -12.36 11.33
N THR A 320 12.49 -12.51 11.56
CA THR A 320 11.53 -11.41 11.47
C THR A 320 11.76 -10.40 12.60
N LEU A 321 12.03 -9.14 12.25
CA LEU A 321 12.38 -8.12 13.22
C LEU A 321 11.22 -7.19 13.53
N PHE A 322 10.79 -7.16 14.79
CA PHE A 322 9.56 -6.48 15.18
C PHE A 322 9.67 -5.86 16.56
N ASP A 323 9.10 -4.66 16.70
CA ASP A 323 9.11 -3.94 17.97
C ASP A 323 7.69 -3.65 18.46
N ALA A 324 7.56 -3.32 19.74
CA ALA A 324 6.25 -3.05 20.36
C ALA A 324 6.30 -2.00 21.48
N TYR A 325 5.25 -1.20 21.57
CA TYR A 325 5.07 -0.22 22.64
C TYR A 325 3.76 -0.48 23.39
N MET A 326 3.87 -0.79 24.67
CA MET A 326 2.71 -1.09 25.51
C MET A 326 2.72 -0.24 26.79
N VAL A 327 1.58 0.35 27.10
CA VAL A 327 1.39 1.02 28.39
C VAL A 327 0.86 -0.02 29.36
N ALA A 328 1.71 -0.41 30.32
CA ALA A 328 1.33 -1.40 31.32
C ALA A 328 0.02 -1.01 32.00
N GLN A 329 -0.95 -1.92 31.96
CA GLN A 329 -2.26 -1.69 32.57
C GLN A 329 -2.82 -2.97 33.17
N ASN A 330 -4.01 -2.86 33.76
CA ASN A 330 -4.66 -4.02 34.38
C ASN A 330 -3.68 -4.89 35.15
N PRO A 331 -3.34 -4.47 36.36
CA PRO A 331 -2.40 -5.21 37.21
C PRO A 331 -2.78 -6.68 37.45
N GLY A 332 -1.77 -7.54 37.55
CA GLY A 332 -1.96 -8.96 37.81
C GLY A 332 -0.81 -9.83 37.33
N GLU A 333 -1.02 -11.15 37.41
CA GLU A 333 -0.03 -12.13 36.93
C GLU A 333 -0.55 -12.78 35.64
N TRP A 334 -0.02 -12.32 34.51
CA TRP A 334 -0.57 -12.67 33.19
C TRP A 334 0.18 -13.77 32.45
N MET A 335 -0.08 -13.88 31.14
CA MET A 335 0.56 -14.85 30.27
C MET A 335 0.96 -14.24 28.93
N LEU A 336 2.14 -14.62 28.46
CA LEU A 336 2.59 -14.30 27.11
C LEU A 336 2.74 -15.63 26.38
N SER A 337 1.67 -16.07 25.74
CA SER A 337 1.62 -17.38 25.14
C SER A 337 1.81 -17.34 23.64
N CYS A 338 2.25 -18.46 23.05
CA CYS A 338 2.32 -18.60 21.61
C CYS A 338 0.96 -19.03 21.07
N GLN A 339 0.45 -18.28 20.10
CA GLN A 339 -0.83 -18.60 19.48
C GLN A 339 -0.80 -20.02 18.91
N ASN A 340 0.19 -20.30 18.07
CA ASN A 340 0.33 -21.63 17.48
C ASN A 340 -0.23 -22.70 18.40
N LEU A 341 -1.31 -23.33 17.99
CA LEU A 341 -1.98 -24.34 18.82
C LEU A 341 -1.13 -25.57 19.10
N ASN A 342 -0.18 -25.86 18.22
CA ASN A 342 0.79 -26.93 18.45
C ASN A 342 1.93 -26.47 19.34
N HIS A 343 2.30 -25.20 19.21
CA HIS A 343 3.32 -24.59 20.05
C HIS A 343 2.79 -24.32 21.45
N LEU A 344 1.49 -24.04 21.56
CA LEU A 344 0.83 -23.78 22.84
C LEU A 344 0.67 -25.05 23.67
N LYS A 345 0.57 -26.18 22.99
CA LYS A 345 0.54 -27.49 23.65
C LYS A 345 1.94 -28.11 23.77
N ALA A 346 2.96 -27.24 23.69
CA ALA A 346 4.35 -27.65 23.83
C ALA A 346 5.13 -26.67 24.72
N GLY A 347 4.38 -25.98 25.60
CA GLY A 347 4.95 -25.09 26.60
C GLY A 347 5.71 -23.91 26.04
N LEU A 348 5.11 -23.21 25.07
CA LEU A 348 5.68 -21.99 24.55
C LEU A 348 4.98 -20.80 25.18
N GLN A 349 5.28 -20.59 26.46
CA GLN A 349 4.58 -19.63 27.30
C GLN A 349 5.55 -18.91 28.24
N ALA A 350 5.09 -17.79 28.81
CA ALA A 350 5.89 -16.97 29.74
C ALA A 350 5.02 -16.06 30.59
N PHE A 351 5.22 -16.12 31.91
CA PHE A 351 4.46 -15.31 32.86
C PHE A 351 5.07 -13.92 33.07
N PHE A 352 4.24 -12.94 33.35
CA PHE A 352 4.68 -11.61 33.75
C PHE A 352 3.72 -10.92 34.72
N GLN A 353 4.28 -10.08 35.59
CA GLN A 353 3.51 -9.36 36.61
C GLN A 353 3.44 -7.86 36.38
N VAL A 354 2.23 -7.30 36.42
CA VAL A 354 2.02 -5.86 36.50
C VAL A 354 1.55 -5.58 37.92
N GLN A 355 2.31 -4.76 38.64
CA GLN A 355 2.12 -4.60 40.08
C GLN A 355 1.64 -3.20 40.46
N GLU A 356 1.12 -3.07 41.68
CA GLU A 356 0.69 -1.78 42.23
C GLU A 356 1.87 -1.16 43.00
N CYS A 357 2.24 0.07 42.65
CA CYS A 357 3.39 0.71 43.28
C CYS A 357 3.29 2.22 43.49
N ASN A 358 2.12 2.80 43.23
CA ASN A 358 0.97 2.05 42.74
C ASN A 358 0.61 2.45 41.30
N LYS A 359 0.58 3.76 41.03
CA LYS A 359 0.27 4.23 39.64
C LYS A 359 1.36 5.10 38.86
N SER A 360 1.17 6.44 38.82
CA SER A 360 0.05 6.91 39.63
C SER A 360 -1.05 7.67 38.84
N SER A 361 -1.53 7.08 37.74
CA SER A 361 -2.66 7.63 36.96
C SER A 361 -3.63 6.54 36.44
N SER A 362 -4.89 6.92 36.17
CA SER A 362 -5.92 5.96 35.79
C SER A 362 -6.39 6.10 34.34
N LYS A 363 -6.89 7.28 33.99
CA LYS A 363 -7.36 7.54 32.63
C LYS A 363 -8.84 7.19 32.48
N ASP A 364 -9.11 5.98 31.99
CA ASP A 364 -10.47 5.52 31.79
C ASP A 364 -10.68 4.14 32.42
N ASN A 365 -11.72 4.03 33.26
CA ASN A 365 -12.60 5.19 33.57
C ASN A 365 -14.11 4.89 33.56
N ILE A 366 -14.56 4.10 32.59
CA ILE A 366 -16.00 4.00 32.25
C ILE A 366 -16.69 2.63 32.47
N ARG A 367 -16.35 1.96 33.57
CA ARG A 367 -16.92 0.64 33.88
C ARG A 367 -18.39 0.72 34.34
N GLY A 368 -19.30 0.61 33.38
CA GLY A 368 -20.72 0.67 33.67
C GLY A 368 -21.48 1.51 32.66
N LYS A 369 -20.75 2.30 31.88
CA LYS A 369 -21.36 3.16 30.88
C LYS A 369 -22.22 2.35 29.90
N HIS A 370 -22.14 2.72 28.63
CA HIS A 370 -22.90 2.03 27.60
C HIS A 370 -22.86 0.54 27.80
N VAL A 371 -24.01 -0.04 28.08
CA VAL A 371 -24.12 -1.50 28.30
C VAL A 371 -24.71 -2.27 27.11
N ARG A 372 -23.85 -3.00 26.40
CA ARG A 372 -24.27 -3.88 25.30
C ARG A 372 -24.43 -5.31 25.83
N HIS A 373 -25.60 -5.90 25.63
CA HIS A 373 -25.87 -7.23 26.17
C HIS A 373 -26.14 -8.28 25.11
N TYR A 374 -25.37 -9.38 25.17
CA TYR A 374 -25.50 -10.51 24.24
C TYR A 374 -25.76 -11.81 25.02
N TYR A 375 -26.57 -12.69 24.44
CA TYR A 375 -26.96 -13.94 25.08
C TYR A 375 -26.67 -15.16 24.19
N ILE A 376 -25.40 -15.44 23.98
CA ILE A 376 -24.97 -16.58 23.16
C ILE A 376 -25.09 -17.89 23.96
N ALA A 377 -25.17 -19.02 23.26
CA ALA A 377 -25.23 -20.33 23.90
C ALA A 377 -24.56 -21.42 23.05
N ALA A 378 -23.72 -22.22 23.69
CA ALA A 378 -23.04 -23.33 23.01
C ALA A 378 -23.97 -24.53 22.88
N GLU A 379 -23.91 -25.19 21.72
CA GLU A 379 -24.75 -26.37 21.44
C GLU A 379 -24.14 -27.23 20.33
N GLU A 380 -24.55 -28.50 20.27
CA GLU A 380 -23.99 -29.43 19.28
C GLU A 380 -24.94 -29.71 18.11
N ILE A 381 -24.38 -29.73 16.90
CA ILE A 381 -25.13 -29.98 15.65
C ILE A 381 -24.34 -30.78 14.61
N ILE A 382 -25.07 -31.32 13.63
CA ILE A 382 -24.46 -31.95 12.46
C ILE A 382 -24.09 -30.85 11.47
N TRP A 383 -22.80 -30.63 11.29
CA TRP A 383 -22.31 -29.62 10.36
C TRP A 383 -21.69 -30.25 9.11
N ASN A 384 -22.40 -30.13 7.99
CA ASN A 384 -21.90 -30.56 6.70
C ASN A 384 -21.15 -29.41 6.03
N TYR A 385 -19.86 -29.63 5.74
CA TYR A 385 -18.97 -28.60 5.20
C TYR A 385 -19.40 -28.10 3.82
N ALA A 386 -19.60 -29.05 2.89
CA ALA A 386 -20.11 -28.74 1.57
C ALA A 386 -21.53 -29.29 1.47
N PRO A 387 -22.55 -28.46 1.80
CA PRO A 387 -23.94 -28.89 1.91
C PRO A 387 -24.51 -29.45 0.61
N SER A 388 -24.21 -28.79 -0.50
CA SER A 388 -24.73 -29.17 -1.81
C SER A 388 -24.28 -30.56 -2.24
N GLY A 389 -23.10 -30.97 -1.81
CA GLY A 389 -22.54 -32.27 -2.17
C GLY A 389 -21.72 -32.21 -3.47
N ILE A 390 -21.48 -30.99 -3.94
CA ILE A 390 -20.78 -30.75 -5.20
C ILE A 390 -19.70 -29.69 -5.01
N ASP A 391 -18.55 -29.89 -5.65
CA ASP A 391 -17.54 -28.85 -5.78
C ASP A 391 -17.98 -27.90 -6.90
N ILE A 392 -18.35 -26.67 -6.52
CA ILE A 392 -19.04 -25.72 -7.41
C ILE A 392 -18.14 -25.17 -8.53
N PHE A 393 -16.84 -25.03 -8.24
CA PHE A 393 -15.85 -24.53 -9.19
C PHE A 393 -15.82 -25.27 -10.54
N THR A 394 -16.17 -26.56 -10.51
CA THR A 394 -16.15 -27.42 -11.71
C THR A 394 -17.45 -28.17 -11.94
N LYS A 395 -18.34 -28.13 -10.94
CA LYS A 395 -19.58 -28.94 -10.91
C LYS A 395 -19.31 -30.43 -10.67
N GLU A 396 -18.06 -30.76 -10.37
CA GLU A 396 -17.67 -32.11 -9.96
C GLU A 396 -18.23 -32.36 -8.57
N ASN A 397 -18.76 -33.57 -8.35
CA ASN A 397 -19.21 -33.93 -7.01
C ASN A 397 -18.07 -34.41 -6.10
N LEU A 398 -18.33 -34.39 -4.80
CA LEU A 398 -17.31 -34.63 -3.77
C LEU A 398 -16.78 -36.06 -3.71
N THR A 399 -17.60 -37.02 -4.15
CA THR A 399 -17.21 -38.43 -4.15
C THR A 399 -16.81 -38.94 -5.55
N ALA A 400 -16.10 -38.11 -6.30
CA ALA A 400 -15.53 -38.50 -7.58
C ALA A 400 -14.29 -39.36 -7.35
N PRO A 401 -14.13 -40.45 -8.15
CA PRO A 401 -13.05 -41.44 -7.91
C PRO A 401 -11.63 -40.87 -7.94
N GLY A 402 -10.88 -41.11 -6.87
CA GLY A 402 -9.47 -40.72 -6.77
C GLY A 402 -9.17 -39.24 -6.56
N SER A 403 -10.16 -38.39 -6.86
CA SER A 403 -9.99 -36.93 -6.91
C SER A 403 -9.53 -36.27 -5.60
N ASP A 404 -9.18 -34.98 -5.70
CA ASP A 404 -8.70 -34.19 -4.56
C ASP A 404 -9.71 -34.23 -3.41
N SER A 405 -10.95 -33.86 -3.71
CA SER A 405 -12.02 -33.75 -2.72
C SER A 405 -12.50 -35.12 -2.22
N ALA A 406 -12.18 -36.15 -2.99
CA ALA A 406 -12.57 -37.52 -2.64
C ALA A 406 -12.04 -37.91 -1.27
N VAL A 407 -10.75 -37.66 -1.05
CA VAL A 407 -10.05 -38.09 0.16
C VAL A 407 -10.69 -37.54 1.44
N PHE A 408 -11.07 -36.26 1.43
CA PHE A 408 -11.77 -35.64 2.56
C PHE A 408 -13.20 -36.16 2.66
N PHE A 409 -13.94 -36.04 1.56
CA PHE A 409 -15.39 -36.22 1.56
C PHE A 409 -15.87 -37.63 1.19
N GLU A 410 -15.07 -38.64 1.51
CA GLU A 410 -15.46 -40.04 1.33
C GLU A 410 -16.01 -40.59 2.64
N GLN A 411 -17.19 -41.21 2.58
CA GLN A 411 -17.73 -41.92 3.73
C GLN A 411 -17.66 -43.41 3.47
N GLY A 412 -16.98 -44.13 4.36
CA GLY A 412 -16.81 -45.57 4.21
C GLY A 412 -16.46 -46.31 5.49
N THR A 413 -15.53 -47.25 5.36
CA THR A 413 -15.12 -48.13 6.45
C THR A 413 -14.49 -47.35 7.60
N THR A 414 -13.56 -46.46 7.25
CA THR A 414 -12.79 -45.71 8.24
C THR A 414 -12.72 -44.22 7.89
N ARG A 415 -13.58 -43.81 6.96
CA ARG A 415 -13.68 -42.41 6.56
C ARG A 415 -15.07 -41.87 6.85
N ILE A 416 -15.12 -40.75 7.56
CA ILE A 416 -16.36 -40.18 8.09
C ILE A 416 -17.29 -39.59 7.03
N GLY A 417 -16.73 -38.88 6.07
CA GLY A 417 -17.51 -38.27 4.99
C GLY A 417 -17.51 -36.76 5.02
N GLY A 418 -18.70 -36.17 4.90
CA GLY A 418 -18.85 -34.72 4.86
C GLY A 418 -19.45 -34.10 6.11
N SER A 419 -20.14 -34.93 6.91
CA SER A 419 -20.84 -34.45 8.10
C SER A 419 -19.99 -34.62 9.36
N TYR A 420 -20.08 -33.64 10.25
CA TYR A 420 -19.36 -33.67 11.53
C TYR A 420 -20.23 -33.10 12.66
N LYS A 421 -20.10 -33.67 13.85
CA LYS A 421 -20.73 -33.10 15.04
C LYS A 421 -19.78 -32.06 15.64
N LYS A 422 -20.31 -30.86 15.88
CA LYS A 422 -19.47 -29.71 16.26
C LYS A 422 -20.19 -28.73 17.18
N LEU A 423 -19.62 -28.50 18.36
CA LEU A 423 -20.10 -27.45 19.26
C LEU A 423 -19.78 -26.07 18.66
N VAL A 424 -20.79 -25.21 18.58
CA VAL A 424 -20.64 -23.90 17.93
C VAL A 424 -21.52 -22.85 18.61
N TYR A 425 -21.09 -21.58 18.55
CA TYR A 425 -21.83 -20.46 19.11
C TYR A 425 -23.06 -20.10 18.29
N ARG A 426 -24.17 -19.81 18.98
CA ARG A 426 -25.40 -19.28 18.37
C ARG A 426 -26.08 -18.31 19.36
N GLU A 427 -26.48 -17.13 18.87
CA GLU A 427 -27.03 -16.08 19.73
C GLU A 427 -28.53 -16.23 20.00
N TYR A 428 -28.93 -15.91 21.23
CA TYR A 428 -30.34 -15.88 21.63
C TYR A 428 -30.71 -14.48 22.09
N THR A 429 -32.00 -14.16 22.07
CA THR A 429 -32.48 -12.81 22.33
C THR A 429 -32.41 -12.35 23.78
N ASP A 430 -32.71 -13.26 24.71
CA ASP A 430 -32.80 -12.90 26.13
C ASP A 430 -32.14 -13.93 27.08
N ALA A 431 -32.29 -13.68 28.38
CA ALA A 431 -31.63 -14.47 29.43
C ALA A 431 -32.23 -15.86 29.65
N SER A 432 -33.44 -16.08 29.13
CA SER A 432 -34.15 -17.35 29.30
C SER A 432 -33.56 -18.48 28.47
N PHE A 433 -33.02 -18.13 27.30
CA PHE A 433 -32.51 -19.08 26.30
C PHE A 433 -33.59 -20.06 25.80
N THR A 434 -34.81 -19.54 25.61
CA THR A 434 -35.93 -20.34 25.11
C THR A 434 -36.19 -20.10 23.61
N ASN A 435 -36.10 -18.83 23.18
CA ASN A 435 -36.33 -18.47 21.77
C ASN A 435 -35.12 -17.80 21.09
N ARG A 436 -35.05 -17.94 19.76
CA ARG A 436 -33.87 -17.55 18.97
C ARG A 436 -33.95 -16.15 18.37
N LYS A 437 -32.77 -15.53 18.23
CA LYS A 437 -32.59 -14.34 17.39
C LYS A 437 -32.14 -14.85 16.03
N GLU A 438 -32.98 -14.68 15.01
CA GLU A 438 -32.81 -15.35 13.71
C GLU A 438 -31.80 -14.68 12.76
N ARG A 439 -31.18 -15.51 11.91
CA ARG A 439 -30.15 -15.06 10.97
C ARG A 439 -30.72 -14.56 9.65
N GLY A 440 -30.56 -13.26 9.38
CA GLY A 440 -31.04 -12.64 8.15
C GLY A 440 -30.19 -12.99 6.93
N PRO A 441 -30.32 -12.21 5.85
CA PRO A 441 -29.48 -12.41 4.67
C PRO A 441 -28.00 -12.09 4.93
N GLU A 442 -27.75 -11.19 5.89
CA GLU A 442 -26.40 -10.76 6.25
C GLU A 442 -25.57 -11.86 6.94
N GLU A 443 -26.22 -12.57 7.86
CA GLU A 443 -25.56 -13.59 8.69
C GLU A 443 -25.47 -14.96 8.00
N GLU A 444 -25.91 -15.03 6.75
CA GLU A 444 -25.93 -16.27 5.97
C GLU A 444 -24.53 -16.80 5.66
N HIS A 445 -23.54 -15.90 5.64
CA HIS A 445 -22.16 -16.27 5.32
C HIS A 445 -21.35 -16.76 6.54
N LEU A 446 -21.81 -16.40 7.74
CA LEU A 446 -21.10 -16.73 8.98
C LEU A 446 -20.94 -18.24 9.19
N GLY A 447 -22.06 -18.94 9.31
CA GLY A 447 -22.08 -20.41 9.38
C GLY A 447 -21.49 -21.04 10.63
N ILE A 448 -20.26 -21.56 10.49
CA ILE A 448 -19.55 -22.19 11.61
C ILE A 448 -19.11 -21.13 12.61
N LEU A 449 -19.02 -19.90 12.13
CA LEU A 449 -18.80 -18.74 12.99
C LEU A 449 -20.05 -18.44 13.78
N GLY A 450 -19.86 -18.05 15.04
CA GLY A 450 -20.98 -17.64 15.88
C GLY A 450 -21.42 -16.23 15.59
N PRO A 451 -22.13 -15.60 16.54
CA PRO A 451 -22.56 -14.21 16.39
C PRO A 451 -21.36 -13.27 16.32
N VAL A 452 -21.48 -12.24 15.50
CA VAL A 452 -20.51 -11.16 15.48
C VAL A 452 -20.82 -10.22 16.64
N ILE A 453 -19.94 -10.20 17.63
CA ILE A 453 -20.08 -9.25 18.74
C ILE A 453 -19.34 -7.95 18.38
N TRP A 454 -20.00 -6.83 18.64
CA TRP A 454 -19.49 -5.52 18.26
C TRP A 454 -19.64 -4.51 19.39
N ALA A 455 -18.65 -3.62 19.49
CA ALA A 455 -18.65 -2.60 20.52
C ALA A 455 -18.05 -1.30 20.03
N GLU A 456 -18.44 -0.22 20.71
CA GLU A 456 -17.83 1.08 20.54
C GLU A 456 -16.91 1.33 21.73
N VAL A 457 -16.02 2.31 21.60
CA VAL A 457 -15.15 2.73 22.70
C VAL A 457 -16.00 3.50 23.71
N GLY A 458 -16.07 2.98 24.93
CA GLY A 458 -16.87 3.57 26.00
C GLY A 458 -17.96 2.63 26.50
N ASP A 459 -18.16 1.53 25.79
CA ASP A 459 -19.20 0.57 26.11
C ASP A 459 -18.74 -0.41 27.19
N THR A 460 -19.64 -1.31 27.58
CA THR A 460 -19.34 -2.39 28.53
C THR A 460 -20.11 -3.65 28.09
N ILE A 461 -19.38 -4.60 27.51
CA ILE A 461 -19.98 -5.82 26.94
C ILE A 461 -20.21 -6.88 28.01
N ARG A 462 -21.44 -7.40 28.06
CA ARG A 462 -21.80 -8.46 29.00
C ARG A 462 -22.42 -9.63 28.24
N VAL A 463 -21.79 -10.81 28.34
CA VAL A 463 -22.22 -11.99 27.59
C VAL A 463 -22.70 -13.10 28.52
N THR A 464 -23.98 -13.45 28.39
CA THR A 464 -24.55 -14.58 29.14
C THR A 464 -24.32 -15.87 28.37
N PHE A 465 -23.34 -16.65 28.80
CA PHE A 465 -22.95 -17.90 28.14
C PHE A 465 -23.69 -19.08 28.75
N HIS A 466 -24.48 -19.77 27.92
CA HIS A 466 -25.21 -20.97 28.34
C HIS A 466 -24.74 -22.20 27.57
N ASN A 467 -23.76 -22.90 28.14
CA ASN A 467 -23.20 -24.12 27.54
C ASN A 467 -24.17 -25.29 27.67
N LYS A 468 -24.47 -25.94 26.54
CA LYS A 468 -25.33 -27.13 26.52
C LYS A 468 -24.59 -28.38 26.03
N GLY A 469 -23.33 -28.22 25.63
CA GLY A 469 -22.47 -29.34 25.24
C GLY A 469 -21.96 -30.10 26.44
N ALA A 470 -21.59 -31.37 26.23
CA ALA A 470 -21.18 -32.27 27.32
C ALA A 470 -19.74 -32.05 27.84
N TYR A 471 -19.14 -30.91 27.48
CA TYR A 471 -17.81 -30.53 27.95
C TYR A 471 -17.80 -29.10 28.48
N PRO A 472 -17.05 -28.84 29.58
CA PRO A 472 -16.93 -27.48 30.13
C PRO A 472 -16.24 -26.50 29.16
N LEU A 473 -16.80 -25.30 29.02
CA LEU A 473 -16.30 -24.30 28.06
C LEU A 473 -16.12 -22.90 28.65
N SER A 474 -15.90 -21.92 27.76
CA SER A 474 -15.78 -20.50 28.13
C SER A 474 -15.84 -19.61 26.88
N ILE A 475 -15.51 -18.33 27.04
CA ILE A 475 -15.37 -17.40 25.91
C ILE A 475 -14.13 -16.50 26.11
N GLU A 476 -13.20 -16.57 25.17
CA GLU A 476 -11.96 -15.77 25.21
C GLU A 476 -11.98 -14.66 24.16
N PRO A 477 -12.33 -13.43 24.58
CA PRO A 477 -12.31 -12.30 23.67
C PRO A 477 -10.89 -11.78 23.45
N ILE A 478 -10.56 -11.48 22.20
CA ILE A 478 -9.27 -10.90 21.88
C ILE A 478 -9.51 -9.51 21.31
N GLY A 479 -9.13 -8.49 22.07
CA GLY A 479 -9.31 -7.10 21.67
C GLY A 479 -9.95 -6.20 22.72
N VAL A 480 -10.52 -6.81 23.75
CA VAL A 480 -11.08 -6.05 24.87
C VAL A 480 -10.36 -6.36 26.17
N ARG A 481 -10.41 -5.40 27.10
CA ARG A 481 -9.86 -5.60 28.43
C ARG A 481 -10.85 -6.42 29.25
N PHE A 482 -10.31 -7.36 30.03
CA PHE A 482 -11.11 -8.20 30.92
C PHE A 482 -10.38 -8.38 32.25
N ASN A 483 -11.11 -8.29 33.35
CA ASN A 483 -10.52 -8.42 34.68
C ASN A 483 -9.99 -9.83 34.98
N LYS A 484 -9.34 -9.99 36.12
CA LYS A 484 -8.69 -11.25 36.51
C LYS A 484 -9.70 -12.38 36.78
N ASN A 485 -10.92 -12.03 37.18
CA ASN A 485 -11.97 -13.01 37.46
C ASN A 485 -13.03 -13.15 36.36
N ASN A 486 -12.73 -12.60 35.18
CA ASN A 486 -13.58 -12.75 33.99
C ASN A 486 -12.81 -13.32 32.78
N GLU A 487 -11.63 -13.86 33.03
CA GLU A 487 -10.77 -14.43 31.99
C GLU A 487 -11.24 -15.83 31.58
N GLY A 488 -11.25 -16.08 30.27
CA GLY A 488 -11.70 -17.36 29.71
C GLY A 488 -10.80 -18.55 29.97
N THR A 489 -9.50 -18.32 29.91
CA THR A 489 -8.50 -19.37 30.16
C THR A 489 -7.91 -19.30 31.56
N TYR A 490 -7.32 -20.42 32.00
CA TYR A 490 -6.60 -20.43 33.28
C TYR A 490 -5.12 -20.79 33.09
N TYR A 491 -4.30 -20.22 33.97
CA TYR A 491 -2.86 -20.49 34.07
C TYR A 491 -2.38 -19.87 35.37
N SER A 492 -1.31 -20.42 35.94
CA SER A 492 -0.80 -19.95 37.24
C SER A 492 0.70 -20.23 37.44
N PRO A 493 1.41 -19.32 38.14
CA PRO A 493 2.76 -19.61 38.62
C PRO A 493 2.77 -20.54 39.85
N ASN A 494 1.63 -20.64 40.53
CA ASN A 494 1.48 -21.51 41.70
C ASN A 494 0.48 -22.65 41.46
N VAL A 502 -18.16 -26.16 39.74
CA VAL A 502 -19.03 -25.60 40.77
C VAL A 502 -18.23 -24.72 41.74
N PRO A 503 -18.58 -23.42 41.86
CA PRO A 503 -19.64 -22.71 41.12
C PRO A 503 -19.20 -22.25 39.73
N PRO A 504 -20.15 -21.77 38.90
CA PRO A 504 -19.79 -21.23 37.57
C PRO A 504 -18.86 -20.03 37.64
N SER A 505 -17.65 -20.20 37.11
CA SER A 505 -16.65 -19.13 37.02
C SER A 505 -16.43 -18.72 35.56
N ALA A 506 -15.29 -18.10 35.30
CA ALA A 506 -14.97 -17.65 33.94
C ALA A 506 -14.09 -18.66 33.19
N SER A 507 -13.14 -19.27 33.91
CA SER A 507 -12.28 -20.31 33.33
C SER A 507 -13.07 -21.55 32.96
N HIS A 508 -14.02 -21.89 33.83
CA HIS A 508 -14.76 -23.14 33.76
C HIS A 508 -16.26 -22.87 33.70
N VAL A 509 -16.92 -23.36 32.66
CA VAL A 509 -18.39 -23.30 32.57
C VAL A 509 -18.93 -24.71 32.29
N ALA A 510 -19.27 -25.42 33.35
CA ALA A 510 -19.68 -26.82 33.27
C ALA A 510 -20.90 -27.02 32.37
N PRO A 511 -20.97 -28.18 31.70
CA PRO A 511 -22.04 -28.62 30.79
C PRO A 511 -23.46 -28.15 31.13
N THR A 512 -23.73 -27.90 32.41
CA THR A 512 -25.08 -27.49 32.84
C THR A 512 -25.13 -25.99 33.17
N GLU A 513 -23.97 -25.42 33.50
CA GLU A 513 -23.86 -24.08 34.09
C GLU A 513 -24.14 -22.89 33.15
N THR A 514 -24.15 -21.68 33.74
CA THR A 514 -24.28 -20.41 33.02
C THR A 514 -23.48 -19.32 33.73
N PHE A 515 -22.61 -18.62 33.00
CA PHE A 515 -21.82 -17.52 33.56
C PHE A 515 -22.06 -16.21 32.82
N THR A 516 -21.97 -15.10 33.57
CA THR A 516 -22.16 -13.76 33.03
C THR A 516 -20.83 -12.97 32.99
N TYR A 517 -20.28 -12.84 31.78
CA TYR A 517 -19.03 -12.11 31.54
C TYR A 517 -19.23 -10.61 31.63
N GLU A 518 -18.13 -9.88 31.84
CA GLU A 518 -18.18 -8.43 31.98
C GLU A 518 -16.85 -7.81 31.52
N TRP A 519 -16.79 -7.47 30.22
CA TRP A 519 -15.58 -6.88 29.64
C TRP A 519 -15.65 -5.35 29.56
N THR A 520 -14.49 -4.70 29.66
CA THR A 520 -14.38 -3.25 29.52
C THR A 520 -13.66 -2.91 28.22
N VAL A 521 -14.18 -1.94 27.48
CA VAL A 521 -13.58 -1.52 26.21
C VAL A 521 -13.35 0.00 26.14
N PRO A 522 -12.21 0.47 26.70
CA PRO A 522 -11.83 1.89 26.65
C PRO A 522 -10.92 2.24 25.47
N LYS A 523 -10.43 3.49 25.44
CA LYS A 523 -9.57 3.96 24.35
C LYS A 523 -8.12 3.47 24.46
N GLU A 524 -7.79 2.81 25.58
CA GLU A 524 -6.46 2.23 25.77
C GLU A 524 -6.28 0.88 25.07
N VAL A 525 -7.40 0.27 24.68
CA VAL A 525 -7.38 -0.98 23.92
C VAL A 525 -7.99 -0.78 22.53
N GLY A 526 -8.67 0.34 22.33
CA GLY A 526 -9.32 0.66 21.06
C GLY A 526 -8.38 1.18 19.99
N PRO A 527 -8.83 1.18 18.72
CA PRO A 527 -8.02 1.66 17.59
C PRO A 527 -7.71 3.15 17.70
N THR A 528 -6.50 3.53 17.33
CA THR A 528 -6.09 4.93 17.38
C THR A 528 -6.33 5.60 16.02
N ASN A 529 -6.03 6.89 15.96
CA ASN A 529 -6.14 7.70 14.73
C ASN A 529 -5.76 6.95 13.45
N ALA A 530 -4.64 6.23 13.50
CA ALA A 530 -4.02 5.61 12.32
C ALA A 530 -4.79 4.42 11.74
N ASP A 531 -5.52 3.71 12.59
CA ASP A 531 -6.31 2.57 12.15
C ASP A 531 -7.66 2.99 11.59
N PRO A 532 -8.23 2.18 10.66
CA PRO A 532 -9.58 2.40 10.14
C PRO A 532 -10.65 2.25 11.23
N VAL A 533 -11.86 2.73 10.93
CA VAL A 533 -12.98 2.77 11.89
C VAL A 533 -13.11 1.49 12.73
N CYS A 534 -13.41 0.36 12.08
CA CYS A 534 -13.52 -0.92 12.77
C CYS A 534 -12.31 -1.80 12.52
N LEU A 535 -11.96 -2.59 13.53
CA LEU A 535 -10.89 -3.58 13.39
C LEU A 535 -11.44 -5.00 13.57
N ALA A 536 -10.79 -5.96 12.90
CA ALA A 536 -11.18 -7.36 12.99
C ALA A 536 -10.65 -7.98 14.28
N LYS A 537 -11.55 -8.65 15.00
CA LYS A 537 -11.21 -9.33 16.24
C LYS A 537 -11.95 -10.67 16.29
N MET A 538 -11.64 -11.49 17.30
CA MET A 538 -12.23 -12.84 17.43
C MET A 538 -12.40 -13.29 18.88
N TYR A 539 -13.33 -14.23 19.08
CA TYR A 539 -13.49 -14.92 20.37
C TYR A 539 -13.64 -16.43 20.21
N TYR A 540 -13.10 -17.16 21.19
CA TYR A 540 -13.03 -18.62 21.16
C TYR A 540 -12.98 -19.18 22.58
N SER A 541 -13.54 -20.37 22.78
CA SER A 541 -13.55 -21.02 24.10
C SER A 541 -12.13 -21.28 24.61
N ALA A 542 -11.90 -20.96 25.87
CA ALA A 542 -10.54 -21.01 26.43
C ALA A 542 -10.40 -21.93 27.64
N VAL A 543 -10.67 -23.21 27.44
CA VAL A 543 -10.34 -24.25 28.42
C VAL A 543 -9.21 -25.10 27.83
N ASP A 544 -9.36 -25.42 26.54
CA ASP A 544 -8.34 -26.08 25.77
C ASP A 544 -8.42 -25.57 24.33
N PRO A 545 -7.95 -24.32 24.09
CA PRO A 545 -8.05 -23.71 22.76
C PRO A 545 -7.31 -24.46 21.64
N THR A 546 -6.46 -25.42 22.00
CA THR A 546 -5.80 -26.30 21.02
C THR A 546 -6.79 -27.33 20.48
N LYS A 547 -7.90 -27.50 21.20
CA LYS A 547 -8.91 -28.51 20.87
C LYS A 547 -10.31 -27.91 20.80
N ASP A 548 -10.61 -26.93 21.66
CA ASP A 548 -11.91 -26.27 21.70
C ASP A 548 -12.25 -25.54 20.40
N ILE A 549 -11.28 -24.80 19.86
CA ILE A 549 -11.47 -24.04 18.63
C ILE A 549 -11.77 -24.98 17.45
N PHE A 550 -11.02 -26.08 17.35
CA PHE A 550 -11.20 -27.04 16.27
C PHE A 550 -12.55 -27.77 16.31
N THR A 551 -13.25 -27.61 17.42
CA THR A 551 -14.61 -28.13 17.55
C THR A 551 -15.59 -27.16 16.89
N GLY A 552 -15.12 -25.94 16.62
CA GLY A 552 -15.93 -24.93 15.93
C GLY A 552 -16.48 -23.83 16.83
N LEU A 553 -15.87 -23.66 17.99
CA LEU A 553 -16.30 -22.68 18.98
C LEU A 553 -15.58 -21.34 18.79
N ILE A 554 -15.58 -20.85 17.56
CA ILE A 554 -14.96 -19.58 17.20
C ILE A 554 -16.03 -18.59 16.74
N GLY A 555 -15.85 -17.31 17.10
CA GLY A 555 -16.82 -16.28 16.74
C GLY A 555 -16.17 -14.96 16.37
N PRO A 556 -16.75 -14.25 15.38
CA PRO A 556 -16.21 -12.97 14.90
C PRO A 556 -16.48 -11.81 15.85
N MET A 557 -15.53 -10.88 15.96
CA MET A 557 -15.71 -9.67 16.75
C MET A 557 -15.28 -8.42 15.97
N LYS A 558 -15.76 -7.26 16.43
CA LYS A 558 -15.74 -6.03 15.66
C LYS A 558 -15.71 -4.81 16.60
N ILE A 559 -14.55 -4.53 17.17
CA ILE A 559 -14.39 -3.41 18.11
C ILE A 559 -14.13 -2.12 17.34
N CYS A 560 -14.92 -1.09 17.63
CA CYS A 560 -14.95 0.12 16.81
C CYS A 560 -14.96 1.41 17.62
N LYS A 561 -14.55 2.51 16.99
CA LYS A 561 -14.33 3.81 17.66
C LYS A 561 -15.60 4.49 18.20
N LYS A 562 -15.45 5.70 18.74
CA LYS A 562 -16.57 6.43 19.32
C LYS A 562 -17.30 7.37 18.33
N GLY A 563 -18.58 7.08 18.11
CA GLY A 563 -19.45 7.87 17.22
C GLY A 563 -19.52 7.33 15.80
N SER A 564 -19.45 6.01 15.66
CA SER A 564 -19.23 5.37 14.37
C SER A 564 -20.39 4.50 13.89
N LEU A 565 -20.76 3.52 14.70
CA LEU A 565 -21.75 2.53 14.29
C LEU A 565 -23.16 3.05 14.44
N HIS A 566 -24.07 2.54 13.60
CA HIS A 566 -25.50 2.77 13.75
C HIS A 566 -26.04 2.00 14.96
N ALA A 567 -27.31 2.22 15.29
CA ALA A 567 -27.98 1.54 16.41
C ALA A 567 -28.13 0.04 16.18
N ASN A 568 -28.25 -0.34 14.91
CA ASN A 568 -28.35 -1.73 14.51
C ASN A 568 -27.04 -2.50 14.61
N GLY A 569 -25.91 -1.84 14.34
CA GLY A 569 -24.59 -2.44 14.51
C GLY A 569 -23.57 -2.19 13.42
N ARG A 570 -24.05 -1.87 12.22
CA ARG A 570 -23.21 -1.67 11.05
C ARG A 570 -22.46 -0.33 11.08
N GLN A 571 -21.54 -0.15 10.14
CA GLN A 571 -20.84 1.11 9.95
C GLN A 571 -21.68 2.10 9.15
N LYS A 572 -21.58 3.37 9.52
CA LYS A 572 -22.21 4.46 8.77
C LYS A 572 -21.56 4.61 7.41
N ASP A 573 -22.38 4.57 6.35
CA ASP A 573 -21.94 4.78 4.96
C ASP A 573 -21.07 3.64 4.41
N VAL A 574 -21.01 2.55 5.16
CA VAL A 574 -20.40 1.29 4.71
C VAL A 574 -21.53 0.34 4.33
N ASP A 575 -21.49 -0.14 3.10
CA ASP A 575 -22.60 -0.90 2.52
C ASP A 575 -22.69 -2.35 3.02
N LYS A 576 -21.62 -3.13 2.78
CA LYS A 576 -21.60 -4.52 3.23
C LYS A 576 -20.53 -4.74 4.30
N GLU A 577 -20.73 -5.77 5.12
CA GLU A 577 -19.76 -6.16 6.14
C GLU A 577 -19.54 -7.67 6.16
N PHE A 578 -18.33 -8.09 5.76
CA PHE A 578 -18.03 -9.51 5.64
C PHE A 578 -17.03 -10.01 6.68
N TYR A 579 -17.23 -11.26 7.09
CA TYR A 579 -16.36 -11.93 8.05
C TYR A 579 -15.91 -13.27 7.49
N LEU A 580 -14.66 -13.36 7.06
CA LEU A 580 -14.10 -14.62 6.57
C LEU A 580 -13.04 -15.17 7.51
N PHE A 581 -13.16 -16.45 7.82
CA PHE A 581 -12.29 -17.14 8.77
C PHE A 581 -11.68 -18.37 8.10
N PRO A 582 -10.71 -18.15 7.21
CA PRO A 582 -10.10 -19.24 6.46
C PRO A 582 -9.12 -20.00 7.34
N THR A 583 -9.30 -21.32 7.44
CA THR A 583 -8.53 -22.16 8.35
C THR A 583 -8.62 -23.65 8.00
N VAL A 584 -7.68 -24.44 8.52
CA VAL A 584 -7.70 -25.90 8.39
C VAL A 584 -8.31 -26.52 9.66
N PHE A 585 -9.60 -26.86 9.60
CA PHE A 585 -10.30 -27.47 10.72
C PHE A 585 -9.85 -28.91 10.98
N ASP A 586 -9.03 -29.09 12.02
CA ASP A 586 -8.49 -30.40 12.39
C ASP A 586 -9.42 -31.11 13.39
N GLU A 587 -10.30 -31.94 12.85
CA GLU A 587 -11.28 -32.67 13.66
C GLU A 587 -10.65 -33.80 14.47
N ASN A 588 -9.40 -34.15 14.12
CA ASN A 588 -8.61 -35.07 14.93
C ASN A 588 -8.37 -34.46 16.31
N GLU A 589 -8.19 -33.15 16.35
CA GLU A 589 -7.99 -32.44 17.60
C GLU A 589 -9.30 -32.19 18.34
N SER A 590 -10.44 -32.42 17.67
CA SER A 590 -11.76 -32.23 18.28
C SER A 590 -12.03 -33.28 19.36
N LEU A 591 -12.65 -32.85 20.46
CA LEU A 591 -13.07 -33.76 21.54
C LEU A 591 -14.22 -34.64 21.07
N LEU A 592 -14.97 -34.13 20.10
CA LEU A 592 -16.01 -34.90 19.43
C LEU A 592 -15.41 -35.77 18.31
N LEU A 593 -14.17 -36.21 18.52
CA LEU A 593 -13.52 -37.16 17.63
C LEU A 593 -14.10 -38.55 17.85
N GLU A 594 -14.16 -38.98 19.12
CA GLU A 594 -14.67 -40.30 19.48
C GLU A 594 -16.14 -40.49 19.10
N ASP A 595 -16.93 -39.42 19.17
CA ASP A 595 -18.32 -39.45 18.73
C ASP A 595 -18.39 -39.64 17.22
N ASN A 596 -17.76 -38.74 16.47
CA ASN A 596 -17.75 -38.75 15.01
C ASN A 596 -17.23 -40.06 14.39
N ILE A 597 -16.32 -40.72 15.11
CA ILE A 597 -15.86 -42.05 14.73
C ILE A 597 -17.03 -43.01 14.82
N ARG A 598 -17.65 -43.11 16.00
CA ARG A 598 -18.72 -44.08 16.27
C ARG A 598 -19.93 -43.90 15.37
N MET A 599 -20.13 -42.67 14.90
CA MET A 599 -21.39 -42.26 14.26
C MET A 599 -21.43 -42.38 12.73
N PHE A 600 -20.31 -42.13 12.05
CA PHE A 600 -20.33 -42.05 10.58
C PHE A 600 -19.54 -43.13 9.83
N THR A 601 -18.51 -43.67 10.47
CA THR A 601 -17.71 -44.74 9.86
C THR A 601 -18.44 -46.09 9.94
N THR A 602 -18.23 -46.92 8.92
CA THR A 602 -18.88 -48.23 8.83
C THR A 602 -18.33 -49.23 9.85
N ALA A 603 -17.00 -49.29 9.97
CA ALA A 603 -16.35 -50.11 10.99
C ALA A 603 -15.59 -49.22 11.98
N PRO A 604 -16.26 -48.86 13.09
CA PRO A 604 -15.69 -47.98 14.12
C PRO A 604 -14.50 -48.61 14.83
N ASP A 605 -14.45 -49.94 14.81
CA ASP A 605 -13.38 -50.72 15.40
C ASP A 605 -12.06 -50.52 14.66
N GLN A 606 -12.14 -50.34 13.35
CA GLN A 606 -10.95 -50.24 12.49
C GLN A 606 -10.32 -48.84 12.44
N VAL A 607 -10.88 -47.91 13.20
CA VAL A 607 -10.41 -46.52 13.16
C VAL A 607 -9.05 -46.36 13.84
N ASP A 608 -8.05 -46.11 13.01
CA ASP A 608 -6.67 -45.90 13.43
C ASP A 608 -6.42 -44.41 13.62
N LYS A 609 -6.36 -43.97 14.87
CA LYS A 609 -6.14 -42.56 15.19
C LYS A 609 -4.73 -42.11 14.83
N GLU A 610 -3.76 -43.03 14.93
CA GLU A 610 -2.35 -42.72 14.66
C GLU A 610 -1.91 -43.09 13.24
N ASP A 611 -2.80 -42.90 12.28
CA ASP A 611 -2.47 -43.10 10.86
C ASP A 611 -2.41 -41.74 10.17
N GLU A 612 -1.40 -41.57 9.31
CA GLU A 612 -1.18 -40.28 8.65
C GLU A 612 -2.12 -40.01 7.46
N ASP A 613 -2.73 -41.07 6.92
CA ASP A 613 -3.75 -40.92 5.87
C ASP A 613 -5.12 -40.57 6.44
N PHE A 614 -5.39 -41.04 7.65
CA PHE A 614 -6.65 -40.79 8.35
C PHE A 614 -6.72 -39.37 8.89
N GLN A 615 -5.59 -38.87 9.38
CA GLN A 615 -5.51 -37.52 9.95
C GLN A 615 -5.82 -36.45 8.89
N GLU A 616 -5.34 -36.67 7.66
CA GLU A 616 -5.56 -35.73 6.56
C GLU A 616 -7.01 -35.70 6.07
N SER A 617 -7.79 -36.70 6.43
CA SER A 617 -9.21 -36.74 6.09
C SER A 617 -10.00 -35.80 6.99
N ASN A 618 -9.78 -35.92 8.29
CA ASN A 618 -10.46 -35.09 9.28
C ASN A 618 -10.00 -33.63 9.20
N LYS A 619 -8.79 -33.42 8.70
CA LYS A 619 -8.33 -32.09 8.33
C LYS A 619 -9.19 -31.61 7.16
N MET A 620 -9.97 -30.56 7.41
CA MET A 620 -10.90 -30.05 6.41
C MET A 620 -10.61 -28.57 6.11
N HIS A 621 -9.90 -28.33 5.01
CA HIS A 621 -9.49 -26.98 4.61
C HIS A 621 -10.68 -26.14 4.18
N SER A 622 -11.08 -25.19 5.04
CA SER A 622 -12.34 -24.49 4.85
C SER A 622 -12.22 -22.97 4.96
N MET A 623 -13.34 -22.30 4.68
CA MET A 623 -13.47 -20.85 4.82
C MET A 623 -14.83 -20.55 5.43
N ASN A 624 -14.84 -20.38 6.75
CA ASN A 624 -16.07 -20.24 7.57
C ASN A 624 -16.80 -21.56 7.80
N GLY A 625 -16.07 -22.67 7.65
CA GLY A 625 -16.65 -24.00 7.77
C GLY A 625 -17.20 -24.54 6.46
N PHE A 626 -16.94 -23.83 5.37
CA PHE A 626 -17.39 -24.21 4.03
C PHE A 626 -16.20 -24.58 3.14
N MET A 627 -16.39 -25.56 2.25
CA MET A 627 -15.30 -26.02 1.40
C MET A 627 -15.65 -26.11 -0.07
N TYR A 628 -14.72 -25.69 -0.92
CA TYR A 628 -14.80 -25.81 -2.38
C TYR A 628 -15.73 -24.82 -3.11
N GLY A 629 -16.25 -23.83 -2.39
CA GLY A 629 -17.09 -22.79 -2.98
C GLY A 629 -18.55 -22.77 -2.54
N ASN A 630 -18.82 -23.35 -1.38
CA ASN A 630 -20.19 -23.52 -0.90
C ASN A 630 -20.74 -22.38 -0.02
N GLN A 631 -19.84 -21.53 0.49
CA GLN A 631 -20.25 -20.37 1.29
C GLN A 631 -21.01 -19.36 0.43
N PRO A 632 -22.27 -19.08 0.80
CA PRO A 632 -23.12 -18.10 0.12
C PRO A 632 -23.12 -16.73 0.81
N GLY A 633 -24.17 -15.94 0.60
CA GLY A 633 -24.34 -14.65 1.28
C GLY A 633 -23.26 -13.61 1.05
N LEU A 634 -22.36 -13.89 0.09
CA LEU A 634 -21.25 -13.00 -0.23
C LEU A 634 -21.56 -12.13 -1.45
N THR A 635 -22.74 -11.47 -1.44
CA THR A 635 -23.17 -10.65 -2.57
C THR A 635 -23.08 -9.16 -2.30
N MET A 636 -22.80 -8.40 -3.36
CA MET A 636 -22.70 -6.93 -3.30
C MET A 636 -22.89 -6.33 -4.70
N CYS A 637 -23.14 -5.02 -4.76
CA CYS A 637 -23.36 -4.32 -6.02
C CYS A 637 -22.10 -3.66 -6.58
N LYS A 638 -22.20 -3.08 -7.77
CA LYS A 638 -21.14 -2.28 -8.38
C LYS A 638 -21.22 -0.83 -7.87
N GLY A 639 -20.59 -0.59 -6.73
CA GLY A 639 -20.58 0.72 -6.08
C GLY A 639 -20.73 0.71 -4.57
N ASP A 640 -20.52 -0.46 -3.96
CA ASP A 640 -20.68 -0.66 -2.51
C ASP A 640 -19.38 -0.42 -1.72
N SER A 641 -19.52 -0.12 -0.44
CA SER A 641 -18.38 0.14 0.44
C SER A 641 -18.06 -1.11 1.28
N VAL A 642 -17.34 -2.04 0.66
CA VAL A 642 -17.12 -3.37 1.23
C VAL A 642 -15.94 -3.41 2.20
N VAL A 643 -16.22 -3.76 3.45
CA VAL A 643 -15.22 -3.82 4.52
C VAL A 643 -15.04 -5.25 5.03
N TRP A 644 -14.04 -5.96 4.49
CA TRP A 644 -13.76 -7.33 4.89
C TRP A 644 -13.00 -7.39 6.21
N TYR A 645 -13.54 -8.15 7.15
CA TYR A 645 -12.88 -8.42 8.42
C TYR A 645 -12.38 -9.87 8.43
N LEU A 646 -11.07 -10.06 8.37
CA LEU A 646 -10.51 -11.41 8.34
C LEU A 646 -9.86 -11.78 9.66
N PHE A 647 -9.83 -13.09 9.93
CA PHE A 647 -9.07 -13.66 11.05
C PHE A 647 -8.79 -15.14 10.83
N SER A 648 -7.80 -15.67 11.54
CA SER A 648 -7.43 -17.09 11.39
C SER A 648 -7.08 -17.76 12.73
N ALA A 649 -6.86 -19.07 12.68
CA ALA A 649 -6.45 -19.88 13.83
C ALA A 649 -5.69 -21.10 13.33
N GLY A 650 -5.20 -21.91 14.27
CA GLY A 650 -4.56 -23.18 13.91
C GLY A 650 -3.12 -23.30 14.34
N ASN A 651 -2.32 -23.93 13.47
CA ASN A 651 -0.92 -24.26 13.79
C ASN A 651 0.06 -23.90 12.67
N GLU A 652 1.24 -24.52 12.67
CA GLU A 652 2.33 -24.17 11.74
C GLU A 652 2.06 -24.53 10.26
N ALA A 653 0.85 -25.00 9.98
CA ALA A 653 0.43 -25.30 8.62
C ALA A 653 -0.48 -24.21 8.06
N ASP A 654 -1.01 -23.38 8.96
CA ASP A 654 -1.96 -22.33 8.60
C ASP A 654 -1.27 -21.04 8.15
N VAL A 655 -0.61 -21.10 6.99
CA VAL A 655 -0.03 -19.92 6.34
C VAL A 655 -0.88 -19.56 5.12
N HIS A 656 -1.75 -18.56 5.29
CA HIS A 656 -2.80 -18.25 4.34
C HIS A 656 -2.46 -17.11 3.38
N GLY A 657 -3.06 -17.19 2.19
CA GLY A 657 -2.99 -16.15 1.17
C GLY A 657 -4.35 -16.00 0.49
N ILE A 658 -5.27 -15.36 1.20
CA ILE A 658 -6.67 -15.22 0.76
C ILE A 658 -6.77 -14.17 -0.36
N TYR A 659 -7.09 -14.65 -1.57
CA TYR A 659 -7.05 -13.84 -2.79
C TYR A 659 -8.43 -13.50 -3.34
N PHE A 660 -8.65 -12.21 -3.60
CA PHE A 660 -9.88 -11.73 -4.25
C PHE A 660 -9.61 -11.41 -5.73
N SER A 661 -10.21 -12.20 -6.62
CA SER A 661 -9.96 -12.07 -8.06
C SER A 661 -10.66 -10.86 -8.66
N GLY A 662 -9.92 -10.12 -9.49
CA GLY A 662 -10.46 -8.97 -10.22
C GLY A 662 -10.88 -7.79 -9.35
N ASN A 663 -10.37 -7.76 -8.12
CA ASN A 663 -10.69 -6.71 -7.15
C ASN A 663 -9.49 -6.39 -6.27
N THR A 664 -9.39 -5.12 -5.86
CA THR A 664 -8.28 -4.67 -5.02
C THR A 664 -8.77 -3.96 -3.76
N TYR A 665 -8.34 -4.46 -2.62
CA TYR A 665 -8.66 -3.85 -1.34
C TYR A 665 -7.55 -2.90 -0.89
N LEU A 666 -7.88 -2.04 0.08
CA LEU A 666 -6.91 -1.16 0.71
C LEU A 666 -6.73 -1.57 2.18
N TRP A 667 -5.48 -1.85 2.55
CA TRP A 667 -5.12 -2.12 3.94
C TRP A 667 -3.99 -1.19 4.34
N ARG A 668 -4.27 -0.31 5.31
CA ARG A 668 -3.30 0.69 5.83
C ARG A 668 -2.58 1.52 4.74
N GLY A 669 -3.32 1.90 3.70
CA GLY A 669 -2.75 2.65 2.58
C GLY A 669 -1.89 1.82 1.65
N GLU A 670 -1.90 0.50 1.86
CA GLU A 670 -1.22 -0.44 0.99
C GLU A 670 -2.26 -1.21 0.17
N ARG A 671 -2.11 -1.17 -1.15
CA ARG A 671 -3.08 -1.76 -2.06
C ARG A 671 -2.66 -3.15 -2.50
N ARG A 672 -3.43 -4.15 -2.10
CA ARG A 672 -3.20 -5.54 -2.51
C ARG A 672 -4.51 -6.20 -2.91
N ASP A 673 -4.43 -7.46 -3.32
CA ASP A 673 -5.61 -8.30 -3.54
C ASP A 673 -5.53 -9.59 -2.71
N THR A 674 -4.31 -9.94 -2.31
CA THR A 674 -4.04 -11.14 -1.53
C THR A 674 -3.69 -10.79 -0.09
N ALA A 675 -4.49 -11.28 0.85
CA ALA A 675 -4.27 -11.01 2.28
C ALA A 675 -3.65 -12.21 2.98
N ASN A 676 -2.77 -11.93 3.94
CA ASN A 676 -2.05 -12.98 4.66
C ASN A 676 -2.52 -13.17 6.08
N LEU A 677 -2.76 -14.43 6.43
CA LEU A 677 -3.24 -14.80 7.77
C LEU A 677 -2.38 -15.87 8.42
N PHE A 678 -2.31 -15.83 9.75
CA PHE A 678 -1.67 -16.86 10.55
C PHE A 678 -2.52 -17.01 11.80
N PRO A 679 -2.37 -18.14 12.54
CA PRO A 679 -3.14 -18.32 13.77
C PRO A 679 -3.27 -17.05 14.61
N GLN A 680 -4.51 -16.63 14.83
CA GLN A 680 -4.87 -15.46 15.67
C GLN A 680 -4.59 -14.08 15.04
N THR A 681 -4.33 -14.04 13.73
CA THR A 681 -4.23 -12.77 13.02
C THR A 681 -5.65 -12.25 12.78
N SER A 682 -5.80 -10.93 12.83
CA SER A 682 -7.09 -10.29 12.56
C SER A 682 -6.92 -8.91 11.92
N LEU A 683 -7.37 -8.79 10.67
CA LEU A 683 -7.17 -7.59 9.85
C LEU A 683 -8.46 -7.10 9.21
N THR A 684 -8.58 -5.79 9.05
CA THR A 684 -9.74 -5.19 8.39
C THR A 684 -9.36 -4.62 7.02
N LEU A 685 -9.76 -5.33 5.96
CA LEU A 685 -9.50 -4.90 4.59
C LEU A 685 -10.68 -4.10 4.05
N HIS A 686 -10.39 -3.00 3.35
CA HIS A 686 -11.44 -2.17 2.76
C HIS A 686 -11.43 -2.26 1.24
N MET A 687 -12.60 -2.47 0.64
CA MET A 687 -12.72 -2.62 -0.80
C MET A 687 -13.96 -1.93 -1.38
N TRP A 688 -13.92 -1.66 -2.69
CA TRP A 688 -15.07 -1.13 -3.43
C TRP A 688 -15.13 -1.77 -4.83
N PRO A 689 -16.17 -2.58 -5.10
CA PRO A 689 -16.25 -3.37 -6.33
C PRO A 689 -16.45 -2.50 -7.57
N ASP A 690 -15.75 -2.88 -8.64
CA ASP A 690 -15.78 -2.11 -9.89
C ASP A 690 -16.16 -2.99 -11.07
N THR A 691 -15.88 -4.29 -10.95
CA THR A 691 -16.20 -5.25 -12.00
C THR A 691 -17.41 -6.10 -11.58
N GLU A 692 -18.39 -6.21 -12.49
CA GLU A 692 -19.56 -7.07 -12.30
C GLU A 692 -19.18 -8.51 -12.63
N GLY A 693 -19.54 -9.45 -11.75
CA GLY A 693 -19.29 -10.86 -12.00
C GLY A 693 -19.16 -11.75 -10.77
N THR A 694 -19.23 -13.07 -11.00
CA THR A 694 -19.05 -14.07 -9.96
C THR A 694 -17.56 -14.38 -9.82
N PHE A 695 -16.92 -13.77 -8.83
CA PHE A 695 -15.47 -13.91 -8.62
C PHE A 695 -15.12 -14.99 -7.58
N ASN A 696 -13.87 -15.01 -7.14
CA ASN A 696 -13.38 -16.06 -6.25
C ASN A 696 -12.73 -15.57 -4.95
N VAL A 697 -12.99 -16.30 -3.87
CA VAL A 697 -12.27 -16.11 -2.60
C VAL A 697 -11.36 -17.32 -2.40
N GLU A 698 -10.31 -17.41 -3.21
CA GLU A 698 -9.41 -18.57 -3.21
C GLU A 698 -8.11 -18.29 -2.43
N CYS A 699 -7.83 -19.17 -1.47
CA CYS A 699 -6.59 -19.12 -0.69
C CYS A 699 -5.45 -19.62 -1.56
N LEU A 700 -4.50 -18.73 -1.87
CA LEU A 700 -3.39 -19.04 -2.79
C LEU A 700 -2.51 -20.22 -2.37
N THR A 701 -2.45 -20.49 -1.07
CA THR A 701 -1.69 -21.62 -0.53
C THR A 701 -2.04 -22.90 -1.28
N THR A 702 -1.07 -23.41 -2.04
CA THR A 702 -1.30 -24.45 -3.05
C THR A 702 -1.81 -25.80 -2.56
N ASP A 703 -1.65 -26.07 -1.27
CA ASP A 703 -2.20 -27.28 -0.65
C ASP A 703 -3.51 -27.03 0.11
N HIS A 704 -3.87 -25.76 0.25
CA HIS A 704 -5.15 -25.38 0.81
C HIS A 704 -6.16 -25.26 -0.32
N TYR A 705 -5.71 -24.71 -1.45
CA TYR A 705 -6.54 -24.45 -2.62
C TYR A 705 -7.18 -25.71 -3.18
N THR A 706 -6.36 -26.71 -3.45
CA THR A 706 -6.85 -28.02 -3.88
C THR A 706 -7.36 -28.79 -2.66
N GLY A 707 -6.95 -28.33 -1.48
CA GLY A 707 -7.34 -28.94 -0.21
C GLY A 707 -8.74 -28.57 0.23
N GLY A 708 -9.28 -27.50 -0.36
CA GLY A 708 -10.68 -27.10 -0.14
C GLY A 708 -10.94 -25.66 0.25
N MET A 709 -9.93 -24.82 0.12
CA MET A 709 -10.03 -23.42 0.52
C MET A 709 -10.14 -22.49 -0.69
N LYS A 710 -11.26 -22.61 -1.40
CA LYS A 710 -11.60 -21.72 -2.53
C LYS A 710 -13.12 -21.49 -2.58
N GLN A 711 -13.53 -20.24 -2.77
CA GLN A 711 -14.95 -19.86 -2.68
C GLN A 711 -15.43 -18.90 -3.79
N LYS A 712 -16.60 -18.30 -3.59
CA LYS A 712 -17.23 -17.42 -4.60
C LYS A 712 -17.94 -16.20 -3.98
N TYR A 713 -17.56 -15.01 -4.44
CA TYR A 713 -18.31 -13.77 -4.11
C TYR A 713 -18.79 -13.07 -5.39
N THR A 714 -20.01 -12.53 -5.34
CA THR A 714 -20.68 -12.00 -6.55
C THR A 714 -20.91 -10.49 -6.51
N VAL A 715 -20.67 -9.86 -7.66
CA VAL A 715 -20.99 -8.45 -7.88
C VAL A 715 -22.06 -8.36 -8.97
N ASN A 716 -23.22 -7.80 -8.62
CA ASN A 716 -24.31 -7.56 -9.56
C ASN A 716 -24.14 -6.23 -10.29
N GLN A 717 -25.22 -5.75 -10.90
CA GLN A 717 -25.31 -4.38 -11.42
C GLN A 717 -26.52 -3.66 -10.85
N CYS A 718 -26.25 -2.76 -9.90
CA CYS A 718 -27.28 -1.96 -9.25
C CYS A 718 -27.13 -0.48 -9.60
N ARG A 719 -26.25 -0.22 -10.58
CA ARG A 719 -26.10 1.10 -11.18
C ARG A 719 -26.02 0.98 -12.69
N ARG A 720 -26.93 1.64 -13.40
CA ARG A 720 -26.96 1.60 -14.85
C ARG A 720 -25.56 1.45 -15.42
N GLN A 721 -25.43 0.66 -16.49
CA GLN A 721 -24.14 0.43 -17.12
C GLN A 721 -23.45 1.76 -17.44
N SER A 722 -23.91 2.41 -18.50
CA SER A 722 -23.34 3.70 -18.91
C SER A 722 -21.94 3.51 -19.49
N GLU A 723 -21.80 3.73 -20.79
CA GLU A 723 -20.51 3.59 -21.47
C GLU A 723 -19.40 4.30 -20.69
N ASP A 724 -18.52 3.51 -20.08
CA ASP A 724 -17.41 4.08 -19.29
C ASP A 724 -16.20 4.29 -20.20
N SER A 725 -15.02 3.85 -19.77
CA SER A 725 -13.80 3.82 -20.60
C SER A 725 -13.46 5.14 -21.33
N THR A 726 -13.74 6.27 -20.69
CA THR A 726 -13.42 7.61 -21.20
C THR A 726 -12.01 8.04 -20.74
N PHE A 727 -11.36 7.13 -20.00
CA PHE A 727 -10.07 7.39 -19.38
C PHE A 727 -9.08 6.32 -19.82
N TYR A 728 -8.31 6.64 -20.86
CA TYR A 728 -7.25 5.78 -21.37
C TYR A 728 -6.01 6.61 -21.66
N LEU A 729 -5.22 6.87 -20.63
CA LEU A 729 -3.96 7.59 -20.78
C LEU A 729 -2.83 6.72 -21.36
N GLY A 730 -3.13 5.44 -21.57
CA GLY A 730 -2.17 4.49 -22.12
C GLY A 730 -2.83 3.32 -22.82
N GLU A 731 -2.17 2.82 -23.87
CA GLU A 731 -2.68 1.73 -24.70
C GLU A 731 -1.54 0.86 -25.24
N ARG A 732 -0.96 0.07 -24.34
CA ARG A 732 0.22 -0.74 -24.66
C ARG A 732 -0.13 -2.11 -25.26
N THR A 733 0.88 -2.79 -25.80
CA THR A 733 0.71 -4.12 -26.40
C THR A 733 1.95 -4.98 -26.22
N TYR A 734 1.77 -6.17 -25.65
CA TYR A 734 2.87 -7.07 -25.32
C TYR A 734 2.69 -8.48 -25.89
N TYR A 735 3.80 -9.17 -26.14
CA TYR A 735 3.78 -10.52 -26.74
C TYR A 735 4.45 -11.58 -25.86
N ILE A 736 3.62 -12.37 -25.18
CA ILE A 736 4.10 -13.43 -24.30
C ILE A 736 3.78 -14.81 -24.91
N ALA A 737 4.61 -15.79 -24.61
CA ALA A 737 4.40 -17.15 -25.09
C ALA A 737 4.85 -18.20 -24.07
N ALA A 738 3.95 -19.11 -23.73
CA ALA A 738 4.26 -20.21 -22.82
C ALA A 738 5.07 -21.27 -23.55
N VAL A 739 6.39 -21.09 -23.52
CA VAL A 739 7.31 -21.95 -24.26
C VAL A 739 7.90 -23.03 -23.35
N GLU A 740 8.34 -24.13 -23.94
CA GLU A 740 8.98 -25.23 -23.22
C GLU A 740 10.47 -25.31 -23.54
N VAL A 741 11.30 -25.25 -22.50
CA VAL A 741 12.74 -25.55 -22.57
C VAL A 741 13.21 -26.27 -21.31
N GLU A 742 14.32 -26.98 -21.44
CA GLU A 742 14.97 -27.63 -20.31
C GLU A 742 15.43 -26.57 -19.32
N TRP A 743 15.02 -26.70 -18.05
CA TRP A 743 15.43 -25.75 -17.02
C TRP A 743 16.49 -26.30 -16.08
N ASP A 744 17.65 -25.64 -16.08
CA ASP A 744 18.76 -26.00 -15.20
C ASP A 744 18.75 -25.11 -13.96
N TYR A 745 18.52 -25.71 -12.80
CA TYR A 745 18.46 -24.99 -11.53
C TYR A 745 19.82 -24.54 -11.02
N SER A 746 20.85 -25.31 -11.39
CA SER A 746 22.23 -24.97 -11.06
C SER A 746 23.16 -25.31 -12.25
N PRO A 747 23.26 -24.40 -13.24
CA PRO A 747 24.07 -24.61 -14.45
C PRO A 747 25.54 -24.89 -14.12
N GLN A 748 26.08 -24.17 -13.14
CA GLN A 748 27.38 -24.45 -12.56
C GLN A 748 27.17 -24.64 -11.06
N ARG A 749 27.64 -25.75 -10.53
CA ARG A 749 27.52 -26.01 -9.10
C ARG A 749 28.77 -25.57 -8.35
N GLU A 750 29.49 -24.59 -8.93
CA GLU A 750 30.76 -24.11 -8.39
C GLU A 750 30.59 -23.20 -7.16
N TRP A 751 29.43 -22.55 -7.07
CA TRP A 751 29.10 -21.72 -5.91
C TRP A 751 28.75 -22.60 -4.70
N GLU A 752 28.32 -23.83 -4.99
CA GLU A 752 27.96 -24.80 -3.96
C GLU A 752 29.17 -25.38 -3.22
N LYS A 753 30.25 -25.69 -3.95
CA LYS A 753 31.46 -26.33 -3.38
C LYS A 753 32.24 -25.42 -2.42
N GLU A 754 32.47 -24.17 -2.86
CA GLU A 754 33.23 -23.18 -2.09
C GLU A 754 32.57 -22.85 -0.76
N LEU A 755 31.25 -22.75 -0.79
CA LEU A 755 30.44 -22.52 0.40
C LEU A 755 30.60 -23.65 1.42
N HIS A 756 30.34 -24.89 0.99
CA HIS A 756 30.51 -26.06 1.85
C HIS A 756 31.95 -26.25 2.30
N HIS A 757 32.90 -26.02 1.40
CA HIS A 757 34.32 -26.08 1.72
C HIS A 757 34.70 -25.06 2.81
N LEU A 758 34.20 -23.83 2.66
CA LEU A 758 34.45 -22.76 3.63
C LEU A 758 33.71 -23.01 4.95
N GLN A 759 32.84 -24.02 4.95
CA GLN A 759 32.14 -24.48 6.15
C GLN A 759 32.72 -25.81 6.64
N GLU A 760 33.74 -26.31 5.93
CA GLU A 760 34.32 -27.64 6.15
C GLU A 760 33.27 -28.73 5.97
N GLN A 761 32.15 -28.33 5.36
CA GLN A 761 30.95 -29.13 5.26
C GLN A 761 31.10 -30.31 4.31
N ASN A 762 30.26 -31.32 4.54
CA ASN A 762 30.29 -32.58 3.82
C ASN A 762 28.94 -33.27 4.05
N VAL A 763 27.99 -33.09 3.15
CA VAL A 763 28.20 -32.29 1.94
C VAL A 763 27.25 -32.82 0.87
N SER A 764 26.35 -33.72 1.27
CA SER A 764 25.42 -34.33 0.33
C SER A 764 24.30 -33.38 -0.07
N ASN A 765 23.89 -33.45 -1.34
CA ASN A 765 22.80 -32.62 -1.84
C ASN A 765 21.62 -33.48 -2.27
N ALA A 766 20.51 -33.37 -1.53
CA ALA A 766 19.32 -34.17 -1.80
C ALA A 766 18.52 -33.68 -3.01
N PHE A 767 18.69 -32.40 -3.34
CA PHE A 767 17.96 -31.78 -4.44
C PHE A 767 18.67 -31.93 -5.78
N LEU A 768 20.00 -31.76 -5.78
CA LEU A 768 20.79 -31.68 -7.01
C LEU A 768 21.52 -32.97 -7.42
N ASP A 769 22.02 -33.72 -6.44
CA ASP A 769 22.75 -34.95 -6.74
C ASP A 769 21.85 -35.99 -7.41
N LYS A 770 22.41 -36.74 -8.35
CA LYS A 770 21.67 -37.76 -9.10
C LYS A 770 21.69 -39.14 -8.45
N GLY A 771 22.83 -39.53 -7.90
CA GLY A 771 22.98 -40.81 -7.23
C GLY A 771 22.80 -41.99 -8.18
N GLU A 772 21.64 -42.66 -8.06
CA GLU A 772 21.36 -43.89 -8.82
C GLU A 772 20.15 -43.78 -9.75
N PHE A 773 19.09 -43.10 -9.29
CA PHE A 773 17.88 -42.95 -10.09
C PHE A 773 17.22 -41.56 -10.07
N TYR A 774 17.72 -40.66 -9.22
CA TYR A 774 17.16 -39.30 -9.09
C TYR A 774 17.44 -38.40 -10.30
N ILE A 775 16.66 -37.33 -10.42
CA ILE A 775 16.70 -36.44 -11.59
C ILE A 775 17.88 -35.47 -11.57
N GLY A 776 18.06 -34.78 -10.45
CA GLY A 776 19.15 -33.82 -10.31
C GLY A 776 18.70 -32.38 -10.39
N SER A 777 19.36 -31.62 -11.26
CA SER A 777 19.13 -30.18 -11.37
C SER A 777 18.31 -29.77 -12.60
N LYS A 778 18.35 -30.61 -13.64
CA LYS A 778 17.72 -30.29 -14.93
C LYS A 778 16.26 -30.80 -15.04
N TYR A 779 15.35 -29.87 -15.32
CA TYR A 779 13.93 -30.19 -15.50
C TYR A 779 13.33 -29.53 -16.73
N LYS A 780 12.51 -30.29 -17.46
CA LYS A 780 11.75 -29.76 -18.60
C LYS A 780 10.52 -28.99 -18.09
N LYS A 781 10.61 -27.66 -18.08
CA LYS A 781 9.55 -26.79 -17.52
C LYS A 781 8.97 -25.81 -18.55
N VAL A 782 7.79 -25.25 -18.27
CA VAL A 782 7.13 -24.34 -19.20
C VAL A 782 7.03 -22.93 -18.63
N VAL A 783 7.64 -21.98 -19.33
CA VAL A 783 7.68 -20.58 -18.87
C VAL A 783 7.13 -19.60 -19.92
N TYR A 784 6.80 -18.39 -19.45
CA TYR A 784 6.49 -17.27 -20.34
C TYR A 784 7.78 -16.69 -20.87
N ARG A 785 7.72 -16.15 -22.10
CA ARG A 785 8.83 -15.38 -22.67
C ARG A 785 8.31 -14.30 -23.63
N GLN A 786 9.16 -13.29 -23.88
CA GLN A 786 8.80 -12.12 -24.70
C GLN A 786 9.25 -12.26 -26.15
N TYR A 787 8.28 -12.13 -27.07
CA TYR A 787 8.55 -12.17 -28.51
C TYR A 787 8.31 -10.79 -29.14
N THR A 788 9.00 -10.53 -30.26
CA THR A 788 8.95 -9.22 -30.91
C THR A 788 7.53 -8.79 -31.29
N ASP A 789 6.82 -9.66 -31.93
CA ASP A 789 5.58 -9.37 -32.64
C ASP A 789 4.63 -10.57 -32.72
N SER A 790 3.67 -10.30 -33.78
CA SER A 790 2.59 -11.27 -34.03
C SER A 790 3.05 -12.54 -34.75
N THR A 791 4.27 -12.50 -35.30
CA THR A 791 4.85 -13.65 -36.00
C THR A 791 5.34 -14.73 -35.04
N PHE A 792 5.76 -14.29 -33.86
CA PHE A 792 6.36 -15.17 -32.84
C PHE A 792 7.51 -15.98 -33.43
N ARG A 793 8.41 -15.29 -34.12
CA ARG A 793 9.61 -15.89 -34.69
C ARG A 793 10.84 -15.32 -34.02
N VAL A 794 10.83 -14.00 -33.79
CA VAL A 794 11.95 -13.31 -33.19
C VAL A 794 11.64 -13.03 -31.72
N PRO A 795 12.33 -13.75 -30.81
CA PRO A 795 12.18 -13.46 -29.39
C PRO A 795 12.99 -12.24 -28.99
N VAL A 796 12.45 -11.49 -28.03
CA VAL A 796 13.14 -10.34 -27.46
C VAL A 796 14.36 -10.82 -26.69
N GLU A 797 15.48 -10.12 -26.85
CA GLU A 797 16.70 -10.48 -26.14
C GLU A 797 16.71 -9.91 -24.73
N ARG A 798 17.03 -10.77 -23.77
CA ARG A 798 17.06 -10.42 -22.36
C ARG A 798 18.36 -9.70 -22.05
N LYS A 799 18.26 -8.38 -21.84
CA LYS A 799 19.40 -7.52 -21.58
C LYS A 799 19.99 -7.76 -20.18
N ALA A 800 21.21 -7.27 -19.99
CA ALA A 800 21.99 -7.54 -18.77
C ALA A 800 21.29 -7.12 -17.47
N GLU A 801 20.58 -6.00 -17.51
CA GLU A 801 19.86 -5.53 -16.32
C GLU A 801 18.65 -6.40 -16.02
N GLU A 802 18.10 -7.01 -17.05
CA GLU A 802 16.95 -7.90 -16.91
C GLU A 802 17.35 -9.39 -16.92
N GLU A 803 18.65 -9.65 -16.74
CA GLU A 803 19.18 -11.00 -16.72
C GLU A 803 18.86 -11.73 -15.42
N HIS A 804 18.53 -10.98 -14.37
CA HIS A 804 18.25 -11.53 -13.05
C HIS A 804 16.90 -12.26 -12.95
N LEU A 805 16.05 -12.07 -13.96
CA LEU A 805 14.72 -12.66 -14.01
C LEU A 805 14.73 -14.17 -13.80
N GLY A 806 15.65 -14.85 -14.51
CA GLY A 806 15.74 -16.30 -14.46
C GLY A 806 14.48 -16.93 -15.01
N ILE A 807 13.86 -17.79 -14.20
CA ILE A 807 12.68 -18.58 -14.58
C ILE A 807 11.46 -17.71 -14.84
N LEU A 808 11.48 -16.50 -14.30
CA LEU A 808 10.39 -15.56 -14.45
C LEU A 808 10.35 -14.99 -15.86
N GLY A 809 9.15 -14.56 -16.27
CA GLY A 809 8.95 -13.97 -17.59
C GLY A 809 9.26 -12.49 -17.62
N PRO A 810 9.07 -11.85 -18.79
CA PRO A 810 9.33 -10.43 -19.01
C PRO A 810 8.67 -9.49 -17.99
N GLN A 811 9.36 -8.42 -17.63
CA GLN A 811 8.85 -7.43 -16.69
C GLN A 811 7.85 -6.52 -17.39
N LEU A 812 6.58 -6.76 -17.11
CA LEU A 812 5.49 -5.99 -17.69
C LEU A 812 5.31 -4.71 -16.91
N HIS A 813 5.33 -3.59 -17.62
CA HIS A 813 5.13 -2.29 -17.01
C HIS A 813 3.80 -1.68 -17.45
N ALA A 814 2.98 -1.33 -16.45
CA ALA A 814 1.71 -0.68 -16.67
C ALA A 814 1.59 0.56 -15.79
N ASP A 815 1.21 1.69 -16.39
CA ASP A 815 1.07 2.96 -15.65
C ASP A 815 -0.39 3.33 -15.44
N VAL A 816 -0.73 3.67 -14.20
CA VAL A 816 -2.11 4.04 -13.85
C VAL A 816 -2.80 4.76 -15.00
N GLY A 817 -3.73 4.07 -15.66
CA GLY A 817 -4.48 4.65 -16.77
C GLY A 817 -4.17 3.97 -18.09
N ASP A 818 -3.34 2.95 -18.05
CA ASP A 818 -2.98 2.22 -19.27
C ASP A 818 -3.99 1.14 -19.67
N LYS A 819 -3.85 0.69 -20.91
CA LYS A 819 -4.62 -0.41 -21.45
C LYS A 819 -3.60 -1.42 -21.98
N VAL A 820 -3.25 -2.41 -21.15
CA VAL A 820 -2.19 -3.38 -21.48
C VAL A 820 -2.73 -4.54 -22.33
N LYS A 821 -2.31 -4.58 -23.58
CA LYS A 821 -2.68 -5.67 -24.47
C LYS A 821 -1.63 -6.77 -24.39
N ILE A 822 -2.10 -7.99 -24.11
CA ILE A 822 -1.27 -9.18 -24.14
C ILE A 822 -1.75 -10.04 -25.31
N ILE A 823 -0.95 -10.09 -26.36
CA ILE A 823 -1.26 -10.93 -27.52
C ILE A 823 -0.58 -12.29 -27.30
N PHE A 824 -1.15 -13.07 -26.40
CA PHE A 824 -0.55 -14.32 -25.94
C PHE A 824 -0.55 -15.41 -27.00
N LYS A 825 0.47 -16.27 -26.95
CA LYS A 825 0.45 -17.53 -27.70
C LYS A 825 0.83 -18.69 -26.80
N ASN A 826 0.24 -19.86 -27.07
CA ASN A 826 0.50 -21.07 -26.30
C ASN A 826 1.26 -22.12 -27.13
N MET A 827 2.59 -21.99 -27.15
CA MET A 827 3.46 -22.89 -27.91
C MET A 827 3.65 -24.23 -27.22
N ALA A 828 3.25 -24.29 -25.94
CA ALA A 828 3.30 -25.52 -25.16
C ALA A 828 2.36 -26.59 -25.73
N THR A 829 2.54 -27.83 -25.29
CA THR A 829 1.78 -28.97 -25.84
C THR A 829 0.41 -29.18 -25.18
N ARG A 830 0.14 -28.43 -24.11
CA ARG A 830 -1.13 -28.50 -23.40
C ARG A 830 -1.68 -27.11 -23.02
N PRO A 831 -3.01 -26.99 -22.77
CA PRO A 831 -3.66 -25.69 -22.50
C PRO A 831 -3.08 -24.89 -21.32
N TYR A 832 -2.76 -23.62 -21.59
CA TYR A 832 -2.37 -22.65 -20.56
C TYR A 832 -3.10 -21.32 -20.74
N SER A 833 -2.92 -20.39 -19.81
CA SER A 833 -3.62 -19.11 -19.85
C SER A 833 -2.81 -17.99 -19.18
N ILE A 834 -2.92 -16.77 -19.70
CA ILE A 834 -2.26 -15.62 -19.08
C ILE A 834 -3.28 -14.71 -18.37
N HIS A 835 -2.96 -14.34 -17.13
CA HIS A 835 -3.84 -13.53 -16.28
C HIS A 835 -3.03 -12.93 -15.13
N ALA A 836 -3.47 -11.78 -14.63
CA ALA A 836 -2.72 -11.06 -13.63
C ALA A 836 -3.38 -11.07 -12.25
N HIS A 837 -2.69 -10.46 -11.28
CA HIS A 837 -3.24 -10.18 -9.96
C HIS A 837 -3.71 -8.72 -9.88
N GLY A 838 -4.94 -8.52 -9.42
CA GLY A 838 -5.48 -7.19 -9.13
C GLY A 838 -5.78 -6.29 -10.32
N VAL A 839 -5.41 -6.74 -11.52
CA VAL A 839 -5.66 -6.00 -12.74
C VAL A 839 -7.13 -6.13 -13.14
N GLN A 840 -7.73 -5.02 -13.56
CA GLN A 840 -9.12 -5.00 -14.00
C GLN A 840 -9.27 -5.66 -15.35
N THR A 841 -10.26 -6.56 -15.45
CA THR A 841 -10.62 -7.19 -16.70
C THR A 841 -12.11 -6.99 -16.99
N GLU A 842 -12.54 -7.47 -18.14
CA GLU A 842 -13.92 -7.32 -18.57
C GLU A 842 -14.86 -8.28 -17.85
N SER A 843 -14.47 -9.55 -17.82
CA SER A 843 -15.34 -10.64 -17.36
C SER A 843 -14.92 -11.21 -15.99
N SER A 844 -15.57 -12.29 -15.60
CA SER A 844 -15.20 -13.07 -14.41
C SER A 844 -14.44 -14.34 -14.78
N THR A 845 -14.28 -14.59 -16.08
CA THR A 845 -13.61 -15.79 -16.58
C THR A 845 -12.44 -15.49 -17.52
N VAL A 846 -11.34 -16.22 -17.30
CA VAL A 846 -10.19 -16.20 -18.20
C VAL A 846 -10.21 -17.47 -19.04
N THR A 847 -10.32 -17.30 -20.35
CA THR A 847 -10.40 -18.43 -21.28
C THR A 847 -9.01 -19.00 -21.53
N PRO A 848 -8.85 -20.34 -21.43
CA PRO A 848 -7.58 -21.01 -21.76
C PRO A 848 -7.30 -21.05 -23.26
N THR A 849 -6.04 -20.91 -23.64
CA THR A 849 -5.62 -21.04 -25.03
C THR A 849 -4.94 -22.37 -25.30
N LEU A 850 -5.10 -22.89 -26.52
CA LEU A 850 -4.65 -24.24 -26.86
C LEU A 850 -3.39 -24.28 -27.75
N PRO A 851 -2.71 -25.45 -27.83
CA PRO A 851 -1.55 -25.72 -28.69
C PRO A 851 -1.64 -25.19 -30.12
N GLY A 852 -1.06 -24.01 -30.34
CA GLY A 852 -1.04 -23.36 -31.65
C GLY A 852 -1.87 -22.10 -31.75
N GLU A 853 -2.81 -21.94 -30.82
CA GLU A 853 -3.80 -20.85 -30.85
C GLU A 853 -3.27 -19.50 -30.35
N THR A 854 -3.88 -18.43 -30.85
CA THR A 854 -3.59 -17.06 -30.42
C THR A 854 -4.86 -16.36 -29.90
N LEU A 855 -4.73 -15.66 -28.78
CA LEU A 855 -5.84 -14.88 -28.22
C LEU A 855 -5.32 -13.55 -27.65
N THR A 856 -6.26 -12.63 -27.44
CA THR A 856 -5.93 -11.32 -26.89
C THR A 856 -6.67 -11.13 -25.56
N TYR A 857 -5.92 -10.80 -24.50
CA TYR A 857 -6.49 -10.65 -23.16
C TYR A 857 -6.42 -9.19 -22.74
N VAL A 858 -7.58 -8.52 -22.67
CA VAL A 858 -7.63 -7.10 -22.30
C VAL A 858 -7.32 -6.93 -20.81
N TRP A 859 -6.31 -6.10 -20.53
CA TRP A 859 -5.88 -5.81 -19.17
C TRP A 859 -6.03 -4.31 -18.91
N LYS A 860 -7.08 -3.93 -18.17
CA LYS A 860 -7.32 -2.52 -17.81
C LYS A 860 -6.59 -2.12 -16.53
N ILE A 861 -6.04 -0.91 -16.52
CA ILE A 861 -5.31 -0.41 -15.36
C ILE A 861 -6.00 0.86 -14.82
N PRO A 862 -6.97 0.69 -13.91
CA PRO A 862 -7.59 1.83 -13.22
C PRO A 862 -6.69 2.42 -12.12
N GLU A 863 -7.27 3.27 -11.27
CA GLU A 863 -6.57 3.80 -10.09
C GLU A 863 -6.41 2.71 -9.04
N ARG A 864 -7.41 1.84 -8.94
CA ARG A 864 -7.45 0.79 -7.92
C ARG A 864 -6.44 -0.34 -8.15
N SER A 865 -5.96 -0.46 -9.38
CA SER A 865 -4.92 -1.43 -9.71
C SER A 865 -3.52 -0.84 -9.53
N GLY A 866 -3.46 0.45 -9.21
CA GLY A 866 -2.20 1.15 -8.96
C GLY A 866 -1.84 1.24 -7.49
N ALA A 867 -0.71 1.91 -7.21
CA ALA A 867 -0.23 2.06 -5.85
C ALA A 867 -1.17 2.94 -5.00
N GLY A 868 -1.22 2.66 -3.70
CA GLY A 868 -1.98 3.46 -2.75
C GLY A 868 -1.18 4.63 -2.22
N THR A 869 -1.85 5.53 -1.51
CA THR A 869 -1.24 6.74 -0.96
C THR A 869 -0.04 6.44 -0.04
N GLU A 870 -0.01 5.22 0.50
CA GLU A 870 1.13 4.76 1.29
C GLU A 870 1.97 3.69 0.59
N ASP A 871 1.64 3.40 -0.68
CA ASP A 871 2.45 2.52 -1.52
C ASP A 871 3.46 3.33 -2.32
N SER A 872 4.63 2.75 -2.56
CA SER A 872 5.58 3.29 -3.53
C SER A 872 5.00 3.15 -4.93
N ALA A 873 4.97 4.25 -5.68
CA ALA A 873 4.28 4.34 -6.98
C ALA A 873 4.43 3.08 -7.84
N CYS A 874 5.65 2.55 -7.92
CA CYS A 874 5.89 1.26 -8.56
C CYS A 874 5.71 0.10 -7.59
N ILE A 875 4.62 -0.63 -7.77
CA ILE A 875 4.31 -1.83 -7.01
C ILE A 875 4.23 -3.04 -7.96
N PRO A 876 4.52 -4.26 -7.46
CA PRO A 876 4.40 -5.43 -8.31
C PRO A 876 3.07 -6.20 -8.17
N TRP A 877 2.61 -6.77 -9.29
CA TRP A 877 1.54 -7.77 -9.30
C TRP A 877 2.06 -9.05 -9.94
N ALA A 878 1.49 -10.18 -9.55
CA ALA A 878 1.89 -11.46 -10.13
C ALA A 878 1.01 -11.88 -11.29
N TYR A 879 1.58 -11.97 -12.49
CA TYR A 879 0.83 -12.51 -13.62
C TYR A 879 1.08 -13.99 -13.78
N TYR A 880 -0.02 -14.76 -13.76
CA TYR A 880 0.02 -16.21 -13.60
C TYR A 880 -0.84 -16.96 -14.63
N SER A 881 -1.18 -18.22 -14.33
CA SER A 881 -2.01 -19.05 -15.20
C SER A 881 -3.24 -19.61 -14.49
N THR A 882 -4.39 -19.57 -15.17
CA THR A 882 -5.68 -19.96 -14.57
C THR A 882 -6.21 -21.34 -14.99
N VAL A 883 -5.45 -22.08 -15.79
CA VAL A 883 -5.83 -23.44 -16.21
C VAL A 883 -5.65 -24.44 -15.06
N ASP A 884 -4.59 -24.24 -14.28
CA ASP A 884 -4.31 -25.02 -13.07
C ASP A 884 -3.32 -24.23 -12.20
N GLN A 885 -3.83 -23.20 -11.51
CA GLN A 885 -3.01 -22.27 -10.73
C GLN A 885 -2.09 -22.97 -9.72
N VAL A 886 -2.40 -24.22 -9.39
CA VAL A 886 -1.56 -25.03 -8.52
C VAL A 886 -0.42 -25.66 -9.32
N LYS A 887 -0.78 -26.33 -10.42
CA LYS A 887 0.19 -27.10 -11.21
C LYS A 887 0.96 -26.29 -12.26
N ASP A 888 0.29 -25.36 -12.91
CA ASP A 888 0.93 -24.46 -13.88
C ASP A 888 2.01 -23.63 -13.22
N LEU A 889 1.69 -23.13 -12.02
CA LEU A 889 2.63 -22.43 -11.17
C LEU A 889 3.93 -23.22 -11.05
N TYR A 890 3.81 -24.48 -10.64
CA TYR A 890 4.95 -25.36 -10.46
C TYR A 890 5.49 -25.92 -11.78
N SER A 891 4.73 -25.75 -12.86
CA SER A 891 5.18 -26.14 -14.19
C SER A 891 6.07 -25.05 -14.78
N GLY A 892 5.93 -23.84 -14.26
CA GLY A 892 6.82 -22.74 -14.61
C GLY A 892 6.13 -21.49 -15.13
N LEU A 893 4.86 -21.31 -14.78
CA LEU A 893 4.14 -20.11 -15.21
C LEU A 893 3.99 -19.05 -14.12
N ILE A 894 4.89 -18.06 -14.19
CA ILE A 894 4.94 -16.92 -13.28
C ILE A 894 5.59 -15.71 -13.97
N GLY A 895 5.21 -14.51 -13.53
CA GLY A 895 5.80 -13.28 -14.06
C GLY A 895 5.41 -12.02 -13.30
N PRO A 896 6.30 -11.00 -13.34
CA PRO A 896 6.08 -9.74 -12.64
C PRO A 896 5.43 -8.65 -13.49
N LEU A 897 4.30 -8.14 -13.00
CA LEU A 897 3.65 -6.97 -13.56
C LEU A 897 4.01 -5.79 -12.68
N ILE A 898 4.50 -4.73 -13.29
CA ILE A 898 4.88 -3.54 -12.53
C ILE A 898 3.95 -2.36 -12.83
N VAL A 899 2.97 -2.18 -11.96
CA VAL A 899 2.01 -1.10 -12.09
C VAL A 899 2.47 0.11 -11.29
N CYS A 900 2.93 1.12 -12.01
CA CYS A 900 3.42 2.35 -11.42
C CYS A 900 2.35 3.44 -11.54
N ARG A 901 2.70 4.66 -11.14
CA ARG A 901 1.78 5.78 -11.17
C ARG A 901 1.60 6.37 -12.57
N ARG A 902 2.19 7.54 -12.79
CA ARG A 902 2.03 8.28 -14.06
C ARG A 902 3.35 8.73 -14.72
N PRO A 903 3.99 9.81 -14.21
CA PRO A 903 5.15 10.34 -14.94
C PRO A 903 6.47 9.59 -14.69
N TYR A 904 6.38 8.30 -14.38
CA TYR A 904 7.57 7.45 -14.20
C TYR A 904 8.26 7.10 -15.52
N LEU A 905 7.48 6.66 -16.50
CA LEU A 905 8.01 5.98 -17.70
C LEU A 905 9.14 6.71 -18.44
N LYS A 906 9.25 8.03 -18.26
CA LYS A 906 10.26 8.85 -18.95
C LYS A 906 9.90 8.88 -20.43
N VAL A 907 8.76 8.30 -20.80
CA VAL A 907 8.38 8.20 -22.21
C VAL A 907 9.36 7.35 -23.02
N PHE A 908 10.37 6.80 -22.34
CA PHE A 908 11.41 6.02 -23.01
C PHE A 908 11.63 4.68 -22.33
N ASN A 909 12.89 4.39 -22.00
CA ASN A 909 13.24 3.11 -21.38
C ASN A 909 14.26 3.25 -20.25
N PRO A 910 15.54 3.25 -20.61
CA PRO A 910 16.63 3.29 -19.61
C PRO A 910 16.53 4.46 -18.62
N ARG A 911 16.41 4.12 -17.34
CA ARG A 911 16.17 5.07 -16.27
C ARG A 911 17.04 4.71 -15.05
N ARG A 912 17.56 5.72 -14.37
CA ARG A 912 18.47 5.50 -13.24
C ARG A 912 17.74 5.11 -11.94
N LYS A 913 16.95 4.05 -12.01
CA LYS A 913 16.22 3.52 -10.86
C LYS A 913 16.18 2.01 -10.94
N LEU A 914 17.37 1.40 -10.94
CA LEU A 914 17.50 -0.05 -11.02
C LEU A 914 16.27 -0.77 -10.49
N GLU A 915 15.69 -1.63 -11.33
CA GLU A 915 14.53 -2.43 -10.94
C GLU A 915 14.81 -3.93 -10.99
N PHE A 916 14.70 -4.56 -9.82
CA PHE A 916 14.88 -6.00 -9.69
C PHE A 916 13.62 -6.68 -9.19
N ALA A 917 13.34 -7.86 -9.74
CA ALA A 917 12.20 -8.67 -9.32
C ALA A 917 12.66 -10.06 -8.89
N LEU A 918 12.24 -10.47 -7.69
CA LEU A 918 12.66 -11.75 -7.12
C LEU A 918 11.47 -12.56 -6.62
N LEU A 919 11.26 -13.73 -7.22
CA LEU A 919 10.24 -14.66 -6.77
C LEU A 919 10.81 -15.67 -5.77
N PHE A 920 10.23 -15.68 -4.57
CA PHE A 920 10.61 -16.62 -3.53
C PHE A 920 9.59 -17.75 -3.45
N LEU A 921 9.95 -18.89 -4.05
CA LEU A 921 9.07 -20.05 -4.12
C LEU A 921 9.84 -21.38 -4.09
N VAL A 922 9.36 -22.29 -3.24
CA VAL A 922 9.81 -23.68 -3.28
C VAL A 922 9.08 -24.35 -4.44
N PHE A 923 9.80 -24.58 -5.54
CA PHE A 923 9.22 -25.19 -6.72
C PHE A 923 9.04 -26.70 -6.51
N ASP A 924 7.79 -27.10 -6.32
CA ASP A 924 7.42 -28.51 -6.14
C ASP A 924 7.36 -29.20 -7.50
N GLU A 925 8.47 -29.81 -7.90
CA GLU A 925 8.58 -30.44 -9.22
C GLU A 925 7.64 -31.62 -9.38
N ASN A 926 7.26 -32.23 -8.25
CA ASN A 926 6.20 -33.23 -8.21
C ASN A 926 4.91 -32.69 -8.84
N GLU A 927 4.55 -31.47 -8.46
CA GLU A 927 3.29 -30.85 -8.87
C GLU A 927 3.37 -30.16 -10.22
N SER A 928 4.14 -30.75 -11.14
CA SER A 928 4.25 -30.24 -12.50
C SER A 928 3.50 -31.17 -13.45
N TRP A 929 3.25 -30.67 -14.66
CA TRP A 929 2.65 -31.47 -15.73
C TRP A 929 3.70 -32.33 -16.45
N TYR A 930 4.97 -32.11 -16.11
CA TYR A 930 6.10 -32.71 -16.81
C TYR A 930 6.98 -33.57 -15.91
N LEU A 931 6.43 -34.01 -14.78
CA LEU A 931 7.13 -34.90 -13.86
C LEU A 931 7.43 -36.24 -14.53
N ASP A 932 6.39 -36.85 -15.07
CA ASP A 932 6.50 -38.15 -15.75
C ASP A 932 7.38 -38.08 -17.00
N ASP A 933 7.65 -36.84 -17.44
CA ASP A 933 8.56 -36.56 -18.54
C ASP A 933 9.98 -36.30 -18.03
N ASN A 934 10.08 -35.82 -16.79
CA ASN A 934 11.37 -35.67 -16.12
C ASN A 934 11.90 -37.01 -15.61
N ILE A 935 10.98 -37.93 -15.29
CA ILE A 935 11.32 -39.27 -14.81
C ILE A 935 11.86 -40.15 -15.94
N LYS A 936 11.46 -39.86 -17.16
CA LYS A 936 11.83 -40.68 -18.32
C LYS A 936 13.07 -40.15 -19.07
N THR A 937 13.20 -38.83 -19.18
CA THR A 937 14.26 -38.19 -19.97
C THR A 937 15.62 -38.18 -19.28
N TYR A 938 15.64 -37.77 -18.01
CA TYR A 938 16.90 -37.50 -17.31
C TYR A 938 17.36 -38.55 -16.30
N SER A 939 16.43 -39.41 -15.86
CA SER A 939 16.76 -40.47 -14.89
C SER A 939 17.51 -41.62 -15.54
N ASP A 940 18.52 -42.12 -14.82
CA ASP A 940 19.27 -43.28 -15.26
C ASP A 940 18.42 -44.55 -15.15
N HIS A 941 17.69 -44.68 -14.04
CA HIS A 941 16.83 -45.83 -13.81
C HIS A 941 15.39 -45.44 -13.46
N PRO A 942 14.54 -45.21 -14.49
CA PRO A 942 13.14 -44.84 -14.30
C PRO A 942 12.30 -45.95 -13.68
N GLU A 943 12.68 -47.21 -13.92
CA GLU A 943 11.98 -48.37 -13.35
C GLU A 943 12.22 -48.56 -11.84
N LYS A 944 12.76 -47.53 -11.19
CA LYS A 944 12.99 -47.54 -9.76
C LYS A 944 12.57 -46.21 -9.11
N VAL A 945 11.52 -45.60 -9.67
CA VAL A 945 10.99 -44.34 -9.16
C VAL A 945 9.55 -44.53 -8.69
N ASN A 946 9.34 -44.39 -7.38
CA ASN A 946 8.00 -44.41 -6.80
C ASN A 946 7.64 -43.01 -6.30
N LYS A 947 6.69 -42.37 -7.00
CA LYS A 947 6.33 -40.98 -6.73
C LYS A 947 5.83 -40.73 -5.30
N ASP A 948 5.42 -41.81 -4.64
CA ASP A 948 4.90 -41.75 -3.27
C ASP A 948 5.98 -41.99 -2.19
N ASP A 949 7.22 -41.68 -2.52
CA ASP A 949 8.30 -41.72 -1.52
C ASP A 949 8.71 -40.30 -1.14
N GLU A 950 8.79 -40.07 0.17
CA GLU A 950 9.10 -38.76 0.72
C GLU A 950 10.52 -38.32 0.39
N GLU A 951 11.43 -39.29 0.27
CA GLU A 951 12.82 -39.02 -0.09
C GLU A 951 12.94 -38.51 -1.53
N PHE A 952 12.07 -39.02 -2.40
CA PHE A 952 12.02 -38.58 -3.80
C PHE A 952 11.17 -37.32 -3.98
N ILE A 953 10.13 -37.19 -3.15
CA ILE A 953 9.32 -35.96 -3.11
C ILE A 953 10.16 -34.78 -2.62
N GLU A 954 11.02 -35.05 -1.64
CA GLU A 954 12.00 -34.05 -1.18
C GLU A 954 13.10 -33.81 -2.20
N SER A 955 13.45 -34.84 -2.98
CA SER A 955 14.47 -34.70 -4.03
C SER A 955 14.03 -33.80 -5.19
N ASN A 956 12.75 -33.43 -5.18
CA ASN A 956 12.15 -32.62 -6.25
C ASN A 956 11.40 -31.35 -5.78
N LYS A 957 11.78 -30.82 -4.62
CA LYS A 957 11.30 -29.52 -4.16
C LYS A 957 12.45 -28.52 -4.21
N MET A 958 12.77 -28.06 -5.41
CA MET A 958 13.91 -27.19 -5.64
C MET A 958 13.63 -25.80 -5.09
N HIS A 959 14.25 -25.36 -3.88
CA HIS A 959 14.16 -24.16 -3.07
C HIS A 959 14.94 -23.03 -3.74
N ALA A 960 14.22 -22.32 -4.83
CA ALA A 960 14.92 -21.40 -5.72
C ALA A 960 14.25 -20.04 -5.88
N ILE A 961 15.02 -18.99 -5.60
CA ILE A 961 14.62 -17.62 -5.92
C ILE A 961 14.74 -17.45 -7.43
N ASN A 962 13.70 -16.94 -8.06
CA ASN A 962 13.69 -16.73 -9.52
C ASN A 962 14.06 -17.97 -10.33
N GLY A 963 14.00 -19.15 -9.70
CA GLY A 963 14.30 -20.42 -10.37
C GLY A 963 15.77 -20.82 -10.41
N ARG A 964 16.59 -20.19 -9.58
CA ARG A 964 18.02 -20.50 -9.48
C ARG A 964 18.47 -20.60 -8.03
N MET A 965 19.28 -21.77 -7.67
CA MET A 965 19.71 -22.21 -6.36
C MET A 965 21.22 -21.99 -6.18
N PHE A 966 21.68 -22.02 -4.94
CA PHE A 966 23.11 -21.94 -4.61
C PHE A 966 23.88 -20.96 -5.50
N GLY A 967 23.70 -19.80 -5.05
CA GLY A 967 24.39 -18.68 -5.68
C GLY A 967 24.52 -18.82 -7.18
N ASN A 968 23.39 -19.04 -7.85
CA ASN A 968 23.34 -19.21 -9.30
C ASN A 968 22.74 -18.02 -10.02
N LEU A 969 21.96 -17.24 -9.27
CA LEU A 969 21.25 -16.10 -9.81
C LEU A 969 22.19 -14.91 -10.00
N GLN A 970 22.62 -14.71 -11.25
CA GLN A 970 23.51 -13.62 -11.61
C GLN A 970 22.71 -12.34 -11.83
N GLY A 971 23.26 -11.44 -12.64
CA GLY A 971 22.55 -10.23 -13.05
C GLY A 971 22.38 -9.16 -11.99
N LEU A 972 22.36 -9.57 -10.73
CA LEU A 972 22.22 -8.64 -9.62
C LEU A 972 23.50 -7.82 -9.44
N THR A 973 23.47 -6.60 -9.99
CA THR A 973 24.59 -5.65 -9.92
C THR A 973 24.10 -4.20 -9.93
N MET A 974 24.62 -3.42 -8.98
CA MET A 974 24.24 -2.02 -8.79
C MET A 974 25.47 -1.17 -8.49
N HIS A 975 25.36 0.14 -8.69
CA HIS A 975 26.46 1.06 -8.39
C HIS A 975 26.32 1.70 -7.01
N VAL A 976 27.46 2.13 -6.47
CA VAL A 976 27.48 2.90 -5.23
C VAL A 976 26.80 4.24 -5.50
N GLY A 977 25.79 4.57 -4.67
CA GLY A 977 25.03 5.80 -4.84
C GLY A 977 23.92 5.65 -5.86
N ASP A 978 23.28 4.48 -5.88
CA ASP A 978 22.15 4.17 -6.74
C ASP A 978 20.87 3.95 -5.93
N GLU A 979 19.72 4.16 -6.58
CA GLU A 979 18.45 3.81 -6.00
C GLU A 979 17.99 2.50 -6.66
N VAL A 980 18.00 1.42 -5.88
CA VAL A 980 17.72 0.09 -6.39
C VAL A 980 16.40 -0.46 -5.87
N ASN A 981 15.43 -0.60 -6.77
CA ASN A 981 14.13 -1.16 -6.44
C ASN A 981 14.14 -2.68 -6.41
N TRP A 982 13.52 -3.25 -5.38
CA TRP A 982 13.35 -4.68 -5.28
C TRP A 982 11.87 -5.02 -5.21
N TYR A 983 11.40 -5.78 -6.20
CA TYR A 983 10.04 -6.29 -6.19
C TYR A 983 10.11 -7.76 -5.78
N LEU A 984 9.56 -8.07 -4.61
CA LEU A 984 9.59 -9.43 -4.08
C LEU A 984 8.20 -10.09 -4.15
N MET A 985 8.12 -11.20 -4.87
CA MET A 985 6.86 -11.93 -5.07
C MET A 985 6.80 -13.20 -4.23
N GLY A 986 5.67 -13.45 -3.60
CA GLY A 986 5.47 -14.66 -2.82
C GLY A 986 4.39 -15.54 -3.39
N MET A 987 4.72 -16.81 -3.66
CA MET A 987 3.77 -17.79 -4.16
C MET A 987 4.02 -19.17 -3.52
N GLY A 988 3.08 -20.10 -3.67
CA GLY A 988 3.32 -21.48 -3.30
C GLY A 988 2.48 -22.11 -2.20
N ASN A 989 3.17 -22.75 -1.25
CA ASN A 989 2.56 -23.70 -0.30
C ASN A 989 2.66 -23.29 1.19
N GLU A 990 2.27 -24.21 2.07
CA GLU A 990 2.31 -24.01 3.53
C GLU A 990 3.74 -23.80 4.00
N ILE A 991 4.65 -24.55 3.40
CA ILE A 991 6.08 -24.47 3.69
C ILE A 991 6.77 -23.38 2.86
N ASP A 992 5.97 -22.54 2.20
CA ASP A 992 6.48 -21.43 1.39
C ASP A 992 6.43 -20.08 2.12
N LEU A 993 6.68 -20.10 3.42
CA LEU A 993 6.94 -18.86 4.15
C LEU A 993 8.43 -18.55 4.04
N HIS A 994 8.74 -17.38 3.50
CA HIS A 994 10.12 -17.01 3.21
C HIS A 994 10.53 -15.70 3.86
N THR A 995 11.60 -15.77 4.64
CA THR A 995 12.16 -14.60 5.33
C THR A 995 13.35 -14.04 4.54
N VAL A 996 13.07 -13.08 3.67
CA VAL A 996 14.07 -12.51 2.76
C VAL A 996 15.00 -11.53 3.47
N HIS A 997 16.30 -11.86 3.45
CA HIS A 997 17.31 -11.08 4.16
C HIS A 997 18.45 -10.65 3.24
N PHE A 998 18.80 -9.37 3.30
CA PHE A 998 19.91 -8.80 2.53
C PHE A 998 21.12 -8.59 3.44
N HIS A 999 22.29 -9.06 3.00
CA HIS A 999 23.54 -8.81 3.72
C HIS A 999 24.13 -7.45 3.36
N GLY A 1000 24.76 -6.79 4.32
CA GLY A 1000 25.48 -5.54 4.05
C GLY A 1000 24.66 -4.28 3.98
N HIS A 1001 23.41 -4.41 3.54
CA HIS A 1001 22.50 -3.27 3.44
C HIS A 1001 21.07 -3.64 3.78
N SER A 1002 20.32 -2.66 4.26
CA SER A 1002 18.89 -2.83 4.53
C SER A 1002 18.06 -2.13 3.45
N PHE A 1003 16.73 -2.25 3.56
CA PHE A 1003 15.80 -1.55 2.67
C PHE A 1003 14.88 -0.60 3.46
N GLN A 1004 13.93 0.01 2.75
CA GLN A 1004 12.96 0.90 3.36
C GLN A 1004 11.62 0.76 2.63
N TYR A 1005 10.56 0.48 3.38
CA TYR A 1005 9.24 0.33 2.80
C TYR A 1005 8.35 1.51 3.21
N LYS A 1006 7.10 1.48 2.76
CA LYS A 1006 6.15 2.54 3.08
C LYS A 1006 6.46 3.81 2.30
N HIS A 1007 5.41 4.47 1.83
CA HIS A 1007 5.54 5.71 1.07
C HIS A 1007 6.64 6.56 1.63
N ARG A 1008 7.40 7.21 0.75
CA ARG A 1008 8.50 8.06 1.18
C ARG A 1008 9.64 7.24 1.79
N GLY A 1009 9.43 5.94 1.95
CA GLY A 1009 10.40 5.09 2.64
C GLY A 1009 10.39 5.35 4.14
N VAL A 1010 9.21 5.35 4.72
CA VAL A 1010 9.02 5.65 6.14
C VAL A 1010 9.45 4.51 7.06
N TYR A 1011 9.41 3.28 6.57
CA TYR A 1011 9.83 2.12 7.36
C TYR A 1011 11.12 1.53 6.84
N SER A 1012 11.86 0.87 7.73
CA SER A 1012 13.14 0.25 7.39
C SER A 1012 13.35 -1.09 8.10
N SER A 1013 13.92 -2.04 7.37
CA SER A 1013 14.11 -3.42 7.82
C SER A 1013 15.11 -4.12 6.90
N ASP A 1014 15.81 -5.13 7.41
CA ASP A 1014 16.72 -5.93 6.58
C ASP A 1014 16.32 -7.41 6.48
N VAL A 1015 15.24 -7.76 7.17
CA VAL A 1015 14.64 -9.09 7.10
C VAL A 1015 13.13 -8.98 6.91
N PHE A 1016 12.64 -9.32 5.71
CA PHE A 1016 11.23 -9.14 5.38
C PHE A 1016 10.43 -10.45 5.33
N ASP A 1017 9.11 -10.30 5.48
CA ASP A 1017 8.16 -11.41 5.50
C ASP A 1017 7.44 -11.58 4.16
N ILE A 1018 7.87 -12.58 3.39
CA ILE A 1018 7.28 -12.90 2.08
C ILE A 1018 6.55 -14.25 2.14
N PHE A 1019 5.25 -14.23 1.84
CA PHE A 1019 4.41 -15.42 1.89
C PHE A 1019 3.72 -15.63 0.54
N PRO A 1020 3.12 -16.82 0.32
CA PRO A 1020 2.37 -17.07 -0.91
C PRO A 1020 1.20 -16.11 -1.10
N GLY A 1021 1.46 -14.99 -1.79
CA GLY A 1021 0.44 -13.99 -2.08
C GLY A 1021 0.87 -12.54 -1.93
N THR A 1022 1.90 -12.30 -1.12
CA THR A 1022 2.34 -10.92 -0.84
C THR A 1022 3.25 -10.39 -1.94
N TYR A 1023 3.00 -9.13 -2.32
CA TYR A 1023 3.79 -8.44 -3.33
C TYR A 1023 4.18 -7.06 -2.82
N GLN A 1024 5.50 -6.79 -2.76
CA GLN A 1024 6.01 -5.59 -2.11
C GLN A 1024 7.26 -4.99 -2.80
N THR A 1025 7.29 -3.66 -2.87
CA THR A 1025 8.46 -2.92 -3.33
C THR A 1025 9.34 -2.64 -2.13
N LEU A 1026 10.64 -2.82 -2.31
CA LEU A 1026 11.60 -2.44 -1.28
C LEU A 1026 12.65 -1.53 -1.87
N GLU A 1027 12.76 -0.33 -1.30
CA GLU A 1027 13.70 0.69 -1.75
C GLU A 1027 14.99 0.63 -0.93
N MET A 1028 16.09 0.30 -1.61
CA MET A 1028 17.38 0.17 -0.96
C MET A 1028 18.35 1.25 -1.43
N PHE A 1029 19.03 1.86 -0.45
CA PHE A 1029 20.06 2.85 -0.72
C PHE A 1029 21.43 2.32 -0.28
N PRO A 1030 22.13 1.60 -1.19
CA PRO A 1030 23.44 1.02 -0.86
C PRO A 1030 24.60 2.03 -0.93
N ARG A 1031 25.67 1.75 -0.19
CA ARG A 1031 26.88 2.57 -0.21
C ARG A 1031 28.18 1.75 -0.19
N THR A 1032 28.18 0.66 0.57
CA THR A 1032 29.35 -0.22 0.66
C THR A 1032 29.49 -1.05 -0.61
N PRO A 1033 30.65 -0.96 -1.28
CA PRO A 1033 30.93 -1.79 -2.46
C PRO A 1033 31.37 -3.21 -2.10
N GLY A 1034 31.08 -4.15 -3.00
CA GLY A 1034 31.34 -5.57 -2.78
C GLY A 1034 30.10 -6.40 -2.98
N ILE A 1035 30.27 -7.71 -3.16
CA ILE A 1035 29.14 -8.61 -3.33
C ILE A 1035 28.64 -9.08 -1.96
N TRP A 1036 27.33 -9.31 -1.84
CA TRP A 1036 26.72 -9.61 -0.55
C TRP A 1036 25.75 -10.79 -0.59
N LEU A 1037 25.67 -11.53 0.51
CA LEU A 1037 24.79 -12.70 0.61
C LEU A 1037 23.32 -12.29 0.61
N LEU A 1038 22.56 -12.81 -0.36
CA LEU A 1038 21.11 -12.60 -0.44
C LEU A 1038 20.38 -13.94 -0.27
N HIS A 1039 19.73 -14.11 0.88
CA HIS A 1039 19.09 -15.38 1.21
C HIS A 1039 17.82 -15.22 2.04
N CYS A 1040 16.99 -16.26 1.99
CA CYS A 1040 15.91 -16.42 2.95
C CYS A 1040 16.53 -16.88 4.25
N HIS A 1041 15.87 -16.62 5.36
CA HIS A 1041 16.45 -16.91 6.67
C HIS A 1041 15.82 -18.12 7.39
N VAL A 1042 15.36 -19.11 6.61
CA VAL A 1042 14.81 -20.35 7.18
C VAL A 1042 15.78 -21.52 7.09
N THR A 1043 16.18 -22.05 8.24
CA THR A 1043 17.13 -23.16 8.29
C THR A 1043 17.09 -24.00 7.01
N ASP A 1044 16.17 -24.96 6.97
CA ASP A 1044 16.04 -25.86 5.84
C ASP A 1044 16.24 -25.16 4.51
N HIS A 1045 15.50 -24.07 4.28
CA HIS A 1045 15.55 -23.36 3.01
C HIS A 1045 16.95 -22.83 2.66
N ILE A 1046 17.67 -22.32 3.66
CA ILE A 1046 19.06 -21.86 3.46
C ILE A 1046 19.94 -23.03 3.06
N HIS A 1047 19.76 -24.15 3.78
CA HIS A 1047 20.51 -25.37 3.49
C HIS A 1047 19.99 -26.03 2.21
N ALA A 1048 18.88 -25.51 1.70
CA ALA A 1048 18.29 -25.97 0.45
C ALA A 1048 18.70 -25.09 -0.73
N GLY A 1049 19.72 -24.26 -0.51
CA GLY A 1049 20.31 -23.45 -1.57
C GLY A 1049 19.53 -22.21 -1.95
N MET A 1050 18.53 -21.86 -1.14
CA MET A 1050 17.75 -20.63 -1.35
C MET A 1050 18.58 -19.41 -0.94
N GLU A 1051 19.56 -19.09 -1.78
CA GLU A 1051 20.52 -18.01 -1.54
C GLU A 1051 21.24 -17.60 -2.82
N THR A 1052 21.52 -16.30 -2.91
CA THR A 1052 22.31 -15.73 -4.01
C THR A 1052 23.08 -14.51 -3.54
N THR A 1053 23.65 -13.76 -4.47
CA THR A 1053 24.43 -12.57 -4.14
C THR A 1053 24.07 -11.38 -5.04
N TYR A 1054 24.40 -10.17 -4.58
CA TYR A 1054 24.26 -8.96 -5.41
C TYR A 1054 25.52 -8.09 -5.38
N THR A 1055 25.89 -7.54 -6.53
CA THR A 1055 27.16 -6.84 -6.70
C THR A 1055 27.03 -5.30 -6.69
N VAL A 1056 27.47 -4.68 -5.59
CA VAL A 1056 27.53 -3.22 -5.48
C VAL A 1056 28.94 -2.73 -5.80
N LEU A 1057 29.10 -2.10 -6.96
CA LEU A 1057 30.43 -1.67 -7.40
C LEU A 1057 30.62 -0.15 -7.22
N GLN A 1058 31.87 0.23 -6.95
CA GLN A 1058 32.25 1.65 -6.77
C GLN A 1058 32.39 2.39 -8.09
N ASN A 1059 32.32 3.72 -8.03
CA ASN A 1059 32.28 4.62 -9.20
C ASN A 1059 33.40 4.49 -10.25
N GLU A 1060 33.17 5.06 -11.42
CA GLU A 1060 34.13 5.04 -12.52
C GLU A 1060 35.13 6.20 -12.42
N CYS B 3 -31.32 9.28 -12.36
CA CYS B 3 -31.22 10.40 -11.37
C CYS B 3 -32.31 10.28 -10.31
N PRO B 4 -31.93 10.34 -9.01
CA PRO B 4 -32.95 10.35 -7.96
C PRO B 4 -33.87 11.57 -8.06
N GLU B 5 -35.07 11.44 -7.50
CA GLU B 5 -36.05 12.54 -7.40
C GLU B 5 -35.57 13.68 -6.50
N GLN B 6 -34.72 13.33 -5.55
CA GLN B 6 -34.21 14.27 -4.56
C GLN B 6 -32.73 14.07 -4.30
N ASP B 7 -32.05 15.18 -4.06
CA ASP B 7 -30.62 15.24 -3.82
C ASP B 7 -30.31 16.64 -3.28
N LYS B 8 -29.71 16.71 -2.11
CA LYS B 8 -29.36 18.00 -1.52
C LYS B 8 -27.94 18.38 -1.94
N TYR B 9 -27.14 17.37 -2.31
CA TYR B 9 -25.74 17.57 -2.68
C TYR B 9 -25.44 17.21 -4.13
N ARG B 10 -24.39 17.83 -4.68
CA ARG B 10 -23.92 17.48 -6.01
C ARG B 10 -23.26 16.11 -5.98
N THR B 11 -23.35 15.41 -7.11
CA THR B 11 -22.53 14.24 -7.37
C THR B 11 -21.11 14.74 -7.66
N ILE B 12 -20.13 13.89 -7.44
CA ILE B 12 -18.72 14.19 -7.71
C ILE B 12 -18.45 14.41 -9.21
N THR B 13 -19.02 13.52 -10.04
CA THR B 13 -18.87 13.56 -11.49
C THR B 13 -19.59 14.74 -12.14
N GLY B 14 -20.63 15.24 -11.47
CA GLY B 14 -21.43 16.33 -12.04
C GLY B 14 -22.68 15.84 -12.75
N MET B 15 -22.71 14.53 -12.98
CA MET B 15 -23.85 13.79 -13.53
C MET B 15 -25.13 14.15 -12.76
N CYS B 16 -26.25 14.23 -13.47
CA CYS B 16 -27.57 14.49 -12.88
C CYS B 16 -27.88 15.94 -12.45
N ASN B 17 -26.93 16.87 -12.66
CA ASN B 17 -27.17 18.31 -12.41
C ASN B 17 -28.30 18.81 -13.31
N ASN B 18 -28.16 18.56 -14.61
CA ASN B 18 -29.27 18.72 -15.53
C ASN B 18 -30.02 17.41 -15.55
N ARG B 19 -31.31 17.46 -15.21
CA ARG B 19 -32.12 16.24 -15.11
C ARG B 19 -32.63 15.76 -16.48
N ARG B 20 -32.70 16.67 -17.45
CA ARG B 20 -33.11 16.35 -18.81
C ARG B 20 -31.95 15.79 -19.63
N SER B 21 -30.74 16.32 -19.38
CA SER B 21 -29.51 15.80 -19.98
C SER B 21 -28.44 15.60 -18.91
N PRO B 22 -28.49 14.47 -18.19
CA PRO B 22 -27.67 14.30 -16.99
C PRO B 22 -26.14 14.30 -17.13
N THR B 23 -25.58 14.25 -18.33
CA THR B 23 -24.10 14.34 -18.51
C THR B 23 -23.61 15.77 -18.72
N LEU B 24 -24.53 16.69 -19.00
CA LEU B 24 -24.17 18.08 -19.26
C LEU B 24 -23.49 18.69 -18.05
N GLY B 25 -22.22 19.02 -18.22
CA GLY B 25 -21.43 19.61 -17.16
C GLY B 25 -20.63 18.57 -16.41
N ALA B 26 -21.02 17.31 -16.55
CA ALA B 26 -20.30 16.20 -15.95
C ALA B 26 -18.89 16.04 -16.53
N SER B 27 -18.01 15.43 -15.75
CA SER B 27 -16.63 15.17 -16.11
C SER B 27 -16.50 14.05 -17.15
N ASN B 28 -15.36 14.06 -17.86
CA ASN B 28 -15.04 13.05 -18.89
C ASN B 28 -16.05 12.99 -20.04
N ARG B 29 -16.36 14.17 -20.58
CA ARG B 29 -17.28 14.35 -21.68
C ARG B 29 -16.66 15.31 -22.70
N ALA B 30 -17.08 15.23 -23.95
CA ALA B 30 -16.57 16.13 -24.97
C ALA B 30 -17.04 17.56 -24.69
N PHE B 31 -16.17 18.56 -24.92
CA PHE B 31 -16.54 19.97 -24.79
C PHE B 31 -17.66 20.25 -25.77
N VAL B 32 -18.49 21.26 -25.47
CA VAL B 32 -19.44 21.77 -26.46
C VAL B 32 -18.66 22.65 -27.41
N ARG B 33 -19.10 22.73 -28.66
CA ARG B 33 -18.49 23.61 -29.64
C ARG B 33 -19.45 24.74 -29.99
N TRP B 34 -19.04 25.99 -29.76
CA TRP B 34 -19.86 27.14 -30.13
C TRP B 34 -19.76 27.50 -31.59
N LEU B 35 -18.66 27.10 -32.24
CA LEU B 35 -18.50 27.20 -33.69
C LEU B 35 -17.95 25.91 -34.26
N PRO B 36 -18.35 25.52 -35.49
CA PRO B 36 -17.78 24.30 -36.09
C PRO B 36 -16.25 24.33 -36.23
N ALA B 37 -15.64 23.16 -36.05
CA ALA B 37 -14.19 22.96 -36.03
C ALA B 37 -13.53 23.19 -37.39
N GLU B 38 -12.38 23.86 -37.35
CA GLU B 38 -11.61 24.15 -38.54
C GLU B 38 -10.27 23.42 -38.53
N TYR B 39 -10.24 22.30 -39.26
CA TYR B 39 -9.05 21.48 -39.38
C TYR B 39 -8.53 21.55 -40.79
N GLU B 40 -7.25 21.23 -40.95
CA GLU B 40 -6.55 21.21 -42.24
C GLU B 40 -7.20 20.25 -43.24
N ASP B 41 -7.63 19.10 -42.75
CA ASP B 41 -8.42 18.16 -43.55
C ASP B 41 -9.91 18.24 -43.25
N GLY B 42 -10.30 19.22 -42.43
CA GLY B 42 -11.71 19.46 -42.12
C GLY B 42 -12.35 18.60 -41.02
N PHE B 43 -11.61 17.62 -40.50
CA PHE B 43 -12.16 16.72 -39.48
C PHE B 43 -11.17 16.24 -38.40
N SER B 44 -9.87 16.42 -38.61
CA SER B 44 -8.88 15.97 -37.63
C SER B 44 -7.55 16.73 -37.64
N LEU B 45 -6.88 16.76 -38.79
CA LEU B 45 -5.49 17.24 -38.86
C LEU B 45 -5.40 18.73 -38.59
N PRO B 46 -4.46 19.16 -37.73
CA PRO B 46 -4.40 20.58 -37.38
C PRO B 46 -3.72 21.43 -38.43
N TYR B 47 -4.04 22.73 -38.47
CA TYR B 47 -3.35 23.65 -39.36
C TYR B 47 -1.87 23.71 -38.99
N GLY B 48 -1.03 23.66 -40.02
CA GLY B 48 0.42 23.57 -39.83
C GLY B 48 0.97 22.16 -39.74
N TRP B 49 0.12 21.15 -39.98
CA TRP B 49 0.55 19.74 -39.98
C TRP B 49 1.26 19.33 -41.28
N THR B 50 0.63 19.61 -42.43
CA THR B 50 1.17 19.25 -43.73
C THR B 50 1.94 20.41 -44.37
N PRO B 51 3.27 20.23 -44.60
CA PRO B 51 4.09 21.28 -45.22
C PRO B 51 3.53 21.85 -46.53
N GLY B 52 3.46 23.17 -46.62
CA GLY B 52 2.95 23.85 -47.82
C GLY B 52 1.45 24.07 -47.90
N VAL B 53 0.67 23.34 -47.08
CA VAL B 53 -0.79 23.48 -47.07
C VAL B 53 -1.24 24.75 -46.32
N LYS B 54 -1.72 25.74 -47.08
CA LYS B 54 -2.13 27.05 -46.57
C LYS B 54 -3.49 27.05 -45.84
N ARG B 55 -3.68 28.02 -44.94
CA ARG B 55 -4.97 28.22 -44.27
C ARG B 55 -5.61 29.49 -44.82
N ASN B 56 -6.86 29.37 -45.29
CA ASN B 56 -7.61 30.49 -45.85
C ASN B 56 -6.73 31.28 -46.84
N GLY B 57 -6.00 30.55 -47.67
CA GLY B 57 -5.17 31.14 -48.74
C GLY B 57 -3.82 31.70 -48.35
N PHE B 58 -3.47 31.65 -47.06
CA PHE B 58 -2.20 32.20 -46.56
C PHE B 58 -1.38 31.16 -45.79
N PRO B 59 -0.04 31.26 -45.81
CA PRO B 59 0.78 30.27 -45.10
C PRO B 59 0.56 30.33 -43.59
N VAL B 60 0.54 29.16 -42.96
CA VAL B 60 0.38 29.06 -41.52
C VAL B 60 1.69 29.49 -40.87
N ALA B 61 1.57 30.45 -39.97
CA ALA B 61 2.71 30.96 -39.22
C ALA B 61 3.03 30.00 -38.09
N LEU B 62 4.31 29.65 -37.96
CA LEU B 62 4.81 28.90 -36.81
C LEU B 62 4.43 29.61 -35.53
N ALA B 63 3.89 28.86 -34.56
CA ALA B 63 3.50 29.41 -33.26
C ALA B 63 4.69 30.07 -32.58
N ARG B 64 5.83 29.38 -32.61
CA ARG B 64 7.06 29.89 -32.00
C ARG B 64 7.54 31.21 -32.64
N ALA B 65 7.37 31.37 -33.95
CA ALA B 65 7.70 32.63 -34.62
C ALA B 65 6.74 33.78 -34.29
N VAL B 66 5.46 33.49 -34.03
CA VAL B 66 4.49 34.53 -33.66
C VAL B 66 4.83 35.02 -32.25
N SER B 67 5.17 34.07 -31.40
CA SER B 67 5.62 34.35 -30.03
C SER B 67 6.85 35.28 -30.03
N ASN B 68 7.87 34.92 -30.82
CA ASN B 68 9.12 35.70 -30.93
C ASN B 68 8.89 37.13 -31.41
N GLU B 69 8.02 37.30 -32.41
CA GLU B 69 7.85 38.61 -33.02
C GLU B 69 6.74 39.48 -32.40
N ILE B 70 5.82 38.89 -31.63
CA ILE B 70 4.68 39.61 -31.05
C ILE B 70 4.62 39.59 -29.51
N VAL B 71 4.91 38.43 -28.92
CA VAL B 71 4.80 38.26 -27.47
C VAL B 71 6.08 38.73 -26.77
N ARG B 72 7.22 38.31 -27.28
CA ARG B 72 8.52 38.68 -26.72
C ARG B 72 8.69 40.17 -26.48
N PHE B 73 9.03 40.52 -25.25
CA PHE B 73 9.39 41.88 -24.86
C PHE B 73 10.47 41.80 -23.79
N PRO B 74 11.32 42.85 -23.67
CA PRO B 74 12.34 42.80 -22.61
C PRO B 74 11.66 42.99 -21.26
N THR B 75 12.01 42.13 -20.30
CA THR B 75 11.37 42.14 -18.98
C THR B 75 11.55 43.43 -18.19
N ASP B 76 12.60 44.21 -18.47
CA ASP B 76 12.80 45.49 -17.77
C ASP B 76 11.73 46.54 -18.13
N GLN B 77 11.02 46.29 -19.23
CA GLN B 77 9.90 47.16 -19.67
C GLN B 77 8.58 46.84 -18.96
N LEU B 78 8.61 45.93 -17.98
CA LEU B 78 7.38 45.41 -17.35
C LEU B 78 6.60 46.44 -16.54
N THR B 79 5.29 46.50 -16.80
CA THR B 79 4.37 47.41 -16.14
C THR B 79 3.58 46.68 -15.06
N PRO B 80 3.85 46.99 -13.77
CA PRO B 80 3.01 46.44 -12.70
C PRO B 80 1.59 47.03 -12.76
N ASP B 81 0.58 46.20 -12.58
CA ASP B 81 -0.80 46.69 -12.55
C ASP B 81 -1.05 47.42 -11.24
N GLN B 82 -1.31 48.72 -11.32
CA GLN B 82 -1.53 49.53 -10.13
C GLN B 82 -2.89 49.26 -9.49
N GLU B 83 -3.77 48.54 -10.20
CA GLU B 83 -5.10 48.26 -9.71
C GLU B 83 -5.49 46.77 -9.71
N ARG B 84 -4.51 45.88 -9.88
CA ARG B 84 -4.71 44.44 -9.67
C ARG B 84 -3.56 43.85 -8.87
N SER B 85 -3.88 42.90 -7.98
CA SER B 85 -2.87 42.17 -7.23
C SER B 85 -2.51 40.85 -7.93
N LEU B 86 -1.37 40.26 -7.56
CA LEU B 86 -0.98 38.96 -8.08
C LEU B 86 -2.01 37.87 -7.77
N MET B 87 -2.79 38.09 -6.70
CA MET B 87 -3.92 37.23 -6.33
C MET B 87 -5.01 37.22 -7.41
N PHE B 88 -5.09 38.29 -8.21
CA PHE B 88 -6.02 38.35 -9.34
C PHE B 88 -5.62 37.31 -10.38
N MET B 89 -4.30 37.18 -10.62
CA MET B 89 -3.75 36.16 -11.50
C MET B 89 -4.08 34.77 -10.94
N GLN B 90 -3.79 34.59 -9.65
CA GLN B 90 -3.86 33.26 -9.02
C GLN B 90 -5.27 32.70 -8.85
N TRP B 91 -6.27 33.55 -8.63
CA TRP B 91 -7.64 33.08 -8.55
C TRP B 91 -8.07 32.59 -9.92
N GLY B 92 -7.63 33.30 -10.94
CA GLY B 92 -7.89 32.92 -12.33
C GLY B 92 -7.44 31.50 -12.63
N GLN B 93 -6.25 31.13 -12.18
CA GLN B 93 -5.73 29.80 -12.44
C GLN B 93 -6.47 28.77 -11.60
N LEU B 94 -6.66 29.05 -10.31
CA LEU B 94 -7.42 28.20 -9.43
C LEU B 94 -8.81 27.90 -10.00
N LEU B 95 -9.48 28.94 -10.49
CA LEU B 95 -10.82 28.85 -11.05
C LEU B 95 -10.84 28.00 -12.33
N ASP B 96 -9.90 28.28 -13.23
CA ASP B 96 -9.71 27.50 -14.47
C ASP B 96 -9.64 26.00 -14.13
N HIS B 97 -8.94 25.66 -13.06
CA HIS B 97 -8.76 24.26 -12.64
C HIS B 97 -10.00 23.65 -11.96
N ASP B 98 -11.00 24.48 -11.72
CA ASP B 98 -12.31 24.04 -11.27
C ASP B 98 -13.15 23.77 -12.51
N LEU B 99 -12.78 24.38 -13.63
CA LEU B 99 -13.59 24.33 -14.85
C LEU B 99 -13.14 23.34 -15.92
N ASP B 100 -11.86 23.35 -16.28
CA ASP B 100 -11.40 22.45 -17.34
C ASP B 100 -9.96 21.96 -17.22
N PHE B 101 -9.79 20.69 -17.59
CA PHE B 101 -8.52 20.09 -17.82
C PHE B 101 -8.74 19.22 -19.05
N THR B 102 -7.88 19.41 -20.05
CA THR B 102 -7.96 18.72 -21.35
C THR B 102 -6.89 17.62 -21.42
N PRO B 103 -7.28 16.35 -21.25
CA PRO B 103 -6.30 15.26 -21.18
C PRO B 103 -5.51 15.00 -22.46
N GLU B 104 -4.29 14.51 -22.28
CA GLU B 104 -3.37 14.14 -23.34
C GLU B 104 -2.89 12.74 -23.04
N PRO B 105 -2.35 12.02 -24.05
CA PRO B 105 -1.77 10.70 -23.75
C PRO B 105 -0.48 10.85 -22.94
N ALA B 106 -0.28 10.00 -21.94
CA ALA B 106 0.93 10.05 -21.11
C ALA B 106 2.23 9.71 -21.87
N VAL C 1 6.14 7.10 -31.03
CA VAL C 1 6.97 8.34 -31.05
C VAL C 1 6.85 9.10 -29.73
N ASN C 2 7.99 9.33 -29.09
CA ASN C 2 8.08 10.08 -27.83
C ASN C 2 8.17 11.59 -28.09
N CYS C 3 7.10 12.31 -27.79
CA CYS C 3 7.00 13.76 -28.07
C CYS C 3 7.94 14.58 -27.20
N GLU C 4 8.39 13.99 -26.10
CA GLU C 4 9.28 14.64 -25.15
C GLU C 4 10.74 14.66 -25.63
N THR C 5 11.17 13.65 -26.36
CA THR C 5 12.57 13.55 -26.78
C THR C 5 12.76 13.61 -28.30
N SER C 6 11.70 13.28 -29.04
CA SER C 6 11.74 13.31 -30.50
C SER C 6 11.07 14.58 -31.03
N CYS C 7 11.60 15.13 -32.13
CA CYS C 7 11.04 16.28 -32.83
C CYS C 7 10.30 15.86 -34.11
N VAL C 8 10.08 14.55 -34.26
CA VAL C 8 9.41 13.98 -35.42
C VAL C 8 7.91 14.23 -35.29
N GLN C 9 7.30 14.77 -36.33
CA GLN C 9 5.86 15.04 -36.35
C GLN C 9 5.06 13.78 -36.70
N GLN C 10 4.79 12.95 -35.68
CA GLN C 10 3.97 11.73 -35.81
C GLN C 10 3.05 11.59 -34.58
N PRO C 11 1.83 11.05 -34.75
CA PRO C 11 0.88 10.94 -33.62
C PRO C 11 1.48 10.22 -32.39
N PRO C 12 1.20 10.72 -31.16
CA PRO C 12 0.28 11.80 -30.81
C PRO C 12 0.96 13.16 -30.69
N CYS C 13 2.09 13.34 -31.37
CA CYS C 13 2.86 14.58 -31.28
C CYS C 13 2.49 15.61 -32.35
N PHE C 14 2.76 16.88 -32.05
CA PHE C 14 2.61 18.00 -32.96
C PHE C 14 3.61 19.07 -32.51
N PRO C 15 4.92 18.77 -32.62
CA PRO C 15 5.94 19.68 -32.09
C PRO C 15 5.97 21.03 -32.80
N LEU C 16 6.29 22.08 -32.05
CA LEU C 16 6.36 23.42 -32.61
C LEU C 16 7.72 23.58 -33.23
N LYS C 17 7.75 23.89 -34.53
CA LYS C 17 9.00 24.12 -35.26
C LYS C 17 9.67 25.42 -34.82
N ILE C 18 10.98 25.53 -35.05
CA ILE C 18 11.75 26.69 -34.64
C ILE C 18 12.04 27.58 -35.85
N PRO C 19 11.76 28.89 -35.74
CA PRO C 19 12.06 29.83 -36.83
C PRO C 19 13.55 30.16 -36.91
N PRO C 20 14.04 30.59 -38.09
CA PRO C 20 15.45 31.02 -38.17
C PRO C 20 15.66 32.30 -37.36
N ASN C 21 16.87 32.47 -36.81
CA ASN C 21 17.24 33.64 -35.99
C ASN C 21 16.44 33.76 -34.69
N ASP C 22 16.07 32.60 -34.14
CA ASP C 22 15.39 32.49 -32.85
C ASP C 22 16.31 32.97 -31.72
N PRO C 23 15.76 33.77 -30.79
CA PRO C 23 16.58 34.36 -29.72
C PRO C 23 17.17 33.35 -28.71
N ARG C 24 16.72 32.09 -28.78
CA ARG C 24 17.15 31.06 -27.83
C ARG C 24 17.58 29.76 -28.51
N ILE C 25 16.66 29.19 -29.29
CA ILE C 25 16.86 27.86 -29.88
C ILE C 25 17.56 28.01 -31.23
N LYS C 26 18.89 27.83 -31.18
CA LYS C 26 19.77 28.08 -32.33
C LYS C 26 19.69 26.97 -33.37
N ASN C 27 19.35 25.78 -32.92
CA ASN C 27 19.28 24.62 -33.78
C ASN C 27 17.85 24.40 -34.33
N GLN C 28 17.67 24.67 -35.63
CA GLN C 28 16.35 24.55 -36.25
C GLN C 28 15.88 23.11 -36.45
N ALA C 29 16.73 22.16 -36.11
CA ALA C 29 16.37 20.75 -36.13
C ALA C 29 15.70 20.37 -34.81
N ASP C 30 15.84 21.25 -33.83
CA ASP C 30 15.22 21.12 -32.53
C ASP C 30 13.75 21.57 -32.61
N CYS C 31 13.06 21.60 -31.47
CA CYS C 31 11.64 21.93 -31.40
C CYS C 31 11.18 22.06 -29.96
N ILE C 32 10.00 22.61 -29.79
CA ILE C 32 9.33 22.62 -28.50
C ILE C 32 8.36 21.44 -28.54
N PRO C 33 8.47 20.54 -27.54
CA PRO C 33 7.62 19.34 -27.45
C PRO C 33 6.14 19.70 -27.31
N PHE C 34 5.27 18.83 -27.84
CA PHE C 34 3.84 19.06 -27.84
C PHE C 34 3.07 17.75 -28.08
N PHE C 35 2.20 17.41 -27.12
CA PHE C 35 1.32 16.24 -27.23
C PHE C 35 -0.07 16.72 -27.63
N ARG C 36 -0.58 16.24 -28.76
CA ARG C 36 -1.98 16.54 -29.14
C ARG C 36 -2.93 16.10 -28.02
N SER C 37 -3.97 16.89 -27.75
CA SER C 37 -4.98 16.52 -26.75
C SER C 37 -5.63 15.21 -27.14
N CYS C 38 -6.10 14.46 -26.15
CA CYS C 38 -6.76 13.18 -26.40
C CYS C 38 -8.03 13.40 -27.18
N PRO C 39 -8.26 12.62 -28.25
CA PRO C 39 -9.52 12.76 -28.98
C PRO C 39 -10.65 12.07 -28.23
N ALA C 40 -11.87 12.60 -28.42
CA ALA C 40 -13.09 12.07 -27.83
C ALA C 40 -13.48 10.73 -28.46
N CYS C 41 -13.18 10.59 -29.75
CA CYS C 41 -13.46 9.37 -30.49
C CYS C 41 -12.22 8.91 -31.30
N PRO C 42 -11.28 8.21 -30.66
CA PRO C 42 -10.01 7.85 -31.33
C PRO C 42 -10.13 7.02 -32.62
N GLY C 43 -9.40 7.44 -33.64
CA GLY C 43 -9.32 6.75 -34.93
C GLY C 43 -10.59 6.75 -35.77
N SER C 44 -11.45 7.72 -35.54
CA SER C 44 -12.69 7.79 -36.30
C SER C 44 -12.49 8.43 -37.66
N ASN C 45 -13.09 7.79 -38.67
CA ASN C 45 -13.23 8.43 -39.98
C ASN C 45 -14.63 9.00 -40.16
N ILE C 46 -15.39 9.11 -39.06
CA ILE C 46 -16.73 9.70 -39.10
C ILE C 46 -16.81 11.01 -38.30
N THR C 47 -16.45 10.96 -37.03
CA THR C 47 -16.57 12.14 -36.14
C THR C 47 -15.56 13.20 -36.50
N ILE C 48 -15.89 14.46 -36.19
CA ILE C 48 -14.96 15.58 -36.27
C ILE C 48 -14.24 15.70 -34.92
N ARG C 49 -12.91 15.63 -34.94
CA ARG C 49 -12.08 15.57 -33.73
C ARG C 49 -12.40 16.65 -32.70
N ASN C 50 -12.74 16.20 -31.49
CA ASN C 50 -13.06 17.07 -30.37
C ASN C 50 -12.30 16.57 -29.14
N GLN C 51 -12.13 17.45 -28.15
CA GLN C 51 -11.29 17.15 -26.97
C GLN C 51 -12.15 16.94 -25.73
N ILE C 52 -11.53 16.42 -24.67
CA ILE C 52 -12.24 15.96 -23.47
C ILE C 52 -11.96 16.88 -22.30
N ASN C 53 -13.00 17.18 -21.52
CA ASN C 53 -12.81 17.84 -20.23
C ASN C 53 -12.74 16.79 -19.13
N ALA C 54 -11.61 16.71 -18.42
CA ALA C 54 -11.46 15.71 -17.38
C ALA C 54 -12.15 16.11 -16.06
N LEU C 55 -12.66 17.35 -15.99
CA LEU C 55 -13.23 17.92 -14.77
C LEU C 55 -14.70 18.27 -14.91
N THR C 56 -15.38 18.52 -13.78
CA THR C 56 -16.75 19.04 -13.82
C THR C 56 -16.67 20.50 -14.22
N SER C 57 -17.44 20.89 -15.23
CA SER C 57 -17.47 22.28 -15.68
C SER C 57 -17.94 23.23 -14.56
N PHE C 58 -18.77 22.72 -13.64
CA PHE C 58 -19.35 23.55 -12.59
C PHE C 58 -18.29 24.14 -11.66
N VAL C 59 -18.61 25.32 -11.13
CA VAL C 59 -17.81 25.96 -10.11
C VAL C 59 -18.21 25.30 -8.80
N ASP C 60 -17.62 24.15 -8.53
CA ASP C 60 -18.00 23.32 -7.40
C ASP C 60 -16.82 22.87 -6.57
N ALA C 61 -15.73 23.64 -6.64
CA ALA C 61 -14.48 23.32 -5.94
C ALA C 61 -13.95 21.91 -6.22
N SER C 62 -14.13 21.43 -7.46
CA SER C 62 -13.63 20.10 -7.84
C SER C 62 -12.09 20.04 -7.79
N MET C 63 -11.42 21.20 -7.86
CA MET C 63 -9.96 21.22 -7.71
C MET C 63 -9.56 20.81 -6.29
N VAL C 64 -10.52 20.91 -5.37
CA VAL C 64 -10.34 20.50 -3.97
C VAL C 64 -10.78 19.05 -3.78
N TYR C 65 -11.96 18.68 -4.31
CA TYR C 65 -12.57 17.36 -4.02
C TYR C 65 -12.37 16.25 -5.06
N GLY C 66 -11.96 16.62 -6.26
CA GLY C 66 -11.85 15.67 -7.36
C GLY C 66 -13.10 15.60 -8.21
N SER C 67 -12.96 15.01 -9.40
CA SER C 67 -14.05 14.84 -10.38
C SER C 67 -14.31 13.37 -10.76
N GLU C 68 -13.62 12.44 -10.08
CA GLU C 68 -13.77 10.99 -10.29
C GLU C 68 -13.82 10.29 -8.94
N GLU C 69 -14.64 9.24 -8.85
CA GLU C 69 -14.91 8.55 -7.58
C GLU C 69 -13.73 7.91 -6.84
N PRO C 70 -12.76 7.27 -7.56
CA PRO C 70 -11.58 6.70 -6.86
C PRO C 70 -10.81 7.76 -6.08
N LEU C 71 -10.35 8.80 -6.79
CA LEU C 71 -9.67 9.96 -6.21
C LEU C 71 -10.44 10.64 -5.07
N ALA C 72 -11.72 10.94 -5.29
CA ALA C 72 -12.51 11.67 -4.31
C ALA C 72 -12.51 10.96 -2.96
N ARG C 73 -12.61 9.62 -3.00
CA ARG C 73 -12.49 8.78 -1.82
C ARG C 73 -11.09 8.88 -1.20
N ASN C 74 -10.05 8.70 -2.02
CA ASN C 74 -8.67 8.72 -1.53
C ASN C 74 -8.21 10.09 -1.00
N LEU C 75 -8.95 11.16 -1.30
CA LEU C 75 -8.63 12.49 -0.79
C LEU C 75 -9.23 12.75 0.60
N ARG C 76 -10.11 11.86 1.04
CA ARG C 76 -10.77 11.95 2.34
C ARG C 76 -9.99 11.20 3.42
N ASN C 77 -10.16 11.62 4.66
CA ASN C 77 -9.59 10.95 5.84
C ASN C 77 -10.55 9.85 6.25
N MET C 78 -10.20 8.61 5.89
CA MET C 78 -11.05 7.46 6.22
C MET C 78 -10.69 6.84 7.58
N SER C 79 -9.78 7.46 8.32
CA SER C 79 -9.40 6.98 9.66
C SER C 79 -10.32 7.39 10.81
N ASN C 80 -11.42 8.10 10.50
CA ASN C 80 -12.41 8.55 11.50
C ASN C 80 -13.69 9.08 10.86
N GLN C 81 -14.66 9.45 11.70
CA GLN C 81 -15.96 9.95 11.26
C GLN C 81 -16.07 11.48 11.34
N LEU C 82 -14.93 12.16 11.25
CA LEU C 82 -14.93 13.62 11.37
C LEU C 82 -15.27 14.34 10.06
N GLY C 83 -15.28 13.60 8.95
CA GLY C 83 -15.64 14.13 7.64
C GLY C 83 -14.55 14.99 7.03
N LEU C 84 -13.31 14.64 7.32
CA LEU C 84 -12.15 15.44 6.92
C LEU C 84 -11.53 15.03 5.59
N LEU C 85 -10.75 15.94 5.00
CA LEU C 85 -9.89 15.64 3.87
C LEU C 85 -8.52 15.27 4.42
N ALA C 86 -7.90 14.24 3.85
CA ALA C 86 -6.58 13.78 4.30
C ALA C 86 -5.52 14.89 4.24
N VAL C 87 -4.70 14.95 5.28
CA VAL C 87 -3.61 15.93 5.37
C VAL C 87 -2.26 15.22 5.26
N ASN C 88 -1.20 15.99 5.03
CA ASN C 88 0.15 15.44 4.92
C ASN C 88 0.52 14.63 6.16
N GLN C 89 1.24 13.51 5.96
CA GLN C 89 1.61 12.61 7.06
C GLN C 89 3.09 12.69 7.46
N ARG C 90 3.76 13.77 7.03
CA ARG C 90 5.18 13.97 7.30
C ARG C 90 5.51 15.41 7.69
N PHE C 91 4.73 16.37 7.19
CA PHE C 91 5.05 17.78 7.39
C PHE C 91 3.84 18.62 7.81
N GLN C 92 4.14 19.76 8.45
CA GLN C 92 3.15 20.78 8.80
C GLN C 92 3.74 22.18 8.60
N ASP C 93 2.88 23.14 8.28
CA ASP C 93 3.26 24.55 8.13
C ASP C 93 2.95 25.31 9.43
N ASN C 94 3.92 25.32 10.34
CA ASN C 94 3.76 25.86 11.70
C ASN C 94 2.58 25.22 12.45
N GLY C 95 2.50 23.90 12.39
CA GLY C 95 1.40 23.17 13.02
C GLY C 95 0.09 23.19 12.25
N ARG C 96 0.11 23.73 11.03
CA ARG C 96 -1.07 23.75 10.18
C ARG C 96 -0.95 22.74 9.03
N ALA C 97 -2.10 22.31 8.52
CA ALA C 97 -2.18 21.23 7.55
C ALA C 97 -1.62 21.57 6.16
N LEU C 98 -1.03 20.55 5.53
CA LEU C 98 -0.58 20.61 4.15
C LEU C 98 -1.30 19.56 3.30
N LEU C 99 -0.82 19.09 1.99
CA LEU C 99 -1.36 18.07 1.10
C LEU C 99 -0.65 16.73 1.30
N PRO C 100 -1.40 15.62 1.22
CA PRO C 100 -0.76 14.31 1.22
C PRO C 100 0.14 14.15 0.01
N PHE C 101 1.43 13.87 0.26
CA PHE C 101 2.39 13.66 -0.82
C PHE C 101 1.96 12.50 -1.72
N ASP C 102 2.60 12.39 -2.88
CA ASP C 102 2.45 11.24 -3.78
C ASP C 102 3.83 10.64 -4.07
N ASN C 103 3.93 9.32 -4.18
CA ASN C 103 5.26 8.67 -4.24
C ASN C 103 6.18 9.14 -5.37
N LEU C 104 7.42 9.39 -4.97
CA LEU C 104 8.51 9.78 -5.85
C LEU C 104 9.14 8.59 -6.62
N HIS C 105 8.52 8.31 -7.77
CA HIS C 105 9.10 7.46 -8.81
C HIS C 105 10.02 8.35 -9.64
N ASP C 106 9.47 9.49 -10.05
CA ASP C 106 10.12 10.48 -10.90
C ASP C 106 9.11 11.54 -11.35
N ASP C 107 8.25 11.97 -10.42
CA ASP C 107 7.34 13.09 -10.64
C ASP C 107 8.14 14.39 -10.66
N PRO C 108 7.59 15.45 -11.28
CA PRO C 108 8.36 16.66 -11.61
C PRO C 108 9.02 17.35 -10.41
N CYS C 109 8.54 17.03 -9.21
CA CYS C 109 9.07 17.62 -7.99
C CYS C 109 10.51 17.22 -7.74
N LEU C 110 10.73 15.92 -7.56
CA LEU C 110 12.07 15.40 -7.33
C LEU C 110 13.03 15.81 -8.45
N LEU C 111 12.63 16.82 -9.21
CA LEU C 111 13.43 17.30 -10.33
C LEU C 111 13.82 18.77 -10.13
N THR C 112 13.01 19.51 -9.38
CA THR C 112 13.29 20.93 -9.12
C THR C 112 14.44 21.11 -8.14
N ASN C 113 14.57 20.15 -7.22
CA ASN C 113 15.62 20.11 -6.20
C ASN C 113 15.82 18.66 -5.85
N ARG C 114 16.92 18.10 -6.35
CA ARG C 114 17.25 16.68 -6.19
C ARG C 114 17.37 16.28 -4.73
N SER C 115 18.21 17.01 -3.99
CA SER C 115 18.57 16.63 -2.61
C SER C 115 17.46 16.86 -1.59
N ALA C 116 16.46 17.67 -1.94
CA ALA C 116 15.36 17.97 -1.01
C ALA C 116 14.35 16.83 -0.92
N ARG C 117 14.19 16.09 -2.02
CA ARG C 117 13.32 14.90 -2.11
C ARG C 117 11.86 15.14 -1.71
N ILE C 118 11.32 16.28 -2.14
CA ILE C 118 9.91 16.58 -1.91
C ILE C 118 9.08 16.27 -3.16
N PRO C 119 8.15 15.29 -3.05
CA PRO C 119 7.30 14.92 -4.19
C PRO C 119 6.18 15.91 -4.43
N CYS C 120 5.44 15.73 -5.52
CA CYS C 120 4.29 16.59 -5.79
C CYS C 120 3.16 16.34 -4.79
N PHE C 121 2.27 17.30 -4.70
CA PHE C 121 1.11 17.20 -3.83
C PHE C 121 -0.02 16.48 -4.53
N LEU C 122 -0.96 15.98 -3.74
CA LEU C 122 -2.16 15.31 -4.24
C LEU C 122 -3.36 16.16 -3.85
N ALA C 123 -4.14 16.55 -4.85
CA ALA C 123 -5.33 17.36 -4.65
C ALA C 123 -6.42 16.92 -5.61
N GLY C 124 -7.54 17.66 -5.62
CA GLY C 124 -8.66 17.36 -6.52
C GLY C 124 -8.31 17.44 -7.99
N ASP C 125 -7.28 18.21 -8.31
CA ASP C 125 -6.82 18.40 -9.69
C ASP C 125 -5.30 18.11 -9.76
N THR C 126 -4.85 17.49 -10.86
CA THR C 126 -3.46 17.02 -11.00
C THR C 126 -2.39 18.12 -11.08
N ARG C 127 -2.79 19.38 -11.10
CA ARG C 127 -1.87 20.49 -11.35
C ARG C 127 -1.56 21.37 -10.14
N SER C 128 -1.92 20.90 -8.95
CA SER C 128 -1.80 21.69 -7.71
C SER C 128 -0.35 22.08 -7.33
N SER C 129 0.63 21.35 -7.84
CA SER C 129 2.03 21.64 -7.55
C SER C 129 2.73 22.53 -8.60
N GLU C 130 2.03 22.96 -9.66
CA GLU C 130 2.65 23.64 -10.82
C GLU C 130 3.41 24.91 -10.47
N MET C 131 2.86 25.70 -9.56
CA MET C 131 3.56 26.84 -8.95
C MET C 131 3.15 26.96 -7.48
N PRO C 132 4.10 27.34 -6.59
CA PRO C 132 3.82 27.33 -5.16
C PRO C 132 2.68 28.27 -4.74
N GLU C 133 2.43 29.30 -5.54
CA GLU C 133 1.31 30.21 -5.31
C GLU C 133 -0.01 29.47 -5.48
N LEU C 134 -0.08 28.56 -6.45
CA LEU C 134 -1.25 27.74 -6.70
C LEU C 134 -1.42 26.71 -5.59
N THR C 135 -0.33 26.01 -5.27
CA THR C 135 -0.27 25.11 -4.11
C THR C 135 -0.83 25.77 -2.85
N SER C 136 -0.48 27.03 -2.61
CA SER C 136 -0.93 27.75 -1.42
C SER C 136 -2.44 27.94 -1.38
N MET C 137 -3.06 28.13 -2.54
CA MET C 137 -4.52 28.25 -2.63
C MET C 137 -5.24 26.91 -2.39
N HIS C 138 -4.66 25.83 -2.90
CA HIS C 138 -5.20 24.48 -2.70
C HIS C 138 -5.20 24.14 -1.21
N THR C 139 -4.05 24.37 -0.59
CA THR C 139 -3.85 24.17 0.84
C THR C 139 -4.83 25.00 1.65
N LEU C 140 -5.02 26.25 1.24
CA LEU C 140 -5.94 27.15 1.92
C LEU C 140 -7.37 26.59 2.00
N LEU C 141 -7.91 26.18 0.84
CA LEU C 141 -9.27 25.64 0.76
C LEU C 141 -9.41 24.30 1.50
N LEU C 142 -8.42 23.42 1.36
CA LEU C 142 -8.35 22.19 2.16
C LEU C 142 -8.42 22.45 3.67
N ARG C 143 -7.79 23.53 4.14
CA ARG C 143 -7.86 23.86 5.56
C ARG C 143 -9.25 24.31 5.94
N GLU C 144 -9.86 25.13 5.08
CA GLU C 144 -11.22 25.62 5.27
C GLU C 144 -12.26 24.50 5.32
N HIS C 145 -12.05 23.43 4.55
CA HIS C 145 -12.93 22.27 4.63
C HIS C 145 -12.85 21.64 6.01
N ASN C 146 -11.65 21.24 6.41
CA ASN C 146 -11.40 20.67 7.73
C ASN C 146 -11.81 21.57 8.89
N ARG C 147 -11.77 22.88 8.70
CA ARG C 147 -12.26 23.84 9.70
C ARG C 147 -13.79 23.83 9.79
N LEU C 148 -14.46 23.78 8.63
CA LEU C 148 -15.92 23.78 8.56
C LEU C 148 -16.51 22.47 9.08
N ALA C 149 -15.87 21.34 8.75
CA ALA C 149 -16.29 20.03 9.24
C ALA C 149 -16.17 19.92 10.76
N THR C 150 -15.11 20.52 11.33
CA THR C 150 -14.90 20.58 12.78
C THR C 150 -16.02 21.36 13.48
N GLU C 151 -16.29 22.58 13.00
CA GLU C 151 -17.29 23.45 13.59
C GLU C 151 -18.70 22.91 13.43
N LEU C 152 -18.92 22.15 12.36
CA LEU C 152 -20.22 21.53 12.11
C LEU C 152 -20.46 20.30 12.99
N LYS C 153 -19.36 19.66 13.41
CA LYS C 153 -19.45 18.54 14.34
C LYS C 153 -19.92 19.01 15.72
N SER C 154 -19.46 20.20 16.13
CA SER C 154 -19.84 20.78 17.42
C SER C 154 -21.27 21.31 17.40
N LEU C 155 -21.67 21.86 16.26
CA LEU C 155 -23.02 22.40 16.07
C LEU C 155 -24.06 21.32 15.80
N ASN C 156 -23.63 20.22 15.18
CA ASN C 156 -24.51 19.08 14.90
C ASN C 156 -23.83 17.76 15.27
N PRO C 157 -24.01 17.28 16.52
CA PRO C 157 -23.29 16.10 17.01
C PRO C 157 -23.77 14.76 16.43
N ARG C 158 -25.02 14.70 15.97
CA ARG C 158 -25.57 13.47 15.37
C ARG C 158 -24.97 13.10 14.00
N TRP C 159 -24.47 14.12 13.29
CA TRP C 159 -23.89 14.02 11.95
C TRP C 159 -22.66 13.11 11.86
N ASP C 160 -22.67 12.23 10.87
CA ASP C 160 -21.55 11.30 10.62
C ASP C 160 -20.59 11.85 9.57
N GLY C 161 -19.50 11.11 9.30
CA GLY C 161 -18.45 11.52 8.36
C GLY C 161 -18.96 12.01 7.02
N GLU C 162 -19.81 11.21 6.39
CA GLU C 162 -20.49 11.54 5.14
C GLU C 162 -21.22 12.89 5.21
N ARG C 163 -22.06 13.08 6.23
CA ARG C 163 -22.86 14.29 6.35
C ARG C 163 -21.97 15.53 6.56
N LEU C 164 -20.94 15.36 7.39
CA LEU C 164 -19.99 16.44 7.68
C LEU C 164 -19.22 16.85 6.43
N TYR C 165 -18.71 15.86 5.69
CA TYR C 165 -17.94 16.10 4.48
C TYR C 165 -18.78 16.78 3.40
N GLN C 166 -19.96 16.25 3.16
CA GLN C 166 -20.84 16.80 2.14
C GLN C 166 -21.27 18.22 2.47
N GLU C 167 -21.54 18.48 3.74
CA GLU C 167 -21.96 19.82 4.16
C GLU C 167 -20.82 20.85 4.09
N ALA C 168 -19.60 20.43 4.44
CA ALA C 168 -18.40 21.26 4.32
C ALA C 168 -17.99 21.46 2.87
N ARG C 169 -18.25 20.46 2.03
CA ARG C 169 -18.01 20.53 0.58
C ARG C 169 -18.97 21.51 -0.08
N LYS C 170 -20.23 21.47 0.36
CA LYS C 170 -21.28 22.36 -0.13
C LYS C 170 -20.98 23.80 0.23
N ILE C 171 -20.33 24.02 1.38
CA ILE C 171 -19.95 25.36 1.78
C ILE C 171 -18.77 25.85 0.95
N VAL C 172 -17.66 25.08 0.92
CA VAL C 172 -16.47 25.50 0.17
C VAL C 172 -16.83 25.85 -1.28
N GLY C 173 -17.55 24.93 -1.93
CA GLY C 173 -18.09 25.12 -3.26
C GLY C 173 -18.80 26.45 -3.44
N ALA C 174 -19.65 26.81 -2.46
CA ALA C 174 -20.36 28.09 -2.52
C ALA C 174 -19.41 29.27 -2.33
N MET C 175 -18.39 29.11 -1.49
CA MET C 175 -17.37 30.15 -1.28
C MET C 175 -16.55 30.41 -2.53
N VAL C 176 -16.23 29.35 -3.28
CA VAL C 176 -15.53 29.50 -4.55
C VAL C 176 -16.41 30.32 -5.51
N GLN C 177 -17.72 30.07 -5.48
CA GLN C 177 -18.69 30.75 -6.36
C GLN C 177 -18.81 32.24 -6.05
N ILE C 178 -18.95 32.56 -4.76
CA ILE C 178 -19.13 33.93 -4.32
C ILE C 178 -17.93 34.79 -4.72
N ILE C 179 -16.73 34.34 -4.34
CA ILE C 179 -15.49 35.02 -4.67
C ILE C 179 -15.33 35.21 -6.19
N THR C 180 -15.58 34.14 -6.94
CA THR C 180 -15.53 34.18 -8.40
C THR C 180 -16.48 35.22 -8.99
N TYR C 181 -17.75 35.15 -8.65
CA TYR C 181 -18.73 36.02 -9.29
C TYR C 181 -18.82 37.43 -8.69
N ARG C 182 -18.74 37.53 -7.35
CA ARG C 182 -18.88 38.81 -6.68
C ARG C 182 -17.63 39.69 -6.82
N ASP C 183 -16.44 39.08 -6.68
CA ASP C 183 -15.18 39.83 -6.65
C ASP C 183 -14.30 39.66 -7.91
N TYR C 184 -14.06 38.42 -8.33
CA TYR C 184 -13.20 38.17 -9.49
C TYR C 184 -13.76 38.64 -10.84
N LEU C 185 -14.90 38.10 -11.27
CA LEU C 185 -15.42 38.35 -12.62
C LEU C 185 -15.67 39.81 -13.02
N PRO C 186 -16.23 40.65 -12.13
CA PRO C 186 -16.36 42.08 -12.52
C PRO C 186 -15.00 42.77 -12.82
N LEU C 187 -13.94 42.32 -12.17
CA LEU C 187 -12.59 42.87 -12.35
C LEU C 187 -11.89 42.35 -13.60
N VAL C 188 -12.34 41.20 -14.10
CA VAL C 188 -11.89 40.66 -15.39
C VAL C 188 -12.62 41.34 -16.55
N LEU C 189 -13.94 41.45 -16.44
CA LEU C 189 -14.78 41.92 -17.54
C LEU C 189 -14.95 43.44 -17.61
N GLY C 190 -15.00 44.10 -16.46
CA GLY C 190 -15.34 45.53 -16.38
C GLY C 190 -16.85 45.71 -16.32
N PRO C 191 -17.34 46.89 -15.88
CA PRO C 191 -18.78 47.11 -15.65
C PRO C 191 -19.68 46.85 -16.87
N THR C 192 -19.30 47.38 -18.04
CA THR C 192 -20.10 47.29 -19.26
C THR C 192 -20.35 45.86 -19.72
N ALA C 193 -19.29 45.05 -19.71
CA ALA C 193 -19.36 43.66 -20.10
C ALA C 193 -20.08 42.81 -19.04
N MET C 194 -19.94 43.19 -17.77
CA MET C 194 -20.65 42.56 -16.67
C MET C 194 -22.17 42.69 -16.89
N ARG C 195 -22.66 43.90 -17.11
CA ARG C 195 -24.09 44.14 -17.33
C ARG C 195 -24.61 43.38 -18.57
N LYS C 196 -23.79 43.30 -19.61
CA LYS C 196 -24.18 42.71 -20.88
C LYS C 196 -24.25 41.17 -20.80
N TYR C 197 -23.18 40.55 -20.30
CA TYR C 197 -22.99 39.11 -20.36
C TYR C 197 -23.42 38.37 -19.11
N LEU C 198 -23.32 39.03 -17.95
CA LEU C 198 -23.78 38.47 -16.67
C LEU C 198 -24.86 39.31 -15.97
N PRO C 199 -26.09 39.36 -16.54
CA PRO C 199 -27.18 40.06 -15.88
C PRO C 199 -27.43 39.49 -14.48
N THR C 200 -28.18 40.23 -13.66
CA THR C 200 -28.57 39.75 -12.33
C THR C 200 -29.25 38.37 -12.37
N TYR C 201 -28.69 37.43 -11.61
CA TYR C 201 -29.24 36.08 -11.46
C TYR C 201 -30.73 36.11 -11.12
N ARG C 202 -31.51 35.21 -11.74
CA ARG C 202 -32.92 35.06 -11.42
C ARG C 202 -33.17 33.71 -10.75
N SER C 203 -33.08 32.62 -11.50
CA SER C 203 -33.09 31.26 -10.95
C SER C 203 -32.45 30.27 -11.92
N TYR C 204 -32.51 28.99 -11.57
CA TYR C 204 -31.91 27.93 -12.37
C TYR C 204 -32.76 27.64 -13.60
N ASN C 205 -32.07 27.51 -14.73
CA ASN C 205 -32.68 27.24 -16.01
C ASN C 205 -32.12 25.90 -16.52
N ASP C 206 -32.98 24.89 -16.63
CA ASP C 206 -32.52 23.54 -17.00
C ASP C 206 -32.28 23.39 -18.51
N SER C 207 -32.50 24.48 -19.25
CA SER C 207 -32.30 24.55 -20.69
C SER C 207 -31.00 25.24 -21.07
N VAL C 208 -30.23 25.66 -20.07
CA VAL C 208 -28.94 26.30 -20.29
C VAL C 208 -27.83 25.24 -20.18
N ASP C 209 -27.07 25.07 -21.26
CA ASP C 209 -25.99 24.09 -21.33
C ASP C 209 -24.80 24.55 -20.45
N PRO C 210 -24.49 23.79 -19.37
CA PRO C 210 -23.39 24.23 -18.51
C PRO C 210 -21.99 23.74 -18.92
N ARG C 211 -21.88 23.05 -20.06
CA ARG C 211 -20.58 22.55 -20.54
C ARG C 211 -19.58 23.65 -20.90
N ILE C 212 -18.30 23.40 -20.62
CA ILE C 212 -17.21 24.29 -21.02
C ILE C 212 -17.03 24.19 -22.54
N ALA C 213 -17.09 25.35 -23.21
CA ALA C 213 -16.85 25.42 -24.65
C ALA C 213 -15.37 25.26 -24.95
N ASN C 214 -15.06 24.50 -26.00
CA ASN C 214 -13.68 24.19 -26.36
C ASN C 214 -12.83 25.46 -26.37
N VAL C 215 -13.40 26.55 -26.86
CA VAL C 215 -12.68 27.81 -27.04
C VAL C 215 -12.25 28.44 -25.71
N PHE C 216 -13.06 28.23 -24.67
CA PHE C 216 -12.76 28.76 -23.34
C PHE C 216 -11.44 28.20 -22.79
N THR C 217 -11.14 26.94 -23.13
CA THR C 217 -9.88 26.33 -22.70
C THR C 217 -8.68 27.14 -23.19
N ASN C 218 -8.85 27.84 -24.30
CA ASN C 218 -7.81 28.72 -24.84
C ASN C 218 -8.01 30.19 -24.44
N ALA C 219 -9.23 30.70 -24.56
CA ALA C 219 -9.53 32.10 -24.26
C ALA C 219 -9.23 32.50 -22.81
N PHE C 220 -9.54 31.62 -21.86
CA PHE C 220 -9.31 31.95 -20.45
C PHE C 220 -7.81 31.96 -20.10
N ARG C 221 -6.96 31.57 -21.05
CA ARG C 221 -5.49 31.65 -20.91
C ARG C 221 -4.99 33.08 -21.06
N TYR C 222 -5.90 34.05 -20.97
CA TYR C 222 -5.57 35.45 -21.01
C TYR C 222 -4.75 35.75 -19.75
N GLY C 223 -5.00 34.97 -18.70
CA GLY C 223 -4.33 35.13 -17.41
C GLY C 223 -2.81 34.96 -17.49
N HIS C 224 -2.34 34.30 -18.55
CA HIS C 224 -0.91 34.20 -18.79
C HIS C 224 -0.29 35.58 -18.99
N THR C 225 -1.11 36.57 -19.35
CA THR C 225 -0.65 37.97 -19.51
C THR C 225 -0.55 38.77 -18.19
N LEU C 226 -1.01 38.15 -17.09
CA LEU C 226 -1.01 38.76 -15.76
C LEU C 226 0.17 38.32 -14.89
N ILE C 227 0.91 37.33 -15.37
CA ILE C 227 2.00 36.68 -14.65
C ILE C 227 3.24 37.59 -14.46
N GLN C 228 3.66 37.74 -13.20
CA GLN C 228 4.93 38.41 -12.86
C GLN C 228 6.09 37.42 -13.01
N PRO C 229 7.29 37.90 -13.34
CA PRO C 229 8.40 36.96 -13.55
C PRO C 229 9.00 36.34 -12.28
N PHE C 230 8.47 36.69 -11.09
CA PHE C 230 8.97 36.17 -9.81
C PHE C 230 7.86 35.66 -8.92
N MET C 231 8.23 34.78 -7.98
CA MET C 231 7.41 34.49 -6.80
C MET C 231 7.87 35.43 -5.67
N PHE C 232 6.94 36.20 -5.10
CA PHE C 232 7.28 37.21 -4.09
C PHE C 232 6.95 36.75 -2.68
N ARG C 233 7.97 36.65 -1.83
CA ARG C 233 7.77 36.23 -0.44
C ARG C 233 7.99 37.37 0.55
N LEU C 234 7.02 37.56 1.43
CA LEU C 234 7.00 38.65 2.41
C LEU C 234 6.84 38.12 3.82
N ASP C 235 7.50 38.76 4.80
CA ASP C 235 7.39 38.31 6.20
C ASP C 235 6.20 38.92 6.95
N ASN C 236 6.11 38.68 8.26
CA ASN C 236 4.93 39.06 9.05
C ASN C 236 4.63 40.56 9.07
N ARG C 237 5.60 41.38 8.68
CA ARG C 237 5.42 42.83 8.60
C ARG C 237 5.34 43.28 7.13
N TYR C 238 5.19 42.30 6.24
CA TYR C 238 5.04 42.51 4.78
C TYR C 238 6.29 43.08 4.11
N GLN C 239 7.46 42.80 4.67
CA GLN C 239 8.72 43.24 4.08
C GLN C 239 9.35 42.05 3.37
N PRO C 240 10.18 42.32 2.34
CA PRO C 240 10.83 41.22 1.63
C PRO C 240 11.45 40.20 2.59
N MET C 241 11.14 38.92 2.37
CA MET C 241 11.63 37.85 3.24
C MET C 241 12.99 37.37 2.74
N GLU C 242 13.98 37.37 3.62
CA GLU C 242 15.37 37.03 3.25
C GLU C 242 15.67 35.54 3.51
N PRO C 243 16.52 34.93 2.67
CA PRO C 243 17.36 35.53 1.61
C PRO C 243 16.83 35.46 0.17
N ASN C 244 15.62 34.91 -0.03
CA ASN C 244 15.06 34.82 -1.39
C ASN C 244 13.67 35.46 -1.54
N PRO C 245 13.61 36.81 -1.49
CA PRO C 245 12.32 37.50 -1.57
C PRO C 245 11.67 37.47 -2.96
N ARG C 246 12.48 37.28 -3.99
CA ARG C 246 12.00 37.29 -5.36
C ARG C 246 12.63 36.15 -6.15
N VAL C 247 11.94 35.00 -6.16
CA VAL C 247 12.46 33.82 -6.86
C VAL C 247 12.01 33.79 -8.32
N PRO C 248 12.98 33.76 -9.26
CA PRO C 248 12.61 33.70 -10.67
C PRO C 248 11.61 32.58 -10.91
N LEU C 249 10.58 32.86 -11.71
CA LEU C 249 9.48 31.91 -11.92
C LEU C 249 9.90 30.57 -12.54
N SER C 250 11.01 30.55 -13.28
CA SER C 250 11.53 29.30 -13.85
C SER C 250 12.22 28.38 -12.82
N ARG C 251 12.37 28.84 -11.59
CA ARG C 251 12.89 28.01 -10.50
C ARG C 251 11.80 27.61 -9.48
N VAL C 252 10.56 28.04 -9.73
CA VAL C 252 9.43 27.71 -8.86
C VAL C 252 8.46 26.68 -9.46
N PHE C 253 8.50 26.51 -10.78
CA PHE C 253 7.61 25.57 -11.43
C PHE C 253 7.84 24.18 -10.84
N PHE C 254 6.76 23.55 -10.36
CA PHE C 254 6.81 22.26 -9.67
C PHE C 254 7.77 22.21 -8.47
N ALA C 255 8.11 23.37 -7.90
CA ALA C 255 8.97 23.41 -6.74
C ALA C 255 8.18 23.21 -5.45
N SER C 256 7.69 21.99 -5.25
CA SER C 256 6.89 21.64 -4.07
C SER C 256 7.73 21.74 -2.78
N TRP C 257 9.04 21.58 -2.93
CA TRP C 257 9.99 21.68 -1.83
C TRP C 257 10.05 23.07 -1.20
N ARG C 258 9.69 24.10 -1.95
CA ARG C 258 9.73 25.47 -1.44
C ARG C 258 8.61 25.70 -0.44
N VAL C 259 7.48 25.02 -0.63
CA VAL C 259 6.35 25.12 0.28
C VAL C 259 6.75 24.45 1.61
N VAL C 260 7.28 23.25 1.50
CA VAL C 260 7.65 22.44 2.66
C VAL C 260 8.87 23.00 3.43
N LEU C 261 9.96 23.30 2.72
CA LEU C 261 11.22 23.70 3.36
C LEU C 261 11.51 25.21 3.46
N GLU C 262 10.80 26.05 2.72
CA GLU C 262 11.14 27.48 2.71
C GLU C 262 10.06 28.39 3.29
N GLY C 263 9.42 27.94 4.37
CA GLY C 263 8.59 28.82 5.21
C GLY C 263 7.09 28.70 5.13
N GLY C 264 6.60 27.63 4.49
CA GLY C 264 5.16 27.41 4.35
C GLY C 264 4.44 28.34 3.39
N ILE C 265 3.14 28.52 3.61
CA ILE C 265 2.29 29.23 2.65
C ILE C 265 1.97 30.68 2.99
N ASP C 266 2.34 31.10 4.20
CA ASP C 266 2.07 32.47 4.67
C ASP C 266 2.87 33.56 3.88
N PRO C 267 4.20 33.39 3.72
CA PRO C 267 4.98 34.38 2.94
C PRO C 267 4.52 34.44 1.48
N ILE C 268 3.95 33.34 1.00
CA ILE C 268 3.43 33.26 -0.36
C ILE C 268 2.09 34.03 -0.50
N LEU C 269 1.13 33.76 0.37
CA LEU C 269 -0.15 34.45 0.31
C LEU C 269 -0.01 35.96 0.53
N ARG C 270 0.89 36.33 1.43
CA ARG C 270 1.20 37.74 1.70
C ARG C 270 1.79 38.39 0.44
N GLY C 271 2.71 37.70 -0.20
CA GLY C 271 3.30 38.16 -1.45
C GLY C 271 2.32 38.28 -2.60
N LEU C 272 1.30 37.42 -2.61
CA LEU C 272 0.24 37.47 -3.61
C LEU C 272 -0.69 38.65 -3.37
N MET C 273 -0.94 38.96 -2.09
CA MET C 273 -1.82 40.07 -1.71
C MET C 273 -1.22 41.46 -1.85
N ALA C 274 0.08 41.58 -1.59
CA ALA C 274 0.75 42.90 -1.50
C ALA C 274 1.72 43.21 -2.65
N THR C 275 1.63 42.44 -3.72
CA THR C 275 2.38 42.68 -4.96
C THR C 275 1.41 42.89 -6.13
N PRO C 276 1.66 43.90 -6.99
CA PRO C 276 0.79 44.08 -8.14
C PRO C 276 0.93 42.94 -9.13
N ALA C 277 -0.15 42.65 -9.86
CA ALA C 277 -0.06 41.75 -11.01
C ALA C 277 0.65 42.47 -12.16
N LYS C 278 1.01 41.72 -13.19
CA LYS C 278 1.51 42.32 -14.43
C LYS C 278 0.31 42.86 -15.20
N LEU C 279 0.46 44.04 -15.81
CA LEU C 279 -0.60 44.56 -16.68
C LEU C 279 -0.41 44.04 -18.11
N ASN C 280 -1.52 43.67 -18.75
CA ASN C 280 -1.44 43.32 -20.17
C ASN C 280 -1.42 44.63 -20.98
N ARG C 281 -0.28 44.87 -21.64
CA ARG C 281 -0.09 46.02 -22.53
C ARG C 281 0.22 45.44 -23.90
N GLN C 282 -0.10 46.18 -24.97
CA GLN C 282 0.02 45.64 -26.34
C GLN C 282 1.44 45.33 -26.82
N ASN C 283 2.42 45.99 -26.22
CA ASN C 283 3.84 45.72 -26.48
C ASN C 283 4.51 45.01 -25.30
N GLN C 284 3.71 44.61 -24.32
CA GLN C 284 4.20 43.92 -23.14
C GLN C 284 3.24 42.77 -22.78
N ILE C 285 3.08 41.82 -23.70
CA ILE C 285 2.06 40.77 -23.54
C ILE C 285 2.38 39.72 -22.45
N ALA C 286 3.53 39.05 -22.55
CA ALA C 286 3.90 37.98 -21.60
C ALA C 286 5.41 37.84 -21.35
N VAL C 287 5.76 37.59 -20.09
CA VAL C 287 7.17 37.55 -19.66
C VAL C 287 7.96 36.34 -20.18
N ASP C 288 9.26 36.48 -20.34
CA ASP C 288 10.12 35.40 -20.84
C ASP C 288 10.28 34.20 -19.88
N GLU C 289 9.90 34.37 -18.62
CA GLU C 289 9.90 33.26 -17.66
C GLU C 289 8.92 32.17 -18.09
N ILE C 290 7.83 32.57 -18.73
CA ILE C 290 6.90 31.62 -19.34
C ILE C 290 7.02 31.55 -20.87
N ARG C 291 7.52 32.63 -21.48
CA ARG C 291 7.76 32.63 -22.94
C ARG C 291 9.01 31.84 -23.34
N GLU C 292 10.03 31.80 -22.48
CA GLU C 292 11.33 31.21 -22.81
C GLU C 292 11.78 30.07 -21.89
N ARG C 293 11.35 30.11 -20.62
CA ARG C 293 11.87 29.14 -19.63
C ARG C 293 10.78 28.39 -18.85
N LEU C 294 9.64 28.12 -19.50
CA LEU C 294 8.55 27.41 -18.84
C LEU C 294 8.95 25.96 -18.62
N PHE C 295 8.87 25.56 -17.34
CA PHE C 295 9.25 24.21 -16.90
C PHE C 295 10.71 23.86 -17.26
N GLU C 296 11.62 24.81 -17.09
CA GLU C 296 13.02 24.60 -17.46
C GLU C 296 13.70 23.48 -16.64
N GLN C 297 13.36 23.39 -15.36
CA GLN C 297 14.02 22.45 -14.45
C GLN C 297 13.54 21.01 -14.61
N VAL C 298 12.29 20.83 -15.05
CA VAL C 298 11.68 19.51 -15.09
C VAL C 298 11.62 18.85 -16.47
N MET C 299 12.28 19.44 -17.46
CA MET C 299 12.40 18.83 -18.81
C MET C 299 13.59 19.34 -19.65
N ARG C 300 13.78 18.72 -20.83
CA ARG C 300 14.98 18.87 -21.67
C ARG C 300 15.24 20.27 -22.27
N ILE C 301 14.21 21.12 -22.24
CA ILE C 301 14.21 22.43 -22.89
C ILE C 301 13.12 23.32 -22.31
N GLY C 302 13.41 24.61 -22.17
CA GLY C 302 12.42 25.56 -21.70
C GLY C 302 11.31 25.67 -22.72
N LEU C 303 10.07 25.66 -22.24
CA LEU C 303 8.90 25.80 -23.10
C LEU C 303 8.52 27.27 -23.36
N ASP C 304 7.63 27.48 -24.34
CA ASP C 304 7.09 28.81 -24.67
C ASP C 304 5.58 28.77 -24.52
N LEU C 305 5.07 29.20 -23.36
CA LEU C 305 3.63 29.18 -23.07
C LEU C 305 2.72 29.85 -24.14
N PRO C 306 2.94 31.14 -24.49
CA PRO C 306 2.16 31.77 -25.56
C PRO C 306 2.12 30.97 -26.87
N ALA C 307 3.26 30.42 -27.29
CA ALA C 307 3.34 29.59 -28.47
C ALA C 307 2.54 28.27 -28.34
N LEU C 308 2.57 27.68 -27.15
CA LEU C 308 1.77 26.49 -26.87
C LEU C 308 0.28 26.78 -26.98
N ASN C 309 -0.14 27.93 -26.45
CA ASN C 309 -1.53 28.36 -26.51
C ASN C 309 -2.01 28.38 -27.96
N MET C 310 -1.12 28.82 -28.83
CA MET C 310 -1.43 29.00 -30.25
C MET C 310 -1.39 27.65 -30.94
N GLN C 311 -0.42 26.82 -30.56
CA GLN C 311 -0.36 25.47 -31.10
C GLN C 311 -1.58 24.66 -30.62
N ARG C 312 -2.03 24.92 -29.39
CA ARG C 312 -3.18 24.22 -28.81
C ARG C 312 -4.51 24.52 -29.53
N SER C 313 -4.76 25.80 -29.85
CA SER C 313 -5.97 26.19 -30.57
C SER C 313 -6.07 25.51 -31.93
N ARG C 314 -4.92 25.29 -32.57
CA ARG C 314 -4.87 24.62 -33.87
C ARG C 314 -5.15 23.14 -33.70
N ASP C 315 -4.53 22.56 -32.67
CA ASP C 315 -4.73 21.17 -32.27
C ASP C 315 -6.22 20.91 -32.02
N HIS C 316 -6.87 21.88 -31.39
CA HIS C 316 -8.31 21.83 -31.07
C HIS C 316 -9.19 22.23 -32.23
N GLY C 317 -8.57 22.62 -33.34
CA GLY C 317 -9.27 23.03 -34.56
C GLY C 317 -10.16 24.22 -34.32
N LEU C 318 -9.65 25.20 -33.58
CA LEU C 318 -10.44 26.37 -33.22
C LEU C 318 -10.44 27.39 -34.34
N PRO C 319 -11.62 27.94 -34.67
CA PRO C 319 -11.66 28.98 -35.70
C PRO C 319 -10.82 30.20 -35.31
N GLY C 320 -10.46 31.00 -36.32
CA GLY C 320 -9.64 32.19 -36.12
C GLY C 320 -10.38 33.35 -35.49
N TYR C 321 -9.64 34.45 -35.35
CA TYR C 321 -10.07 35.63 -34.64
C TYR C 321 -11.37 36.22 -35.21
N ASN C 322 -11.44 36.42 -36.53
CA ASN C 322 -12.64 36.99 -37.13
C ASN C 322 -13.89 36.14 -36.96
N ALA C 323 -13.75 34.82 -37.02
CA ALA C 323 -14.87 33.92 -36.77
C ALA C 323 -15.48 34.08 -35.37
N TRP C 324 -14.63 34.30 -34.36
CA TRP C 324 -15.09 34.52 -32.99
C TRP C 324 -15.66 35.92 -32.82
N ARG C 325 -15.10 36.88 -33.57
CA ARG C 325 -15.64 38.23 -33.60
C ARG C 325 -17.08 38.18 -34.09
N ARG C 326 -17.30 37.49 -35.21
CA ARG C 326 -18.62 37.33 -35.83
C ARG C 326 -19.57 36.59 -34.91
N PHE C 327 -19.05 35.59 -34.20
CA PHE C 327 -19.83 34.85 -33.21
C PHE C 327 -20.31 35.82 -32.14
N CYS C 328 -19.42 36.69 -31.67
CA CYS C 328 -19.72 37.66 -30.62
C CYS C 328 -20.47 38.93 -31.08
N GLY C 329 -20.82 38.98 -32.37
CA GLY C 329 -21.48 40.15 -32.95
C GLY C 329 -20.56 41.35 -33.02
N LEU C 330 -19.26 41.09 -33.11
CA LEU C 330 -18.24 42.14 -33.19
C LEU C 330 -17.77 42.29 -34.63
N PRO C 331 -17.57 43.55 -35.09
CA PRO C 331 -17.12 43.72 -36.47
C PRO C 331 -15.80 42.98 -36.73
N GLN C 332 -15.61 42.50 -37.94
CA GLN C 332 -14.40 41.78 -38.32
C GLN C 332 -13.51 42.63 -39.25
N PRO C 333 -12.40 43.17 -38.70
CA PRO C 333 -11.43 43.86 -39.55
C PRO C 333 -10.85 42.93 -40.63
N GLU C 334 -10.80 43.40 -41.87
CA GLU C 334 -10.28 42.57 -42.97
C GLU C 334 -8.96 43.09 -43.53
N THR C 335 -8.74 44.40 -43.41
CA THR C 335 -7.49 45.02 -43.84
C THR C 335 -6.63 45.40 -42.64
N VAL C 336 -5.39 45.83 -42.90
CA VAL C 336 -4.48 46.20 -41.81
C VAL C 336 -4.92 47.49 -41.12
N GLY C 337 -5.50 48.42 -41.87
CA GLY C 337 -5.99 49.68 -41.32
C GLY C 337 -7.22 49.48 -40.47
N GLN C 338 -8.04 48.50 -40.86
CA GLN C 338 -9.22 48.11 -40.08
C GLN C 338 -8.81 47.45 -38.77
N LEU C 339 -7.81 46.56 -38.83
CA LEU C 339 -7.30 45.88 -37.64
C LEU C 339 -6.63 46.89 -36.71
N GLY C 340 -5.92 47.85 -37.31
CA GLY C 340 -5.35 48.98 -36.57
C GLY C 340 -6.39 49.76 -35.77
N THR C 341 -7.53 50.08 -36.41
CA THR C 341 -8.64 50.78 -35.77
C THR C 341 -9.27 49.97 -34.62
N VAL C 342 -9.49 48.67 -34.87
CA VAL C 342 -10.08 47.77 -33.86
C VAL C 342 -9.16 47.56 -32.64
N LEU C 343 -7.86 47.41 -32.89
CA LEU C 343 -6.87 47.30 -31.84
C LEU C 343 -6.47 48.68 -31.26
N ARG C 344 -6.90 49.76 -31.93
CA ARG C 344 -6.45 51.14 -31.64
C ARG C 344 -4.91 51.17 -31.55
N ASN C 345 -4.27 50.45 -32.49
CA ASN C 345 -2.83 50.28 -32.54
C ASN C 345 -2.43 49.70 -33.92
N LEU C 346 -1.97 50.59 -34.80
CA LEU C 346 -1.58 50.22 -36.16
C LEU C 346 -0.29 49.40 -36.23
N LYS C 347 0.67 49.78 -35.38
CA LYS C 347 1.95 49.12 -35.31
C LYS C 347 1.79 47.63 -35.01
N LEU C 348 0.93 47.28 -34.03
CA LEU C 348 0.64 45.88 -33.72
C LEU C 348 -0.19 45.17 -34.80
N ALA C 349 -1.17 45.88 -35.38
CA ALA C 349 -1.92 45.36 -36.54
C ALA C 349 -0.98 44.91 -37.63
N ARG C 350 0.02 45.74 -37.92
CA ARG C 350 1.02 45.43 -38.94
C ARG C 350 1.76 44.14 -38.62
N LYS C 351 2.28 44.04 -37.39
CA LYS C 351 3.02 42.84 -36.94
C LYS C 351 2.17 41.58 -37.11
N LEU C 352 0.88 41.71 -36.81
CA LEU C 352 -0.08 40.60 -36.96
C LEU C 352 -0.33 40.23 -38.43
N MET C 353 -0.46 41.25 -39.29
CA MET C 353 -0.59 41.04 -40.73
C MET C 353 0.68 40.44 -41.32
N GLU C 354 1.84 40.82 -40.78
CA GLU C 354 3.10 40.25 -41.26
C GLU C 354 3.15 38.77 -40.93
N GLN C 355 2.63 38.40 -39.76
CA GLN C 355 2.65 37.02 -39.30
C GLN C 355 1.60 36.18 -40.00
N TYR C 356 0.35 36.62 -39.90
CA TYR C 356 -0.81 35.84 -40.30
C TYR C 356 -1.33 36.11 -41.72
N GLY C 357 -0.99 37.26 -42.29
CA GLY C 357 -1.38 37.58 -43.68
C GLY C 357 -2.79 38.13 -43.84
N THR C 358 -3.67 37.75 -42.92
CA THR C 358 -5.06 38.22 -42.85
C THR C 358 -5.51 38.14 -41.40
N PRO C 359 -6.44 39.01 -40.98
CA PRO C 359 -6.93 38.86 -39.62
C PRO C 359 -7.73 37.59 -39.39
N ASN C 360 -8.25 36.99 -40.46
CA ASN C 360 -9.02 35.74 -40.36
C ASN C 360 -8.24 34.61 -39.72
N ASN C 361 -6.92 34.63 -39.91
CA ASN C 361 -6.01 33.56 -39.47
C ASN C 361 -5.39 33.71 -38.08
N ILE C 362 -5.57 34.86 -37.43
CA ILE C 362 -5.03 35.10 -36.09
C ILE C 362 -5.64 34.08 -35.10
N ASP C 363 -4.77 33.40 -34.36
CA ASP C 363 -5.18 32.41 -33.37
C ASP C 363 -5.92 33.11 -32.25
N ILE C 364 -6.99 32.48 -31.77
CA ILE C 364 -7.91 33.08 -30.78
C ILE C 364 -7.23 33.74 -29.58
N TRP C 365 -6.25 33.08 -28.97
CA TRP C 365 -5.54 33.66 -27.84
C TRP C 365 -4.78 34.95 -28.21
N MET C 366 -4.00 34.89 -29.29
CA MET C 366 -3.20 36.02 -29.76
C MET C 366 -4.12 37.22 -30.09
N GLY C 367 -5.12 37.00 -30.94
CA GLY C 367 -6.10 38.04 -31.26
C GLY C 367 -6.85 38.55 -30.04
N GLY C 368 -7.26 37.63 -29.16
CA GLY C 368 -7.92 37.98 -27.92
C GLY C 368 -7.09 38.84 -26.97
N VAL C 369 -5.84 38.46 -26.71
CA VAL C 369 -5.01 39.20 -25.73
C VAL C 369 -4.45 40.50 -26.30
N SER C 370 -4.48 40.62 -27.63
CA SER C 370 -3.99 41.81 -28.32
C SER C 370 -4.96 43.00 -28.25
N GLU C 371 -6.26 42.70 -28.05
CA GLU C 371 -7.28 43.76 -28.04
C GLU C 371 -7.14 44.66 -26.81
N PRO C 372 -7.35 45.97 -26.97
CA PRO C 372 -7.24 46.89 -25.83
C PRO C 372 -8.26 46.55 -24.76
N LEU C 373 -7.85 46.67 -23.50
CA LEU C 373 -8.66 46.32 -22.34
C LEU C 373 -9.84 47.28 -22.23
N LYS C 374 -10.95 46.76 -21.71
CA LYS C 374 -12.13 47.57 -21.48
C LYS C 374 -11.92 48.34 -20.19
N ARG C 375 -12.58 49.48 -20.05
CA ARG C 375 -12.41 50.26 -18.82
C ARG C 375 -12.82 49.47 -17.58
N LYS C 376 -12.00 49.63 -16.53
CA LYS C 376 -12.12 48.92 -15.26
C LYS C 376 -12.14 47.40 -15.43
N GLY C 377 -11.71 46.95 -16.61
CA GLY C 377 -11.61 45.53 -16.94
C GLY C 377 -10.20 45.18 -17.36
N ARG C 378 -9.94 43.88 -17.53
CA ARG C 378 -8.61 43.38 -17.94
C ARG C 378 -8.60 42.42 -19.15
N VAL C 379 -9.71 42.40 -19.91
CA VAL C 379 -9.78 41.78 -21.25
C VAL C 379 -10.43 42.75 -22.23
N GLY C 380 -10.24 42.49 -23.53
CA GLY C 380 -10.90 43.29 -24.57
C GLY C 380 -12.28 42.71 -24.89
N PRO C 381 -13.00 43.33 -25.84
CA PRO C 381 -14.38 42.93 -26.15
C PRO C 381 -14.57 41.46 -26.58
N LEU C 382 -13.61 40.89 -27.32
CA LEU C 382 -13.74 39.51 -27.75
C LEU C 382 -13.63 38.53 -26.57
N LEU C 383 -12.59 38.68 -25.74
CA LEU C 383 -12.40 37.84 -24.58
C LEU C 383 -13.53 38.04 -23.59
N ALA C 384 -13.92 39.30 -23.39
CA ALA C 384 -15.03 39.62 -22.52
C ALA C 384 -16.27 38.80 -22.86
N CYS C 385 -16.53 38.69 -24.18
CA CYS C 385 -17.69 37.97 -24.70
C CYS C 385 -17.57 36.48 -24.43
N ILE C 386 -16.41 35.90 -24.78
CA ILE C 386 -16.20 34.48 -24.59
C ILE C 386 -16.22 34.12 -23.09
N ILE C 387 -15.37 34.79 -22.30
CA ILE C 387 -15.33 34.60 -20.86
C ILE C 387 -16.70 34.86 -20.22
N GLY C 388 -17.33 35.97 -20.59
CA GLY C 388 -18.63 36.35 -20.02
C GLY C 388 -19.74 35.35 -20.25
N THR C 389 -19.86 34.90 -21.51
CA THR C 389 -20.83 33.90 -21.94
C THR C 389 -20.66 32.58 -21.17
N GLN C 390 -19.40 32.17 -20.95
CA GLN C 390 -19.10 30.91 -20.32
C GLN C 390 -19.60 30.88 -18.89
N PHE C 391 -19.31 31.96 -18.15
CA PHE C 391 -19.68 32.02 -16.74
C PHE C 391 -21.18 32.22 -16.50
N ARG C 392 -21.87 32.85 -17.44
CA ARG C 392 -23.34 32.94 -17.37
C ARG C 392 -23.95 31.56 -17.50
N LYS C 393 -23.42 30.74 -18.41
CA LYS C 393 -23.92 29.38 -18.59
C LYS C 393 -23.59 28.49 -17.40
N LEU C 394 -22.41 28.72 -16.80
CA LEU C 394 -21.97 27.98 -15.61
C LEU C 394 -22.78 28.35 -14.38
N ARG C 395 -23.34 29.57 -14.38
CA ARG C 395 -24.21 30.05 -13.30
C ARG C 395 -25.66 29.61 -13.51
N ASP C 396 -26.26 30.03 -14.62
CA ASP C 396 -27.68 29.78 -14.92
C ASP C 396 -28.01 28.28 -15.14
N GLY C 397 -27.01 27.45 -15.42
CA GLY C 397 -27.21 26.03 -15.74
C GLY C 397 -26.65 25.10 -14.67
N ASP C 398 -26.51 25.63 -13.46
CA ASP C 398 -26.09 24.86 -12.31
C ASP C 398 -27.30 24.76 -11.38
N ARG C 399 -27.73 23.54 -11.13
CA ARG C 399 -28.85 23.26 -10.22
C ARG C 399 -28.47 23.57 -8.76
N PHE C 400 -27.18 23.43 -8.46
CA PHE C 400 -26.65 23.59 -7.11
C PHE C 400 -26.02 24.96 -6.89
N TRP C 401 -26.40 25.92 -7.73
CA TRP C 401 -25.95 27.30 -7.55
C TRP C 401 -26.43 27.81 -6.19
N TRP C 402 -25.50 28.39 -5.42
CA TRP C 402 -25.76 28.79 -4.03
C TRP C 402 -27.00 29.67 -3.89
N GLU C 403 -27.34 30.43 -4.92
CA GLU C 403 -28.52 31.29 -4.87
C GLU C 403 -29.82 30.61 -5.36
N ASN C 404 -29.69 29.43 -6.00
CA ASN C 404 -30.87 28.68 -6.44
C ASN C 404 -31.65 28.20 -5.23
N GLU C 405 -32.99 28.27 -5.32
CA GLU C 405 -33.87 27.88 -4.21
C GLU C 405 -33.68 26.43 -3.81
N GLY C 406 -33.71 26.17 -2.49
CA GLY C 406 -33.60 24.81 -1.92
C GLY C 406 -32.18 24.28 -1.77
N VAL C 407 -31.21 24.98 -2.35
CA VAL C 407 -29.80 24.60 -2.22
C VAL C 407 -29.36 24.97 -0.81
N PHE C 408 -29.60 26.22 -0.44
CA PHE C 408 -29.44 26.73 0.92
C PHE C 408 -30.77 27.35 1.40
N SER C 409 -30.92 27.52 2.73
CA SER C 409 -32.05 28.26 3.30
C SER C 409 -31.79 29.77 3.15
N MET C 410 -32.78 30.59 3.47
CA MET C 410 -32.64 32.05 3.37
C MET C 410 -31.55 32.57 4.32
N GLN C 411 -31.56 32.08 5.56
CA GLN C 411 -30.57 32.49 6.55
C GLN C 411 -29.15 31.96 6.27
N GLN C 412 -29.06 30.80 5.60
CA GLN C 412 -27.75 30.28 5.15
C GLN C 412 -27.15 31.16 4.04
N ARG C 413 -28.00 31.58 3.08
CA ARG C 413 -27.60 32.46 1.97
C ARG C 413 -27.13 33.81 2.49
N GLN C 414 -27.87 34.32 3.47
CA GLN C 414 -27.52 35.57 4.13
C GLN C 414 -26.16 35.46 4.85
N ALA C 415 -25.90 34.32 5.51
CA ALA C 415 -24.63 34.10 6.20
C ALA C 415 -23.45 33.95 5.24
N LEU C 416 -23.66 33.21 4.15
CA LEU C 416 -22.63 33.02 3.11
C LEU C 416 -22.22 34.32 2.43
N ALA C 417 -23.19 35.22 2.23
CA ALA C 417 -22.96 36.54 1.61
C ALA C 417 -21.92 37.41 2.32
N GLN C 418 -21.54 37.01 3.52
CA GLN C 418 -20.55 37.70 4.34
C GLN C 418 -19.13 37.12 4.22
N ILE C 419 -18.96 36.07 3.43
CA ILE C 419 -17.63 35.48 3.23
C ILE C 419 -16.75 36.35 2.33
N SER C 420 -15.43 36.11 2.42
CA SER C 420 -14.45 36.74 1.56
C SER C 420 -13.19 35.90 1.60
N LEU C 421 -12.37 36.00 0.56
CA LEU C 421 -11.08 35.33 0.56
C LEU C 421 -10.19 35.84 1.72
N PRO C 422 -10.10 37.17 1.95
CA PRO C 422 -9.30 37.64 3.09
C PRO C 422 -9.67 36.94 4.42
N ARG C 423 -10.96 36.86 4.70
CA ARG C 423 -11.45 36.18 5.89
C ARG C 423 -11.05 34.71 5.95
N ILE C 424 -11.04 34.03 4.80
CA ILE C 424 -10.59 32.64 4.74
C ILE C 424 -9.10 32.54 5.11
N ILE C 425 -8.30 33.51 4.67
CA ILE C 425 -6.87 33.56 4.99
C ILE C 425 -6.70 33.80 6.50
N CYS C 426 -7.49 34.73 7.05
CA CYS C 426 -7.56 34.96 8.49
C CYS C 426 -7.90 33.68 9.27
N ASP C 427 -8.84 32.88 8.73
CA ASP C 427 -9.33 31.67 9.40
C ASP C 427 -8.49 30.41 9.23
N ASN C 428 -7.42 30.46 8.43
CA ASN C 428 -6.71 29.23 8.05
C ASN C 428 -5.18 29.34 7.93
N THR C 429 -4.63 30.48 8.36
CA THR C 429 -3.18 30.71 8.30
C THR C 429 -2.67 31.48 9.52
N GLY C 430 -1.35 31.71 9.57
CA GLY C 430 -0.75 32.57 10.59
C GLY C 430 -0.70 34.04 10.20
N ILE C 431 -1.60 34.47 9.31
CA ILE C 431 -1.65 35.85 8.82
C ILE C 431 -2.76 36.62 9.55
N THR C 432 -2.38 37.73 10.17
CA THR C 432 -3.31 38.52 11.01
C THR C 432 -3.70 39.88 10.42
N THR C 433 -3.03 40.27 9.32
CA THR C 433 -3.36 41.49 8.56
C THR C 433 -3.46 41.14 7.07
N VAL C 434 -4.62 41.44 6.48
CA VAL C 434 -4.94 41.04 5.11
C VAL C 434 -5.51 42.21 4.31
N SER C 435 -5.72 41.99 3.00
CA SER C 435 -6.22 43.03 2.07
C SER C 435 -7.64 43.45 2.39
N LYS C 436 -7.94 44.72 2.13
CA LYS C 436 -9.32 45.19 2.16
C LYS C 436 -10.03 44.63 0.94
N ASN C 437 -11.31 44.31 1.09
CA ASN C 437 -12.17 44.03 -0.05
C ASN C 437 -12.09 45.26 -0.97
N ASN C 438 -11.82 45.09 -2.27
CA ASN C 438 -11.71 43.83 -3.00
C ASN C 438 -10.26 43.37 -3.05
N ILE C 439 -10.01 42.13 -2.60
CA ILE C 439 -8.66 41.54 -2.57
C ILE C 439 -7.95 41.62 -3.92
N PHE C 440 -8.71 41.53 -5.01
CA PHE C 440 -8.14 41.50 -6.36
C PHE C 440 -7.73 42.88 -6.86
N MET C 441 -8.15 43.93 -6.16
CA MET C 441 -7.76 45.29 -6.48
C MET C 441 -6.63 45.75 -5.55
N SER C 442 -6.83 45.57 -4.24
CA SER C 442 -5.82 45.97 -3.26
C SER C 442 -4.54 45.17 -3.43
N ASN C 443 -3.41 45.84 -3.25
CA ASN C 443 -2.11 45.20 -3.39
C ASN C 443 -0.96 46.11 -2.93
N SER C 444 -1.31 47.16 -2.20
CA SER C 444 -0.31 48.10 -1.71
C SER C 444 -0.32 48.15 -0.17
N TYR C 445 0.71 47.57 0.43
CA TYR C 445 0.82 47.55 1.89
C TYR C 445 1.51 48.83 2.38
N PRO C 446 0.97 49.47 3.44
CA PRO C 446 -0.19 49.07 4.24
C PRO C 446 -1.49 49.76 3.83
N ARG C 447 -1.44 50.58 2.79
CA ARG C 447 -2.59 51.37 2.34
C ARG C 447 -3.86 50.53 2.21
N ASP C 448 -3.74 49.39 1.55
CA ASP C 448 -4.89 48.54 1.28
C ASP C 448 -4.91 47.32 2.18
N PHE C 449 -4.71 47.55 3.47
CA PHE C 449 -4.70 46.45 4.45
C PHE C 449 -5.38 46.77 5.80
N VAL C 450 -6.08 45.77 6.33
CA VAL C 450 -6.78 45.85 7.61
C VAL C 450 -6.41 44.63 8.46
N ASN C 451 -6.76 44.67 9.74
CA ASN C 451 -6.56 43.52 10.61
C ASN C 451 -7.71 42.53 10.55
N CYS C 452 -7.37 41.25 10.70
CA CYS C 452 -8.33 40.16 10.68
C CYS C 452 -9.48 40.35 11.69
N SER C 453 -9.20 41.07 12.78
CA SER C 453 -10.17 41.34 13.83
C SER C 453 -11.35 42.21 13.37
N THR C 454 -11.12 43.01 12.33
CA THR C 454 -12.17 43.88 11.81
C THR C 454 -13.19 43.12 10.96
N LEU C 455 -12.76 42.00 10.39
CA LEU C 455 -13.59 41.20 9.47
C LEU C 455 -14.42 40.16 10.24
N PRO C 456 -15.76 40.25 10.13
CA PRO C 456 -16.60 39.22 10.79
C PRO C 456 -16.32 37.84 10.19
N ALA C 457 -16.19 36.82 11.04
CA ALA C 457 -16.04 35.44 10.59
C ALA C 457 -17.42 34.86 10.25
N LEU C 458 -17.43 33.78 9.46
CA LEU C 458 -18.68 33.16 9.00
C LEU C 458 -19.52 32.56 10.13
N ASN C 459 -20.79 32.92 10.15
CA ASN C 459 -21.78 32.46 11.13
C ASN C 459 -22.43 31.14 10.69
N LEU C 460 -22.12 30.07 11.40
CA LEU C 460 -22.69 28.77 11.06
C LEU C 460 -24.01 28.47 11.79
N ALA C 461 -24.63 29.49 12.35
CA ALA C 461 -25.84 29.33 13.18
C ALA C 461 -27.00 28.66 12.44
N SER C 462 -27.25 29.07 11.21
CA SER C 462 -28.36 28.55 10.41
C SER C 462 -28.10 27.13 9.87
N TRP C 463 -26.98 26.53 10.28
CA TRP C 463 -26.65 25.14 9.99
C TRP C 463 -26.94 24.20 11.16
N ARG C 464 -27.41 24.77 12.29
CA ARG C 464 -27.81 23.96 13.45
C ARG C 464 -29.12 23.26 13.15
N GLU C 465 -29.09 21.92 13.22
CA GLU C 465 -30.26 21.08 12.95
C GLU C 465 -31.30 21.16 14.08
N ALA C 466 -30.84 21.05 15.33
CA ALA C 466 -31.68 21.15 16.53
C ALA C 466 -32.97 20.31 16.51
C1 NAG D . -33.73 29.53 -20.40
C2 NAG D . -34.75 30.48 -21.05
C3 NAG D . -35.08 30.03 -22.48
C4 NAG D . -33.82 29.90 -23.33
C5 NAG D . -32.99 28.81 -22.66
C6 NAG D . -31.63 28.71 -23.32
C7 NAG D . -36.21 31.44 -19.29
C8 NAG D . -37.53 31.32 -18.58
N2 NAG D . -35.97 30.53 -20.24
O3 NAG D . -36.04 30.84 -23.13
O4 NAG D . -34.17 29.41 -24.60
O5 NAG D . -32.70 29.15 -21.31
O6 NAG D . -31.06 29.99 -23.23
O7 NAG D . -35.41 32.33 -18.97
C1 NAG D . -33.74 30.14 -25.75
C2 NAG D . -33.57 29.09 -26.86
C3 NAG D . -33.20 29.76 -28.19
C4 NAG D . -34.24 30.83 -28.55
C5 NAG D . -34.45 31.79 -27.36
C6 NAG D . -35.59 32.77 -27.62
C7 NAG D . -32.81 26.85 -26.13
C8 NAG D . -31.59 26.05 -25.74
N2 NAG D . -32.56 28.12 -26.46
O3 NAG D . -33.12 28.80 -29.22
O4 NAG D . -33.81 31.53 -29.70
O5 NAG D . -34.70 31.10 -26.15
O6 NAG D . -36.84 32.28 -27.17
O7 NAG D . -33.92 26.34 -26.11
C1 BMA D . -34.72 31.31 -30.80
C2 BMA D . -35.27 32.64 -31.31
C3 BMA D . -36.11 32.54 -32.59
C4 BMA D . -35.72 31.39 -33.53
C5 BMA D . -35.10 30.20 -32.79
C6 BMA D . -34.50 29.13 -33.70
O2 BMA D . -34.17 33.49 -31.55
O3 BMA D . -35.80 33.74 -33.27
O4 BMA D . -36.85 30.96 -34.27
O5 BMA D . -34.11 30.65 -31.89
O6 BMA D . -33.46 29.68 -34.47
CU CU E . 4.69 -20.41 18.44
CU CU F . 23.14 -14.63 6.16
CU CU G . 20.99 -13.41 10.26
CU CU H . 23.04 -10.85 7.76
CU CU I . -5.08 -21.33 3.07
CU CU J . 13.13 -19.26 1.75
CU CU K . 12.49 -28.26 2.26
C1 NAG L . 35.25 -13.82 -8.91
C2 NAG L . 34.10 -13.75 -9.92
C3 NAG L . 34.22 -14.79 -11.05
C4 NAG L . 35.62 -15.42 -11.29
C5 NAG L . 36.71 -15.13 -10.23
C6 NAG L . 38.10 -15.15 -10.86
C7 NAG L . 31.66 -13.43 -9.66
C8 NAG L . 30.47 -14.35 -9.60
N2 NAG L . 32.82 -13.92 -9.22
O3 NAG L . 33.76 -14.21 -12.26
O4 NAG L . 35.47 -16.83 -11.38
O5 NAG L . 36.49 -13.88 -9.58
O6 NAG L . 39.09 -14.84 -9.88
O7 NAG L . 31.52 -12.29 -10.11
C1 NAG M . -21.61 -37.76 -8.07
C2 NAG M . -23.08 -37.49 -7.73
C3 NAG M . -23.85 -38.76 -7.29
C4 NAG M . -23.43 -40.04 -8.00
C5 NAG M . -21.91 -40.10 -8.20
C6 NAG M . -21.52 -41.32 -9.05
C7 NAG M . -24.23 -35.69 -6.51
C8 NAG M . -24.68 -35.50 -5.09
N2 NAG M . -23.17 -36.47 -6.69
O3 NAG M . -25.23 -38.55 -7.53
O4 NAG M . -23.87 -41.16 -7.24
O5 NAG M . -21.48 -38.92 -8.86
O6 NAG M . -20.13 -41.28 -9.32
O7 NAG M . -24.83 -35.13 -7.43
CHA HEM N . -3.16 25.76 -19.89
CHB HEM N . 0.90 26.78 -17.42
CHC HEM N . -1.41 30.40 -15.22
CHD HEM N . -5.45 29.42 -17.74
C1A HEM N . -1.75 25.75 -19.50
C2A HEM N . -0.77 24.94 -20.02
C3A HEM N . 0.39 25.23 -19.30
C4A HEM N . 0.01 26.20 -18.40
CMA HEM N . 1.77 24.66 -19.43
CAA HEM N . -0.95 23.94 -21.16
CBA HEM N . -0.23 24.52 -22.36
CGA HEM N . -0.40 23.58 -23.54
O1A HEM N . 0.40 22.62 -23.63
O2A HEM N . -1.31 23.82 -24.37
C1B HEM N . 0.49 27.70 -16.37
C2B HEM N . 1.49 28.21 -15.44
C3B HEM N . 0.79 29.17 -14.74
C4B HEM N . -0.57 29.21 -15.32
CMB HEM N . 2.87 27.61 -15.27
CAB HEM N . 1.26 30.10 -13.69
CBB HEM N . 1.83 29.62 -12.40
C1C HEM N . -2.76 30.55 -15.77
C2C HEM N . -3.67 31.67 -15.44
C3C HEM N . -4.79 31.40 -16.21
C4C HEM N . -4.52 30.14 -16.90
CMC HEM N . -3.36 32.82 -14.52
CAC HEM N . -6.10 32.10 -16.27
CBC HEM N . -6.49 33.26 -15.41
C1D HEM N . -5.28 28.01 -18.14
C2D HEM N . -6.32 27.38 -18.95
C3D HEM N . -5.65 26.42 -19.67
C4D HEM N . -4.25 26.51 -19.24
CMD HEM N . -7.79 27.75 -18.93
CAD HEM N . -6.20 25.33 -20.55
CBD HEM N . -6.33 24.21 -19.49
CGD HEM N . -6.96 22.87 -19.90
O1D HEM N . -6.24 21.82 -19.90
O2D HEM N . -8.17 22.84 -20.19
NA HEM N . -1.25 26.56 -18.57
NB HEM N . -0.72 28.26 -16.23
NC HEM N . -3.27 29.74 -16.68
ND HEM N . -4.09 27.42 -18.27
FE HEM N . -2.25 28.17 -17.65
C1 NAG O . -7.23 12.14 10.20
C2 NAG O . -5.75 12.24 9.81
C3 NAG O . -4.79 12.24 11.01
C4 NAG O . -5.28 13.18 12.13
C5 NAG O . -6.74 12.80 12.47
C6 NAG O . -7.33 13.67 13.56
C7 NAG O . -5.05 11.44 7.64
C8 NAG O . -4.70 10.25 6.80
N2 NAG O . -5.40 11.18 8.90
O3 NAG O . -3.52 12.65 10.54
O4 NAG O . -4.44 13.22 13.27
O5 NAG O . -7.53 12.98 11.31
O6 NAG O . -7.30 15.00 13.09
O7 NAG O . -5.00 12.59 7.17
C1 NAG P . 17.27 22.40 -2.12
C2 NAG P . 18.03 23.72 -2.29
C3 NAG P . 18.97 24.05 -1.12
C4 NAG P . 18.33 23.72 0.25
C5 NAG P . 17.78 22.28 0.19
C6 NAG P . 17.20 21.71 1.48
C7 NAG P . 18.66 24.73 -4.41
C8 NAG P . 19.45 24.57 -5.68
N2 NAG P . 18.74 23.70 -3.56
O3 NAG P . 19.27 25.42 -1.22
O4 NAG P . 19.22 23.93 1.34
O5 NAG P . 16.76 22.26 -0.80
O6 NAG P . 17.11 20.31 1.36
O7 NAG P . 18.00 25.76 -4.19
#